data_8V91
#
_entry.id   8V91
#
_cell.length_a   1.00
_cell.length_b   1.00
_cell.length_c   1.00
_cell.angle_alpha   90.00
_cell.angle_beta   90.00
_cell.angle_gamma   90.00
#
_symmetry.space_group_name_H-M   'P 1'
#
loop_
_entity.id
_entity.type
_entity.pdbx_description
1 polymer Aquaporin-4
2 polymer 'rAB 58 Light Chain'
3 polymer 'rAB 58 Heavy Chain'
4 water water
#
loop_
_entity_poly.entity_id
_entity_poly.type
_entity_poly.pdbx_seq_one_letter_code
_entity_poly.pdbx_strand_id
1 'polypeptide(L)'
;MSDRPTARRWGKCGPLCTRENIMVAFKGVWTQAFWKAVTAEFLAMLIFVLLSLGSTINWGGTEKPLPVDMVLISLCFGLS
IATMVQCFGHISGGHINPAVTVAMVCTRKISIAKSVFYIAAQCLGAIIGAGILYLVTPPSVVGGLGVTMVHGNLTAGHGL
LVELIITFQLVFTIFASCDSKRTDVTGSIALAIGFSVAIGHLFAINYTGASMNPARSFGPAVIMGNWENHWIYWVGPIIG
AVLAGGLYEYVFCPDVEFKRRFKEAFSKAAQQTKGSYMEVEDNRSQVETDDLILKPGVVHVIDVDRGEEKKGKDQSGEVL
SSV
;
A,B,C,D
2 'polypeptide(L)'
;DIQMTQSPSALSASVGDTVTITCRASQSIRSWLAWYQQKPGKAPKLLIYKASDLQSGVPSRFSGSGSGTDFTLTISGLQP
DDFATYYCQHYNSYPYTFGQGTKVEIRRTVAAPSVFIFPPSDEQLKSGTASVVCLLNNFYPREAKVQWKVDNALQSGNSQ
ESVTEQDSKDSTYSLSSTLTLSKADYEKHKVYACEVTHQGLSSPVTKSFNRGEC
;
I
3 'polypeptide(L)'
;QVQLVESGGGLVQPGGSLRLSCAASGFTFRGYAMNWVRQAPGKGLEWVASISGSGSITQYADSAKGRFTITRDNSKSTLY
AHVSSLRADDTAVYYCAKGDYVFDYWGQGTLVTVSSASTKGPSVFPLAPSSKSTSGGTAALGCLVKDYFPEPVTVSWNSG
ALTSGVHTFPAVLQSSGLYSLSSVVTVPSSSLGTQTYICNVNHKPSNTKVDKKVEPKSCDKTH
;
J
#
# COMPACT_ATOMS: atom_id res chain seq x y z
N GLN A 32 37.40 -13.58 -35.84
CA GLN A 32 36.33 -13.96 -36.74
C GLN A 32 34.98 -13.47 -36.22
N ALA A 33 34.21 -12.80 -37.08
CA ALA A 33 32.91 -12.31 -36.67
C ALA A 33 31.91 -13.43 -36.41
N PHE A 34 32.12 -14.61 -37.00
CA PHE A 34 31.22 -15.73 -36.77
C PHE A 34 31.26 -16.18 -35.31
N TRP A 35 32.47 -16.31 -34.75
CA TRP A 35 32.59 -16.72 -33.36
C TRP A 35 32.13 -15.63 -32.40
N LYS A 36 32.17 -14.36 -32.82
CA LYS A 36 31.65 -13.28 -31.99
C LYS A 36 30.14 -13.25 -31.97
N ALA A 37 29.50 -13.69 -33.06
CA ALA A 37 28.03 -13.71 -33.10
C ALA A 37 27.48 -14.84 -32.25
N VAL A 38 28.11 -16.02 -32.31
CA VAL A 38 27.64 -17.16 -31.51
C VAL A 38 27.85 -16.90 -30.03
N THR A 39 28.98 -16.28 -29.67
CA THR A 39 29.22 -15.93 -28.27
C THR A 39 28.19 -14.93 -27.77
N ALA A 40 27.82 -13.96 -28.61
CA ALA A 40 26.79 -13.01 -28.22
C ALA A 40 25.45 -13.69 -28.00
N GLU A 41 25.10 -14.64 -28.87
CA GLU A 41 23.82 -15.36 -28.70
C GLU A 41 23.82 -16.18 -27.42
N PHE A 42 24.93 -16.83 -27.09
CA PHE A 42 25.02 -17.57 -25.84
C PHE A 42 24.88 -16.63 -24.64
N LEU A 43 25.55 -15.49 -24.67
CA LEU A 43 25.53 -14.58 -23.54
C LEU A 43 24.24 -13.78 -23.46
N ALA A 44 23.63 -13.44 -24.60
CA ALA A 44 22.41 -12.64 -24.58
C ALA A 44 21.27 -13.37 -23.89
N MET A 45 21.09 -14.66 -24.20
CA MET A 45 20.00 -15.40 -23.59
C MET A 45 20.31 -15.82 -22.16
N LEU A 46 21.60 -15.98 -21.83
CA LEU A 46 21.99 -16.31 -20.46
C LEU A 46 21.53 -15.23 -19.49
N ILE A 47 21.69 -13.96 -19.88
CA ILE A 47 21.17 -12.87 -19.07
C ILE A 47 19.65 -12.86 -19.10
N PHE A 48 19.06 -13.14 -20.28
CA PHE A 48 17.60 -13.12 -20.40
C PHE A 48 16.96 -14.20 -19.53
N VAL A 49 17.50 -15.41 -19.56
CA VAL A 49 16.93 -16.49 -18.76
C VAL A 49 17.12 -16.22 -17.28
N LEU A 50 18.32 -15.80 -16.88
CA LEU A 50 18.59 -15.58 -15.46
C LEU A 50 17.71 -14.47 -14.89
N LEU A 51 17.58 -13.36 -15.61
CA LEU A 51 16.81 -12.24 -15.08
C LEU A 51 15.31 -12.51 -15.13
N SER A 52 14.83 -13.13 -16.21
CA SER A 52 13.40 -13.34 -16.36
C SER A 52 12.88 -14.45 -15.45
N LEU A 53 13.63 -15.56 -15.36
CA LEU A 53 13.21 -16.65 -14.47
C LEU A 53 13.33 -16.24 -13.02
N GLY A 54 14.27 -15.35 -12.69
CA GLY A 54 14.37 -14.87 -11.33
C GLY A 54 13.16 -14.07 -10.89
N SER A 55 12.54 -13.34 -11.82
CA SER A 55 11.38 -12.53 -11.48
C SER A 55 10.17 -13.39 -11.14
N THR A 56 10.05 -14.57 -11.73
CA THR A 56 8.90 -15.43 -11.50
C THR A 56 9.01 -16.23 -10.20
N ILE A 57 10.13 -16.12 -9.48
CA ILE A 57 10.30 -16.85 -8.23
C ILE A 57 9.31 -16.32 -7.19
N ASN A 58 8.57 -17.24 -6.57
CA ASN A 58 7.59 -16.90 -5.55
C ASN A 58 8.29 -16.87 -4.20
N TRP A 59 8.47 -15.67 -3.66
CA TRP A 59 9.23 -15.50 -2.42
C TRP A 59 8.41 -15.78 -1.17
N GLY A 60 7.11 -16.05 -1.31
CA GLY A 60 6.31 -16.46 -0.17
C GLY A 60 6.55 -17.88 0.28
N GLY A 61 7.25 -18.68 -0.52
CA GLY A 61 7.50 -20.06 -0.17
C GLY A 61 6.31 -20.95 -0.45
N THR A 62 6.44 -22.19 -0.01
CA THR A 62 5.38 -23.19 -0.16
C THR A 62 4.38 -23.15 1.00
N GLU A 63 4.62 -22.34 2.02
CA GLU A 63 3.76 -22.28 3.19
C GLU A 63 2.83 -21.08 3.20
N LYS A 64 3.30 -19.90 2.79
CA LYS A 64 2.43 -18.74 2.54
C LYS A 64 2.71 -18.25 1.13
N PRO A 65 2.19 -18.93 0.11
CA PRO A 65 2.42 -18.46 -1.27
C PRO A 65 1.77 -17.11 -1.51
N LEU A 66 2.60 -16.14 -1.88
CA LEU A 66 2.09 -14.82 -2.20
C LEU A 66 1.32 -14.85 -3.52
N PRO A 67 0.36 -13.94 -3.70
CA PRO A 67 -0.31 -13.86 -5.00
C PRO A 67 0.68 -13.56 -6.12
N VAL A 68 0.46 -14.20 -7.26
CA VAL A 68 1.40 -14.10 -8.37
C VAL A 68 1.18 -12.76 -9.07
N ASP A 69 2.18 -11.89 -9.01
CA ASP A 69 2.13 -10.62 -9.72
C ASP A 69 2.38 -10.89 -11.20
N MET A 70 1.41 -10.55 -12.05
CA MET A 70 1.46 -10.94 -13.44
C MET A 70 2.02 -9.85 -14.34
N VAL A 71 1.85 -8.58 -13.97
CA VAL A 71 2.56 -7.51 -14.64
C VAL A 71 4.05 -7.63 -14.39
N LEU A 72 4.43 -8.10 -13.20
CA LEU A 72 5.84 -8.34 -12.89
C LEU A 72 6.46 -9.31 -13.89
N ILE A 73 5.80 -10.44 -14.12
CA ILE A 73 6.36 -11.46 -14.99
C ILE A 73 6.34 -11.00 -16.44
N SER A 74 5.24 -10.37 -16.87
CA SER A 74 5.13 -9.93 -18.26
C SER A 74 6.16 -8.84 -18.58
N LEU A 75 6.34 -7.88 -17.67
CA LEU A 75 7.25 -6.78 -17.94
C LEU A 75 8.70 -7.24 -17.91
N CYS A 76 9.08 -8.05 -16.92
CA CYS A 76 10.46 -8.53 -16.86
C CYS A 76 10.81 -9.38 -18.07
N PHE A 77 9.90 -10.26 -18.48
CA PHE A 77 10.14 -11.05 -19.69
C PHE A 77 10.14 -10.16 -20.93
N GLY A 78 9.16 -9.25 -21.03
CA GLY A 78 9.07 -8.40 -22.21
C GLY A 78 10.22 -7.44 -22.35
N LEU A 79 10.60 -6.78 -21.26
CA LEU A 79 11.65 -5.76 -21.33
C LEU A 79 13.04 -6.36 -21.43
N SER A 80 13.23 -7.58 -20.92
CA SER A 80 14.54 -8.22 -21.04
C SER A 80 14.89 -8.47 -22.51
N ILE A 81 13.92 -8.91 -23.30
CA ILE A 81 14.15 -9.10 -24.72
C ILE A 81 14.46 -7.77 -25.40
N ALA A 82 13.71 -6.72 -25.04
CA ALA A 82 13.99 -5.39 -25.57
C ALA A 82 15.38 -4.92 -25.19
N THR A 83 15.80 -5.19 -23.95
CA THR A 83 17.16 -4.87 -23.54
C THR A 83 18.18 -5.72 -24.29
N MET A 84 17.89 -7.01 -24.46
CA MET A 84 18.86 -7.89 -25.12
C MET A 84 19.04 -7.53 -26.58
N VAL A 85 17.96 -7.13 -27.27
CA VAL A 85 18.09 -6.70 -28.65
C VAL A 85 18.88 -5.40 -28.75
N GLN A 86 18.71 -4.50 -27.77
CA GLN A 86 19.44 -3.24 -27.78
C GLN A 86 20.94 -3.48 -27.67
N CYS A 87 21.37 -4.36 -26.77
CA CYS A 87 22.79 -4.58 -26.56
C CYS A 87 23.40 -5.41 -27.67
N PHE A 88 22.74 -6.50 -28.08
CA PHE A 88 23.34 -7.49 -28.97
C PHE A 88 22.71 -7.52 -30.36
N GLY A 89 21.89 -6.52 -30.70
CA GLY A 89 21.24 -6.54 -32.00
C GLY A 89 22.21 -6.39 -33.16
N HIS A 90 23.24 -5.56 -32.98
CA HIS A 90 24.19 -5.27 -34.03
C HIS A 90 25.37 -6.24 -34.05
N ILE A 91 25.38 -7.24 -33.18
CA ILE A 91 26.47 -8.20 -33.11
C ILE A 91 26.07 -9.55 -33.71
N SER A 92 24.89 -10.06 -33.34
CA SER A 92 24.45 -11.35 -33.83
C SER A 92 23.04 -11.34 -34.41
N GLY A 93 22.34 -10.20 -34.38
CA GLY A 93 20.98 -10.12 -34.84
C GLY A 93 19.94 -10.12 -33.73
N GLY A 94 20.32 -10.50 -32.51
CA GLY A 94 19.41 -10.47 -31.38
C GLY A 94 18.23 -11.42 -31.49
N HIS A 95 18.50 -12.67 -31.88
CA HIS A 95 17.42 -13.66 -31.97
C HIS A 95 16.93 -14.06 -30.58
N ILE A 96 17.83 -14.61 -29.75
CA ILE A 96 17.56 -14.98 -28.37
C ILE A 96 16.40 -15.98 -28.33
N ASN A 97 16.20 -16.70 -29.42
CA ASN A 97 15.09 -17.64 -29.47
C ASN A 97 15.34 -18.61 -30.63
N PRO A 98 15.31 -19.93 -30.38
CA PRO A 98 15.42 -20.89 -31.48
C PRO A 98 14.29 -20.80 -32.48
N ALA A 99 13.09 -20.40 -32.05
CA ALA A 99 11.94 -20.36 -32.95
C ALA A 99 12.15 -19.35 -34.07
N VAL A 100 12.62 -18.14 -33.73
CA VAL A 100 12.86 -17.13 -34.76
C VAL A 100 14.05 -17.52 -35.62
N THR A 101 15.06 -18.17 -35.03
CA THR A 101 16.22 -18.60 -35.80
C THR A 101 15.81 -19.57 -36.91
N VAL A 102 14.86 -20.46 -36.63
CA VAL A 102 14.35 -21.36 -37.66
C VAL A 102 13.63 -20.56 -38.74
N ALA A 103 12.92 -19.50 -38.34
CA ALA A 103 12.15 -18.72 -39.30
C ALA A 103 13.05 -18.05 -40.33
N MET A 104 14.20 -17.54 -39.90
CA MET A 104 15.13 -16.92 -40.85
C MET A 104 15.65 -17.94 -41.85
N VAL A 105 15.90 -19.17 -41.40
CA VAL A 105 16.36 -20.22 -42.31
C VAL A 105 15.29 -20.50 -43.36
N CYS A 106 14.02 -20.57 -42.94
CA CYS A 106 12.94 -20.81 -43.90
C CYS A 106 12.85 -19.68 -44.92
N THR A 107 13.09 -18.45 -44.48
CA THR A 107 13.05 -17.29 -45.36
C THR A 107 14.42 -16.98 -45.98
N ARG A 108 15.41 -17.84 -45.73
CA ARG A 108 16.75 -17.70 -46.32
C ARG A 108 17.41 -16.39 -45.90
N LYS A 109 17.36 -16.11 -44.60
CA LYS A 109 18.05 -14.95 -44.04
C LYS A 109 19.35 -15.31 -43.34
N ILE A 110 19.52 -16.57 -42.92
CA ILE A 110 20.78 -17.05 -42.38
C ILE A 110 21.07 -18.41 -43.00
N SER A 111 22.34 -18.80 -42.93
CA SER A 111 22.76 -20.08 -43.50
C SER A 111 22.39 -21.23 -42.58
N ILE A 112 22.40 -22.43 -43.15
CA ILE A 112 22.11 -23.64 -42.37
C ILE A 112 23.16 -23.83 -41.29
N ALA A 113 24.44 -23.63 -41.63
CA ALA A 113 25.51 -23.82 -40.67
C ALA A 113 25.41 -22.81 -39.52
N LYS A 114 25.00 -21.59 -39.82
CA LYS A 114 24.88 -20.58 -38.78
C LYS A 114 23.76 -20.92 -37.80
N SER A 115 22.67 -21.53 -38.28
CA SER A 115 21.53 -21.81 -37.42
C SER A 115 21.86 -22.86 -36.37
N VAL A 116 22.56 -23.93 -36.77
CA VAL A 116 22.84 -25.01 -35.83
C VAL A 116 23.78 -24.54 -34.72
N PHE A 117 24.66 -23.58 -35.01
CA PHE A 117 25.49 -22.99 -33.97
C PHE A 117 24.71 -22.00 -33.11
N TYR A 118 23.74 -21.29 -33.71
CA TYR A 118 22.89 -20.41 -32.93
C TYR A 118 22.00 -21.19 -31.98
N ILE A 119 21.33 -22.23 -32.48
CA ILE A 119 20.39 -22.99 -31.66
C ILE A 119 21.12 -23.65 -30.50
N ALA A 120 22.29 -24.24 -30.77
CA ALA A 120 23.08 -24.83 -29.68
C ALA A 120 23.52 -23.78 -28.68
N ALA A 121 23.89 -22.59 -29.16
CA ALA A 121 24.31 -21.53 -28.25
C ALA A 121 23.17 -21.06 -27.36
N GLN A 122 21.97 -20.89 -27.93
CA GLN A 122 20.84 -20.42 -27.13
C GLN A 122 20.42 -21.47 -26.11
N CYS A 123 20.45 -22.75 -26.49
CA CYS A 123 20.09 -23.81 -25.55
C CYS A 123 21.08 -23.86 -24.38
N LEU A 124 22.38 -23.74 -24.68
CA LEU A 124 23.38 -23.76 -23.62
C LEU A 124 23.28 -22.53 -22.73
N GLY A 125 22.96 -21.38 -23.31
CA GLY A 125 22.83 -20.17 -22.51
C GLY A 125 21.72 -20.26 -21.48
N ALA A 126 20.60 -20.88 -21.85
CA ALA A 126 19.51 -21.07 -20.91
C ALA A 126 19.89 -22.04 -19.81
N ILE A 127 20.60 -23.12 -20.14
CA ILE A 127 20.97 -24.11 -19.15
C ILE A 127 21.90 -23.50 -18.11
N ILE A 128 22.90 -22.74 -18.57
CA ILE A 128 23.78 -22.04 -17.65
C ILE A 128 23.03 -20.91 -16.95
N GLY A 129 22.17 -20.21 -17.68
CA GLY A 129 21.40 -19.13 -17.08
C GLY A 129 20.47 -19.60 -15.98
N ALA A 130 19.82 -20.74 -16.18
CA ALA A 130 18.97 -21.31 -15.14
C ALA A 130 19.79 -21.93 -14.03
N GLY A 131 20.94 -22.54 -14.37
CA GLY A 131 21.78 -23.13 -13.34
C GLY A 131 22.32 -22.11 -12.37
N ILE A 132 22.68 -20.92 -12.86
CA ILE A 132 23.13 -19.85 -11.98
C ILE A 132 22.00 -19.45 -11.02
N LEU A 133 20.78 -19.33 -11.55
CA LEU A 133 19.65 -18.94 -10.71
C LEU A 133 19.40 -19.98 -9.62
N TYR A 134 19.51 -21.27 -9.96
CA TYR A 134 19.32 -22.31 -8.95
C TYR A 134 20.35 -22.22 -7.84
N LEU A 135 21.55 -21.74 -8.16
CA LEU A 135 22.60 -21.61 -7.15
C LEU A 135 22.37 -20.42 -6.22
N VAL A 136 21.76 -19.34 -6.73
CA VAL A 136 21.59 -18.12 -5.94
C VAL A 136 20.21 -17.99 -5.32
N THR A 137 19.28 -18.88 -5.67
CA THR A 137 17.95 -18.81 -5.08
C THR A 137 17.91 -19.66 -3.81
N PRO A 138 17.45 -19.12 -2.69
CA PRO A 138 17.34 -19.91 -1.45
C PRO A 138 16.43 -21.12 -1.66
N PRO A 139 16.79 -22.26 -1.09
CA PRO A 139 16.00 -23.49 -1.35
C PRO A 139 14.56 -23.39 -0.91
N SER A 140 14.24 -22.53 0.06
CA SER A 140 12.88 -22.43 0.55
C SER A 140 11.94 -21.78 -0.45
N VAL A 141 12.47 -21.05 -1.44
CA VAL A 141 11.63 -20.31 -2.38
C VAL A 141 11.95 -20.69 -3.82
N VAL A 142 12.69 -21.78 -4.01
CA VAL A 142 13.07 -22.20 -5.36
C VAL A 142 11.82 -22.53 -6.18
N GLY A 143 10.93 -23.34 -5.60
CA GLY A 143 9.72 -23.71 -6.32
C GLY A 143 10.03 -24.52 -7.56
N GLY A 144 9.32 -24.23 -8.65
CA GLY A 144 9.49 -24.90 -9.91
C GLY A 144 10.54 -24.30 -10.82
N LEU A 145 11.20 -23.22 -10.41
CA LEU A 145 12.24 -22.56 -11.19
C LEU A 145 11.72 -22.07 -12.54
N GLY A 146 10.46 -21.62 -12.58
CA GLY A 146 9.91 -21.06 -13.79
C GLY A 146 9.67 -22.03 -14.91
N VAL A 147 9.55 -23.32 -14.63
CA VAL A 147 9.33 -24.32 -15.66
C VAL A 147 7.86 -24.26 -16.07
N THR A 148 7.61 -24.25 -17.38
CA THR A 148 6.30 -23.94 -17.93
C THR A 148 5.45 -25.21 -18.02
N MET A 149 4.51 -25.36 -17.08
CA MET A 149 3.48 -26.38 -17.14
C MET A 149 2.21 -25.87 -17.81
N VAL A 150 1.55 -26.75 -18.56
CA VAL A 150 0.21 -26.48 -19.04
C VAL A 150 -0.75 -26.50 -17.85
N HIS A 151 -1.83 -25.73 -17.95
CA HIS A 151 -2.81 -25.68 -16.88
C HIS A 151 -3.41 -27.06 -16.67
N GLY A 152 -3.73 -27.36 -15.39
CA GLY A 152 -4.22 -28.69 -15.06
C GLY A 152 -5.54 -29.02 -15.74
N ASN A 153 -6.41 -28.02 -15.90
CA ASN A 153 -7.68 -28.20 -16.57
C ASN A 153 -7.60 -28.05 -18.08
N LEU A 154 -6.41 -27.76 -18.61
CA LEU A 154 -6.23 -27.45 -20.03
C LEU A 154 -5.54 -28.62 -20.71
N THR A 155 -6.12 -29.10 -21.80
CA THR A 155 -5.58 -30.25 -22.51
C THR A 155 -4.29 -29.87 -23.25
N ALA A 156 -3.34 -30.80 -23.30
CA ALA A 156 -2.09 -30.55 -23.99
C ALA A 156 -2.30 -30.22 -25.46
N GLY A 157 -3.36 -30.77 -26.08
CA GLY A 157 -3.68 -30.38 -27.44
C GLY A 157 -4.03 -28.92 -27.56
N HIS A 158 -4.79 -28.40 -26.58
CA HIS A 158 -5.09 -26.96 -26.56
C HIS A 158 -3.85 -26.15 -26.19
N GLY A 159 -2.89 -26.77 -25.49
CA GLY A 159 -1.68 -26.06 -25.14
C GLY A 159 -0.83 -25.73 -26.35
N LEU A 160 -0.78 -26.63 -27.32
CA LEU A 160 -0.02 -26.36 -28.55
C LEU A 160 -0.62 -25.18 -29.30
N LEU A 161 -1.95 -25.09 -29.36
CA LEU A 161 -2.60 -24.01 -30.10
C LEU A 161 -2.28 -22.66 -29.48
N VAL A 162 -2.30 -22.57 -28.15
CA VAL A 162 -2.00 -21.31 -27.48
C VAL A 162 -0.55 -20.91 -27.75
N GLU A 163 0.38 -21.85 -27.64
CA GLU A 163 1.78 -21.57 -27.91
C GLU A 163 1.99 -21.19 -29.37
N LEU A 164 1.24 -21.82 -30.27
CA LEU A 164 1.38 -21.52 -31.70
C LEU A 164 1.01 -20.08 -32.01
N ILE A 165 -0.05 -19.57 -31.39
CA ILE A 165 -0.57 -18.25 -31.76
C ILE A 165 0.32 -17.15 -31.22
N ILE A 166 0.72 -17.24 -29.95
CA ILE A 166 1.48 -16.16 -29.34
C ILE A 166 2.87 -16.04 -29.97
N THR A 167 3.43 -17.15 -30.46
CA THR A 167 4.69 -17.06 -31.18
C THR A 167 4.50 -16.49 -32.58
N PHE A 168 3.33 -16.74 -33.19
CA PHE A 168 3.05 -16.20 -34.52
C PHE A 168 3.06 -14.67 -34.49
N GLN A 169 2.45 -14.07 -33.48
CA GLN A 169 2.45 -12.62 -33.37
C GLN A 169 3.85 -12.08 -33.06
N LEU A 170 4.64 -12.85 -32.31
CA LEU A 170 5.99 -12.40 -31.98
C LEU A 170 6.90 -12.40 -33.20
N VAL A 171 6.88 -13.49 -33.98
CA VAL A 171 7.73 -13.57 -35.16
C VAL A 171 7.29 -12.58 -36.22
N PHE A 172 5.97 -12.36 -36.33
CA PHE A 172 5.47 -11.37 -37.29
C PHE A 172 5.95 -9.97 -36.95
N THR A 173 5.97 -9.64 -35.65
CA THR A 173 6.48 -8.33 -35.24
C THR A 173 7.95 -8.17 -35.59
N ILE A 174 8.76 -9.21 -35.32
CA ILE A 174 10.19 -9.14 -35.61
C ILE A 174 10.42 -8.96 -37.11
N PHE A 175 9.70 -9.72 -37.93
CA PHE A 175 9.84 -9.59 -39.37
C PHE A 175 9.39 -8.23 -39.86
N ALA A 176 8.27 -7.73 -39.32
CA ALA A 176 7.76 -6.43 -39.75
C ALA A 176 8.64 -5.29 -39.26
N SER A 177 9.15 -5.39 -38.03
CA SER A 177 9.96 -4.31 -37.47
C SER A 177 11.33 -4.23 -38.13
N CYS A 178 11.83 -5.35 -38.66
CA CYS A 178 13.17 -5.43 -39.24
C CYS A 178 13.12 -5.57 -40.76
N ASP A 179 12.20 -4.85 -41.40
CA ASP A 179 12.05 -4.88 -42.85
C ASP A 179 12.77 -3.66 -43.45
N SER A 180 13.71 -3.93 -44.36
CA SER A 180 14.43 -2.84 -45.00
C SER A 180 13.55 -2.06 -45.97
N LYS A 181 12.61 -2.74 -46.63
CA LYS A 181 11.76 -2.06 -47.60
C LYS A 181 10.80 -1.07 -46.97
N ARG A 182 10.51 -1.21 -45.68
CA ARG A 182 9.59 -0.30 -45.02
C ARG A 182 10.22 1.09 -44.85
N THR A 183 9.39 2.12 -44.97
CA THR A 183 9.81 3.49 -44.74
C THR A 183 9.03 4.18 -43.64
N ASP A 184 8.00 3.55 -43.09
CA ASP A 184 7.16 4.14 -42.07
C ASP A 184 7.45 3.63 -40.67
N VAL A 185 8.57 2.92 -40.49
CA VAL A 185 8.93 2.38 -39.19
C VAL A 185 9.49 3.52 -38.33
N THR A 186 8.90 3.73 -37.17
CA THR A 186 9.30 4.79 -36.26
C THR A 186 9.52 4.20 -34.86
N GLY A 187 10.33 4.89 -34.07
CA GLY A 187 10.58 4.48 -32.70
C GLY A 187 11.62 3.37 -32.60
N SER A 188 11.71 2.82 -31.40
CA SER A 188 12.71 1.80 -31.10
C SER A 188 12.24 0.45 -31.61
N ILE A 189 13.07 -0.19 -32.43
CA ILE A 189 12.75 -1.53 -32.93
C ILE A 189 12.78 -2.54 -31.79
N ALA A 190 13.77 -2.43 -30.90
CA ALA A 190 13.88 -3.36 -29.78
C ALA A 190 12.67 -3.25 -28.86
N LEU A 191 12.19 -2.03 -28.61
CA LEU A 191 11.03 -1.85 -27.74
C LEU A 191 9.77 -2.44 -28.37
N ALA A 192 9.63 -2.32 -29.69
CA ALA A 192 8.48 -2.94 -30.36
C ALA A 192 8.51 -4.45 -30.23
N ILE A 193 9.71 -5.05 -30.34
CA ILE A 193 9.83 -6.49 -30.13
C ILE A 193 9.60 -6.83 -28.67
N GLY A 194 10.05 -5.97 -27.75
CA GLY A 194 9.91 -6.25 -26.34
C GLY A 194 8.46 -6.28 -25.89
N PHE A 195 7.65 -5.33 -26.37
CA PHE A 195 6.24 -5.29 -25.99
C PHE A 195 5.43 -6.41 -26.64
N SER A 196 5.90 -6.96 -27.76
CA SER A 196 5.23 -8.12 -28.34
C SER A 196 5.35 -9.32 -27.41
N VAL A 197 6.49 -9.49 -26.76
CA VAL A 197 6.65 -10.58 -25.80
C VAL A 197 5.77 -10.33 -24.58
N ALA A 198 5.65 -9.07 -24.15
CA ALA A 198 4.89 -8.75 -22.95
C ALA A 198 3.42 -9.12 -23.09
N ILE A 199 2.82 -8.81 -24.25
CA ILE A 199 1.41 -9.15 -24.45
C ILE A 199 1.22 -10.64 -24.61
N GLY A 200 2.24 -11.36 -25.06
CA GLY A 200 2.16 -12.82 -25.06
C GLY A 200 2.10 -13.39 -23.66
N HIS A 201 2.81 -12.76 -22.72
CA HIS A 201 2.76 -13.20 -21.34
C HIS A 201 1.47 -12.77 -20.65
N LEU A 202 0.98 -11.56 -20.96
CA LEU A 202 -0.25 -11.08 -20.35
C LEU A 202 -1.45 -11.95 -20.72
N PHE A 203 -1.31 -12.78 -21.75
CA PHE A 203 -2.36 -13.70 -22.18
C PHE A 203 -2.16 -15.12 -21.67
N ALA A 204 -0.99 -15.70 -21.90
CA ALA A 204 -0.81 -17.15 -21.82
C ALA A 204 0.07 -17.59 -20.66
N ILE A 205 0.16 -16.80 -19.58
CA ILE A 205 0.88 -17.28 -18.40
C ILE A 205 0.12 -18.42 -17.73
N ASN A 206 -1.19 -18.28 -17.58
CA ASN A 206 -1.98 -19.31 -16.92
C ASN A 206 -2.39 -20.45 -17.85
N TYR A 207 -2.19 -20.29 -19.15
CA TYR A 207 -2.57 -21.33 -20.11
C TYR A 207 -1.45 -22.35 -20.29
N THR A 208 -0.29 -21.89 -20.76
CA THR A 208 0.84 -22.77 -21.00
C THR A 208 2.13 -22.25 -20.38
N GLY A 209 2.07 -21.16 -19.62
CA GLY A 209 3.25 -20.51 -19.10
C GLY A 209 3.83 -19.44 -20.00
N ALA A 210 3.32 -19.29 -21.23
CA ALA A 210 3.76 -18.27 -22.17
C ALA A 210 5.25 -18.40 -22.45
N SER A 211 5.63 -19.53 -23.05
CA SER A 211 7.04 -19.79 -23.32
C SER A 211 7.52 -19.00 -24.53
N MET A 212 6.93 -19.24 -25.70
CA MET A 212 7.27 -18.62 -26.98
C MET A 212 8.77 -18.60 -27.23
N ASN A 213 9.50 -19.50 -26.59
CA ASN A 213 10.95 -19.59 -26.68
C ASN A 213 11.33 -21.01 -26.29
N PRO A 214 11.58 -21.89 -27.26
CA PRO A 214 11.84 -23.30 -26.91
C PRO A 214 13.02 -23.49 -25.98
N ALA A 215 14.08 -22.70 -26.12
CA ALA A 215 15.23 -22.86 -25.24
C ALA A 215 14.96 -22.27 -23.86
N ARG A 216 14.07 -21.28 -23.76
CA ARG A 216 13.67 -20.78 -22.45
C ARG A 216 12.99 -21.85 -21.63
N SER A 217 12.32 -22.80 -22.29
CA SER A 217 11.72 -23.93 -21.60
C SER A 217 12.71 -25.07 -21.41
N PHE A 218 13.69 -25.21 -22.30
CA PHE A 218 14.67 -26.28 -22.20
C PHE A 218 15.64 -26.08 -21.04
N GLY A 219 15.96 -24.83 -20.72
CA GLY A 219 16.94 -24.53 -19.70
C GLY A 219 16.56 -25.03 -18.32
N PRO A 220 15.52 -24.44 -17.73
CA PRO A 220 15.08 -24.89 -16.39
C PRO A 220 14.60 -26.33 -16.36
N ALA A 221 14.07 -26.85 -17.47
CA ALA A 221 13.60 -28.23 -17.49
C ALA A 221 14.76 -29.21 -17.29
N VAL A 222 15.90 -28.93 -17.92
CA VAL A 222 17.08 -29.80 -17.76
C VAL A 222 17.55 -29.78 -16.31
N ILE A 223 17.56 -28.60 -15.70
CA ILE A 223 18.10 -28.45 -14.35
C ILE A 223 17.29 -29.26 -13.35
N MET A 224 15.97 -29.16 -13.42
CA MET A 224 15.09 -29.83 -12.46
C MET A 224 14.49 -31.11 -13.00
N GLY A 225 14.80 -31.51 -14.23
CA GLY A 225 14.36 -32.78 -14.76
C GLY A 225 12.87 -32.91 -14.96
N ASN A 226 12.14 -31.79 -14.98
CA ASN A 226 10.70 -31.82 -15.20
C ASN A 226 10.47 -31.79 -16.71
N TRP A 227 9.86 -32.83 -17.25
CA TRP A 227 9.77 -33.05 -18.69
C TRP A 227 8.34 -33.33 -19.12
N GLU A 228 7.38 -32.62 -18.54
CA GLU A 228 5.96 -32.85 -18.81
C GLU A 228 5.48 -31.93 -19.91
N ASN A 229 4.93 -32.51 -20.99
CA ASN A 229 4.41 -31.75 -22.12
C ASN A 229 5.46 -30.82 -22.70
N HIS A 230 6.72 -31.28 -22.70
CA HIS A 230 7.80 -30.45 -23.22
C HIS A 230 7.80 -30.40 -24.74
N TRP A 231 7.19 -31.36 -25.41
CA TRP A 231 7.20 -31.37 -26.87
C TRP A 231 6.33 -30.26 -27.45
N ILE A 232 5.31 -29.81 -26.73
CA ILE A 232 4.47 -28.74 -27.23
C ILE A 232 5.20 -27.40 -27.22
N TYR A 233 6.29 -27.30 -26.47
CA TYR A 233 7.07 -26.07 -26.40
C TYR A 233 8.17 -26.00 -27.45
N TRP A 234 8.39 -27.09 -28.19
CA TRP A 234 9.24 -27.07 -29.38
C TRP A 234 8.41 -27.11 -30.66
N VAL A 235 7.46 -28.03 -30.75
CA VAL A 235 6.61 -28.13 -31.93
C VAL A 235 5.73 -26.89 -32.06
N GLY A 236 5.25 -26.36 -30.94
CA GLY A 236 4.36 -25.23 -30.94
C GLY A 236 4.97 -23.98 -31.51
N PRO A 237 5.95 -23.40 -30.79
CA PRO A 237 6.55 -22.14 -31.26
C PRO A 237 7.20 -22.23 -32.63
N ILE A 238 7.77 -23.38 -33.00
CA ILE A 238 8.43 -23.50 -34.30
C ILE A 238 7.41 -23.43 -35.43
N ILE A 239 6.27 -24.11 -35.26
CA ILE A 239 5.23 -24.06 -36.30
C ILE A 239 4.69 -22.64 -36.44
N GLY A 240 4.46 -21.96 -35.32
CA GLY A 240 4.00 -20.58 -35.39
C GLY A 240 5.03 -19.65 -36.01
N ALA A 241 6.32 -19.90 -35.74
CA ALA A 241 7.37 -19.08 -36.32
C ALA A 241 7.45 -19.27 -37.83
N VAL A 242 7.35 -20.51 -38.31
CA VAL A 242 7.40 -20.78 -39.74
C VAL A 242 6.18 -20.17 -40.43
N LEU A 243 5.01 -20.28 -39.81
CA LEU A 243 3.81 -19.68 -40.38
C LEU A 243 3.93 -18.16 -40.47
N ALA A 244 4.46 -17.53 -39.43
CA ALA A 244 4.58 -16.07 -39.42
C ALA A 244 5.61 -15.60 -40.43
N GLY A 245 6.78 -16.25 -40.47
CA GLY A 245 7.79 -15.85 -41.43
C GLY A 245 7.38 -16.11 -42.87
N GLY A 246 6.77 -17.28 -43.12
CA GLY A 246 6.37 -17.61 -44.48
C GLY A 246 5.27 -16.71 -45.00
N LEU A 247 4.29 -16.39 -44.16
CA LEU A 247 3.19 -15.53 -44.60
C LEU A 247 3.68 -14.14 -44.96
N TYR A 248 4.54 -13.56 -44.13
CA TYR A 248 4.93 -12.18 -44.35
C TYR A 248 5.86 -12.05 -45.56
N GLU A 249 6.84 -12.93 -45.67
CA GLU A 249 7.83 -12.83 -46.73
C GLU A 249 7.32 -13.27 -48.09
N TYR A 250 6.27 -14.08 -48.14
CA TYR A 250 5.81 -14.66 -49.39
C TYR A 250 4.38 -14.29 -49.77
N VAL A 251 3.62 -13.64 -48.89
CA VAL A 251 2.24 -13.28 -49.21
C VAL A 251 2.04 -11.78 -49.03
N PHE A 252 2.37 -11.26 -47.84
CA PHE A 252 2.06 -9.87 -47.52
C PHE A 252 3.06 -8.91 -48.16
N CYS A 253 4.35 -9.14 -47.94
CA CYS A 253 5.41 -8.27 -48.45
C CYS A 253 6.45 -9.12 -49.18
N PRO A 254 6.13 -9.59 -50.39
CA PRO A 254 7.07 -10.43 -51.14
C PRO A 254 8.16 -9.61 -51.84
N GLN B 32 32.78 27.69 -16.51
CA GLN B 32 33.52 26.50 -16.93
C GLN B 32 32.59 25.30 -17.05
N ALA B 33 32.71 24.56 -18.15
CA ALA B 33 31.88 23.38 -18.35
C ALA B 33 32.21 22.27 -17.37
N PHE B 34 33.43 22.25 -16.81
CA PHE B 34 33.78 21.25 -15.82
C PHE B 34 32.93 21.40 -14.56
N TRP B 35 32.80 22.63 -14.06
CA TRP B 35 31.99 22.86 -12.87
C TRP B 35 30.52 22.57 -13.13
N LYS B 36 30.05 22.89 -14.34
CA LYS B 36 28.66 22.60 -14.68
C LYS B 36 28.41 21.11 -14.79
N ALA B 37 29.37 20.35 -15.32
CA ALA B 37 29.20 18.91 -15.43
C ALA B 37 29.14 18.25 -14.06
N VAL B 38 30.01 18.66 -13.14
CA VAL B 38 29.99 18.08 -11.79
C VAL B 38 28.71 18.47 -11.06
N THR B 39 28.29 19.73 -11.21
CA THR B 39 27.05 20.17 -10.57
C THR B 39 25.85 19.42 -11.12
N ALA B 40 25.83 19.16 -12.42
CA ALA B 40 24.73 18.39 -13.01
C ALA B 40 24.69 16.98 -12.44
N GLU B 41 25.85 16.36 -12.26
CA GLU B 41 25.90 15.02 -11.69
C GLU B 41 25.41 15.01 -10.26
N PHE B 42 25.80 16.01 -9.46
CA PHE B 42 25.31 16.11 -8.10
C PHE B 42 23.79 16.30 -8.07
N LEU B 43 23.27 17.18 -8.94
CA LEU B 43 21.84 17.45 -8.94
C LEU B 43 21.04 16.28 -9.51
N ALA B 44 21.52 15.69 -10.60
CA ALA B 44 20.81 14.56 -11.20
C ALA B 44 20.78 13.37 -10.26
N MET B 45 21.90 13.10 -9.59
CA MET B 45 21.97 11.95 -8.70
C MET B 45 21.09 12.18 -7.46
N LEU B 46 21.00 13.43 -7.00
CA LEU B 46 20.18 13.76 -5.85
C LEU B 46 18.70 13.51 -6.11
N ILE B 47 18.22 13.91 -7.29
CA ILE B 47 16.81 13.70 -7.62
C ILE B 47 16.50 12.21 -7.73
N PHE B 48 17.46 11.43 -8.25
CA PHE B 48 17.24 10.01 -8.42
C PHE B 48 17.02 9.32 -7.07
N VAL B 49 17.80 9.68 -6.05
CA VAL B 49 17.63 9.07 -4.74
C VAL B 49 16.28 9.45 -4.13
N LEU B 50 15.96 10.75 -4.13
CA LEU B 50 14.77 11.22 -3.43
C LEU B 50 13.50 10.61 -4.02
N LEU B 51 13.39 10.57 -5.35
CA LEU B 51 12.19 10.03 -5.96
C LEU B 51 12.15 8.51 -5.87
N SER B 52 13.27 7.84 -6.11
CA SER B 52 13.27 6.38 -6.16
C SER B 52 13.16 5.76 -4.77
N LEU B 53 13.92 6.30 -3.81
CA LEU B 53 13.86 5.73 -2.46
C LEU B 53 12.52 6.02 -1.79
N GLY B 54 11.88 7.14 -2.13
CA GLY B 54 10.57 7.44 -1.59
C GLY B 54 9.52 6.42 -1.99
N SER B 55 9.63 5.87 -3.19
CA SER B 55 8.68 4.86 -3.65
C SER B 55 8.81 3.56 -2.88
N THR B 56 9.97 3.31 -2.26
CA THR B 56 10.16 2.10 -1.47
C THR B 56 9.62 2.22 -0.05
N ILE B 57 9.10 3.39 0.33
CA ILE B 57 8.57 3.59 1.67
C ILE B 57 7.28 2.80 1.83
N ASN B 58 7.21 1.97 2.86
CA ASN B 58 6.01 1.21 3.18
C ASN B 58 5.15 2.08 4.09
N TRP B 59 4.09 2.66 3.53
CA TRP B 59 3.26 3.58 4.28
C TRP B 59 2.39 2.91 5.32
N GLY B 60 2.31 1.56 5.31
CA GLY B 60 1.62 0.87 6.37
C GLY B 60 2.41 0.71 7.64
N GLY B 61 3.72 0.92 7.59
CA GLY B 61 4.56 0.81 8.77
C GLY B 61 4.87 -0.61 9.14
N THR B 62 5.63 -0.75 10.24
CA THR B 62 5.97 -2.08 10.75
C THR B 62 4.75 -2.77 11.34
N GLU B 63 3.85 -2.00 11.98
CA GLU B 63 2.72 -2.59 12.69
C GLU B 63 1.57 -2.95 11.76
N LYS B 64 1.46 -2.31 10.60
CA LYS B 64 0.46 -2.65 9.58
C LYS B 64 1.11 -2.70 8.20
N PRO B 65 2.00 -3.65 7.97
CA PRO B 65 2.73 -3.66 6.69
C PRO B 65 1.81 -3.88 5.51
N LEU B 66 1.89 -2.99 4.53
CA LEU B 66 1.23 -3.21 3.25
C LEU B 66 2.09 -4.13 2.38
N PRO B 67 1.47 -4.92 1.51
CA PRO B 67 2.25 -5.74 0.58
C PRO B 67 3.13 -4.87 -0.31
N VAL B 68 4.34 -5.35 -0.56
CA VAL B 68 5.32 -4.58 -1.33
C VAL B 68 4.97 -4.67 -2.80
N ASP B 69 4.79 -3.52 -3.44
CA ASP B 69 4.50 -3.45 -4.87
C ASP B 69 5.81 -3.43 -5.64
N MET B 70 6.04 -4.48 -6.42
CA MET B 70 7.32 -4.60 -7.13
C MET B 70 7.39 -3.65 -8.32
N VAL B 71 6.29 -3.52 -9.06
CA VAL B 71 6.27 -2.61 -10.20
C VAL B 71 6.40 -1.17 -9.73
N LEU B 72 5.94 -0.87 -8.52
CA LEU B 72 6.15 0.46 -7.95
C LEU B 72 7.63 0.78 -7.81
N ILE B 73 8.37 -0.14 -7.19
CA ILE B 73 9.80 0.09 -6.97
C ILE B 73 10.57 0.02 -8.28
N SER B 74 10.26 -0.97 -9.13
CA SER B 74 11.00 -1.16 -10.36
C SER B 74 10.82 0.01 -11.31
N LEU B 75 9.57 0.43 -11.54
CA LEU B 75 9.31 1.50 -12.50
C LEU B 75 9.84 2.83 -12.01
N CYS B 76 9.70 3.12 -10.71
CA CYS B 76 10.20 4.38 -10.18
C CYS B 76 11.71 4.46 -10.31
N PHE B 77 12.41 3.36 -10.00
CA PHE B 77 13.87 3.34 -10.18
C PHE B 77 14.24 3.36 -11.66
N GLY B 78 13.55 2.54 -12.46
CA GLY B 78 13.89 2.45 -13.87
C GLY B 78 13.65 3.74 -14.63
N LEU B 79 12.47 4.35 -14.44
CA LEU B 79 12.12 5.53 -15.21
C LEU B 79 12.85 6.78 -14.71
N SER B 80 13.22 6.82 -13.43
CA SER B 80 13.96 7.98 -12.93
C SER B 80 15.30 8.13 -13.63
N ILE B 81 16.00 7.01 -13.86
CA ILE B 81 17.25 7.06 -14.62
C ILE B 81 16.98 7.51 -16.04
N ALA B 82 15.92 6.98 -16.66
CA ALA B 82 15.56 7.41 -18.01
C ALA B 82 15.19 8.89 -18.04
N THR B 83 14.62 9.41 -16.94
CA THR B 83 14.33 10.83 -16.87
C THR B 83 15.60 11.65 -16.67
N MET B 84 16.50 11.17 -15.81
CA MET B 84 17.73 11.93 -15.52
C MET B 84 18.65 11.98 -16.72
N VAL B 85 18.70 10.90 -17.50
CA VAL B 85 19.53 10.91 -18.71
C VAL B 85 18.96 11.88 -19.73
N GLN B 86 17.63 11.94 -19.84
CA GLN B 86 17.01 12.93 -20.73
C GLN B 86 17.30 14.35 -20.27
N CYS B 87 17.27 14.59 -18.96
CA CYS B 87 17.47 15.93 -18.43
C CYS B 87 18.92 16.37 -18.54
N PHE B 88 19.85 15.50 -18.15
CA PHE B 88 21.25 15.87 -17.96
C PHE B 88 22.21 15.09 -18.85
N GLY B 89 21.70 14.44 -19.90
CA GLY B 89 22.58 13.68 -20.77
C GLY B 89 23.55 14.55 -21.54
N HIS B 90 23.12 15.72 -21.96
CA HIS B 90 23.93 16.61 -22.80
C HIS B 90 24.80 17.55 -21.98
N ILE B 91 24.75 17.49 -20.66
CA ILE B 91 25.52 18.38 -19.80
C ILE B 91 26.74 17.70 -19.20
N SER B 92 26.54 16.52 -18.62
CA SER B 92 27.64 15.80 -17.97
C SER B 92 27.85 14.38 -18.48
N GLY B 93 27.04 13.92 -19.44
CA GLY B 93 27.10 12.56 -19.91
C GLY B 93 26.08 11.64 -19.28
N GLY B 94 25.44 12.05 -18.19
CA GLY B 94 24.39 11.27 -17.57
C GLY B 94 24.83 9.94 -17.00
N HIS B 95 25.93 9.93 -16.25
CA HIS B 95 26.36 8.69 -15.60
C HIS B 95 25.40 8.30 -14.48
N ILE B 96 25.25 9.17 -13.48
CA ILE B 96 24.35 8.98 -12.34
C ILE B 96 24.69 7.65 -11.66
N ASN B 97 25.96 7.25 -11.73
CA ASN B 97 26.38 5.99 -11.14
C ASN B 97 27.90 5.96 -11.00
N PRO B 98 28.42 5.71 -9.80
CA PRO B 98 29.88 5.52 -9.67
C PRO B 98 30.41 4.31 -10.42
N ALA B 99 29.56 3.31 -10.67
CA ALA B 99 30.02 2.10 -11.34
C ALA B 99 30.36 2.37 -12.80
N VAL B 100 29.50 3.10 -13.50
CA VAL B 100 29.77 3.38 -14.92
C VAL B 100 30.92 4.36 -15.06
N THR B 101 31.07 5.27 -14.10
CA THR B 101 32.17 6.24 -14.15
C THR B 101 33.52 5.54 -14.15
N VAL B 102 33.66 4.48 -13.34
CA VAL B 102 34.88 3.68 -13.36
C VAL B 102 35.05 3.01 -14.72
N ALA B 103 33.94 2.55 -15.31
CA ALA B 103 34.02 1.84 -16.59
C ALA B 103 34.56 2.74 -17.70
N MET B 104 34.13 4.00 -17.74
CA MET B 104 34.67 4.93 -18.73
C MET B 104 36.16 5.14 -18.52
N VAL B 105 36.60 5.24 -17.26
CA VAL B 105 38.02 5.37 -16.97
C VAL B 105 38.76 4.13 -17.44
N CYS B 106 38.20 2.95 -17.18
CA CYS B 106 38.83 1.71 -17.61
C CYS B 106 38.93 1.62 -19.14
N THR B 107 38.10 2.37 -19.86
CA THR B 107 38.14 2.38 -21.33
C THR B 107 38.70 3.69 -21.87
N ARG B 108 39.28 4.54 -21.03
CA ARG B 108 39.81 5.84 -21.40
C ARG B 108 38.77 6.68 -22.17
N LYS B 109 37.62 6.87 -21.53
CA LYS B 109 36.61 7.78 -22.04
C LYS B 109 36.48 9.07 -21.24
N ILE B 110 36.86 9.05 -19.96
CA ILE B 110 36.98 10.26 -19.15
C ILE B 110 38.30 10.21 -18.41
N SER B 111 38.79 11.38 -18.03
CA SER B 111 40.08 11.48 -17.38
C SER B 111 39.99 11.07 -15.92
N ILE B 112 41.17 10.78 -15.32
CA ILE B 112 41.23 10.38 -13.93
C ILE B 112 40.72 11.51 -13.03
N ALA B 113 41.16 12.74 -13.31
CA ALA B 113 40.69 13.87 -12.51
C ALA B 113 39.19 14.10 -12.70
N LYS B 114 38.66 13.78 -13.87
CA LYS B 114 37.22 13.91 -14.10
C LYS B 114 36.43 12.96 -13.22
N SER B 115 36.92 11.71 -13.08
CA SER B 115 36.14 10.69 -12.39
C SER B 115 36.03 10.97 -10.89
N VAL B 116 37.11 11.45 -10.27
CA VAL B 116 37.09 11.65 -8.82
C VAL B 116 36.07 12.72 -8.44
N PHE B 117 35.87 13.72 -9.29
CA PHE B 117 34.85 14.72 -9.03
C PHE B 117 33.45 14.19 -9.32
N TYR B 118 33.31 13.33 -10.33
CA TYR B 118 32.03 12.68 -10.59
C TYR B 118 31.62 11.78 -9.43
N ILE B 119 32.53 10.94 -8.96
CA ILE B 119 32.19 10.00 -7.89
C ILE B 119 31.87 10.73 -6.60
N ALA B 120 32.67 11.75 -6.26
CA ALA B 120 32.42 12.51 -5.04
C ALA B 120 31.07 13.24 -5.12
N ALA B 121 30.75 13.82 -6.28
CA ALA B 121 29.47 14.48 -6.43
C ALA B 121 28.32 13.48 -6.37
N GLN B 122 28.48 12.30 -6.98
CA GLN B 122 27.43 11.29 -6.93
C GLN B 122 27.22 10.80 -5.51
N CYS B 123 28.30 10.58 -4.76
CA CYS B 123 28.16 10.19 -3.35
C CYS B 123 27.51 11.30 -2.54
N LEU B 124 27.88 12.55 -2.81
CA LEU B 124 27.29 13.68 -2.11
C LEU B 124 25.81 13.82 -2.45
N GLY B 125 25.45 13.61 -3.72
CA GLY B 125 24.06 13.77 -4.12
C GLY B 125 23.13 12.80 -3.43
N ALA B 126 23.59 11.55 -3.25
CA ALA B 126 22.76 10.57 -2.55
C ALA B 126 22.63 10.90 -1.08
N ILE B 127 23.70 11.41 -0.46
CA ILE B 127 23.67 11.73 0.96
C ILE B 127 22.67 12.85 1.23
N ILE B 128 22.71 13.90 0.40
CA ILE B 128 21.74 14.98 0.54
C ILE B 128 20.36 14.51 0.11
N GLY B 129 20.29 13.70 -0.96
CA GLY B 129 19.01 13.24 -1.45
C GLY B 129 18.28 12.35 -0.45
N ALA B 130 19.00 11.44 0.18
CA ALA B 130 18.40 10.61 1.23
C ALA B 130 18.10 11.42 2.48
N GLY B 131 18.93 12.42 2.78
CA GLY B 131 18.66 13.27 3.94
C GLY B 131 17.36 14.05 3.80
N ILE B 132 17.09 14.56 2.60
CA ILE B 132 15.83 15.27 2.36
C ILE B 132 14.65 14.33 2.56
N LEU B 133 14.75 13.10 2.03
CA LEU B 133 13.67 12.14 2.20
C LEU B 133 13.43 11.83 3.66
N TYR B 134 14.50 11.69 4.45
CA TYR B 134 14.35 11.47 5.88
C TYR B 134 13.66 12.64 6.56
N LEU B 135 13.80 13.84 5.99
CA LEU B 135 13.18 15.02 6.59
C LEU B 135 11.68 15.08 6.29
N VAL B 136 11.27 14.65 5.11
CA VAL B 136 9.88 14.80 4.67
C VAL B 136 9.06 13.53 4.89
N THR B 137 9.64 12.50 5.50
CA THR B 137 8.90 11.26 5.72
C THR B 137 8.44 11.18 7.17
N PRO B 138 7.18 10.86 7.43
CA PRO B 138 6.70 10.71 8.80
C PRO B 138 7.49 9.64 9.54
N PRO B 139 7.78 9.84 10.83
CA PRO B 139 8.67 8.92 11.54
C PRO B 139 8.16 7.48 11.60
N SER B 140 6.84 7.28 11.61
CA SER B 140 6.31 5.93 11.76
C SER B 140 6.42 5.09 10.50
N VAL B 141 6.71 5.70 9.35
CA VAL B 141 6.80 4.99 8.09
C VAL B 141 8.17 5.08 7.46
N VAL B 142 9.15 5.63 8.18
CA VAL B 142 10.50 5.77 7.64
C VAL B 142 11.09 4.39 7.35
N GLY B 143 10.97 3.48 8.31
CA GLY B 143 11.50 2.14 8.12
C GLY B 143 13.01 2.16 7.94
N GLY B 144 13.48 1.41 6.93
CA GLY B 144 14.88 1.33 6.60
C GLY B 144 15.40 2.40 5.67
N LEU B 145 14.53 3.29 5.18
CA LEU B 145 14.91 4.37 4.27
C LEU B 145 15.54 3.82 2.98
N GLY B 146 15.06 2.67 2.51
CA GLY B 146 15.53 2.14 1.25
C GLY B 146 16.95 1.59 1.28
N VAL B 147 17.46 1.22 2.44
CA VAL B 147 18.82 0.70 2.56
C VAL B 147 18.81 -0.77 2.13
N THR B 148 19.78 -1.15 1.31
CA THR B 148 19.77 -2.45 0.63
C THR B 148 20.40 -3.52 1.53
N MET B 149 19.55 -4.31 2.19
CA MET B 149 19.95 -5.52 2.89
C MET B 149 19.94 -6.74 1.97
N VAL B 150 20.86 -7.65 2.23
CA VAL B 150 20.85 -8.97 1.60
C VAL B 150 19.79 -9.83 2.31
N HIS B 151 19.18 -10.74 1.55
CA HIS B 151 18.16 -11.61 2.14
C HIS B 151 18.76 -12.45 3.25
N GLY B 152 17.96 -12.70 4.30
CA GLY B 152 18.47 -13.39 5.47
C GLY B 152 18.95 -14.80 5.16
N ASN B 153 18.25 -15.49 4.27
CA ASN B 153 18.62 -16.85 3.88
C ASN B 153 19.66 -16.88 2.77
N LEU B 154 20.09 -15.73 2.26
CA LEU B 154 21.02 -15.65 1.15
C LEU B 154 22.39 -15.23 1.66
N THR B 155 23.42 -16.00 1.27
CA THR B 155 24.77 -15.71 1.68
C THR B 155 25.32 -14.50 0.93
N ALA B 156 26.12 -13.68 1.62
CA ALA B 156 26.70 -12.51 0.99
C ALA B 156 27.59 -12.88 -0.19
N GLY B 157 28.16 -14.09 -0.18
CA GLY B 157 28.92 -14.54 -1.34
C GLY B 157 28.05 -14.68 -2.58
N HIS B 158 26.85 -15.22 -2.43
CA HIS B 158 25.90 -15.24 -3.53
C HIS B 158 25.36 -13.85 -3.82
N GLY B 159 25.24 -13.01 -2.79
CA GLY B 159 24.78 -11.65 -3.00
C GLY B 159 25.73 -10.83 -3.84
N LEU B 160 27.03 -11.07 -3.69
CA LEU B 160 28.02 -10.39 -4.53
C LEU B 160 27.83 -10.76 -5.99
N LEU B 161 27.56 -12.03 -6.28
CA LEU B 161 27.39 -12.47 -7.65
C LEU B 161 26.17 -11.83 -8.30
N VAL B 162 25.09 -11.67 -7.54
CA VAL B 162 23.88 -11.06 -8.08
C VAL B 162 24.14 -9.61 -8.47
N GLU B 163 24.82 -8.86 -7.59
CA GLU B 163 25.17 -7.47 -7.89
C GLU B 163 26.12 -7.39 -9.09
N LEU B 164 26.98 -8.40 -9.26
CA LEU B 164 27.93 -8.39 -10.36
C LEU B 164 27.23 -8.50 -11.71
N ILE B 165 26.09 -9.19 -11.76
CA ILE B 165 25.44 -9.48 -13.03
C ILE B 165 24.47 -8.39 -13.45
N ILE B 166 23.61 -7.93 -12.53
CA ILE B 166 22.61 -6.93 -12.90
C ILE B 166 23.27 -5.61 -13.25
N THR B 167 24.47 -5.35 -12.71
CA THR B 167 25.22 -4.19 -13.15
C THR B 167 25.90 -4.42 -14.50
N PHE B 168 26.28 -5.67 -14.78
CA PHE B 168 26.90 -5.99 -16.07
C PHE B 168 25.94 -5.71 -17.22
N GLN B 169 24.67 -6.08 -17.08
CA GLN B 169 23.70 -5.82 -18.12
C GLN B 169 23.40 -4.33 -18.25
N LEU B 170 23.52 -3.58 -17.15
CA LEU B 170 23.30 -2.13 -17.22
C LEU B 170 24.41 -1.43 -17.98
N VAL B 171 25.67 -1.75 -17.65
CA VAL B 171 26.79 -1.07 -18.30
C VAL B 171 26.89 -1.47 -19.75
N PHE B 172 26.62 -2.75 -20.06
CA PHE B 172 26.63 -3.20 -21.44
C PHE B 172 25.58 -2.46 -22.27
N THR B 173 24.39 -2.26 -21.70
CA THR B 173 23.35 -1.51 -22.40
C THR B 173 23.78 -0.06 -22.65
N ILE B 174 24.37 0.57 -21.63
CA ILE B 174 24.80 1.96 -21.77
C ILE B 174 25.87 2.09 -22.85
N PHE B 175 26.84 1.18 -22.86
CA PHE B 175 27.88 1.21 -23.88
C PHE B 175 27.31 0.95 -25.26
N ALA B 176 26.38 -0.01 -25.37
CA ALA B 176 25.79 -0.32 -26.65
C ALA B 176 24.87 0.79 -27.15
N SER B 177 24.08 1.38 -26.24
CA SER B 177 23.17 2.44 -26.64
C SER B 177 23.92 3.68 -27.08
N CYS B 178 25.04 3.99 -26.43
CA CYS B 178 25.82 5.20 -26.68
C CYS B 178 27.05 4.93 -27.52
N ASP B 179 26.96 4.02 -28.49
CA ASP B 179 28.07 3.71 -29.38
C ASP B 179 27.92 4.54 -30.66
N SER B 180 28.92 5.36 -30.95
CA SER B 180 28.86 6.23 -32.12
C SER B 180 28.95 5.44 -33.42
N LYS B 181 29.74 4.36 -33.42
CA LYS B 181 29.94 3.58 -34.63
C LYS B 181 28.67 2.85 -35.08
N ARG B 182 27.72 2.63 -34.18
CA ARG B 182 26.49 1.96 -34.55
C ARG B 182 25.65 2.84 -35.47
N THR B 183 24.87 2.19 -36.33
CA THR B 183 23.92 2.87 -37.19
C THR B 183 22.50 2.35 -37.07
N ASP B 184 22.28 1.27 -36.32
CA ASP B 184 20.97 0.66 -36.17
C ASP B 184 20.28 1.07 -34.88
N VAL B 185 20.83 2.02 -34.14
CA VAL B 185 20.23 2.46 -32.88
C VAL B 185 19.00 3.30 -33.19
N THR B 186 17.85 2.88 -32.66
CA THR B 186 16.60 3.59 -32.87
C THR B 186 15.92 3.81 -31.52
N GLY B 187 15.04 4.81 -31.48
CA GLY B 187 14.31 5.11 -30.27
C GLY B 187 15.11 5.93 -29.28
N SER B 188 14.56 6.04 -28.09
CA SER B 188 15.15 6.87 -27.04
C SER B 188 16.27 6.10 -26.35
N ILE B 189 17.47 6.68 -26.34
CA ILE B 189 18.60 6.05 -25.65
C ILE B 189 18.36 6.04 -24.15
N ALA B 190 17.83 7.14 -23.61
CA ALA B 190 17.56 7.20 -22.17
C ALA B 190 16.55 6.15 -21.75
N LEU B 191 15.51 5.93 -22.57
CA LEU B 191 14.51 4.93 -22.23
C LEU B 191 15.11 3.52 -22.24
N ALA B 192 16.00 3.24 -23.19
CA ALA B 192 16.67 1.95 -23.22
C ALA B 192 17.51 1.74 -21.97
N ILE B 193 18.21 2.77 -21.52
CA ILE B 193 18.96 2.69 -20.27
C ILE B 193 18.01 2.56 -19.09
N GLY B 194 16.87 3.24 -19.15
CA GLY B 194 15.92 3.17 -18.05
C GLY B 194 15.33 1.79 -17.87
N PHE B 195 14.99 1.11 -18.97
CA PHE B 195 14.42 -0.23 -18.88
C PHE B 195 15.45 -1.27 -18.47
N SER B 196 16.74 -1.02 -18.71
CA SER B 196 17.76 -1.91 -18.21
C SER B 196 17.81 -1.91 -16.69
N VAL B 197 17.61 -0.74 -16.08
CA VAL B 197 17.57 -0.66 -14.61
C VAL B 197 16.31 -1.33 -14.09
N ALA B 198 15.18 -1.18 -14.78
CA ALA B 198 13.92 -1.71 -14.30
C ALA B 198 13.95 -3.23 -14.21
N ILE B 199 14.52 -3.90 -15.21
CA ILE B 199 14.58 -5.36 -15.17
C ILE B 199 15.58 -5.83 -14.12
N GLY B 200 16.56 -4.99 -13.80
CA GLY B 200 17.45 -5.32 -12.68
C GLY B 200 16.71 -5.32 -11.36
N HIS B 201 15.76 -4.42 -11.20
CA HIS B 201 14.95 -4.37 -9.98
C HIS B 201 13.89 -5.46 -9.97
N LEU B 202 13.32 -5.79 -11.14
CA LEU B 202 12.30 -6.83 -11.21
C LEU B 202 12.86 -8.20 -10.87
N PHE B 203 14.18 -8.35 -10.82
CA PHE B 203 14.83 -9.62 -10.55
C PHE B 203 15.33 -9.74 -9.11
N ALA B 204 16.02 -8.72 -8.59
CA ALA B 204 16.84 -8.86 -7.39
C ALA B 204 16.48 -7.82 -6.34
N ILE B 205 15.19 -7.63 -6.06
CA ILE B 205 14.83 -6.79 -4.92
C ILE B 205 14.91 -7.59 -3.63
N ASN B 206 14.40 -8.83 -3.62
CA ASN B 206 14.49 -9.70 -2.45
C ASN B 206 15.75 -10.55 -2.43
N TYR B 207 16.61 -10.44 -3.43
CA TYR B 207 17.93 -11.06 -3.33
C TYR B 207 18.87 -10.17 -2.55
N THR B 208 19.16 -8.97 -3.07
CA THR B 208 20.04 -8.03 -2.40
C THR B 208 19.53 -6.60 -2.43
N GLY B 209 18.32 -6.36 -2.91
CA GLY B 209 17.79 -5.03 -3.05
C GLY B 209 18.02 -4.38 -4.39
N ALA B 210 18.78 -5.01 -5.28
CA ALA B 210 19.06 -4.51 -6.63
C ALA B 210 19.63 -3.10 -6.58
N SER B 211 20.79 -2.98 -5.93
CA SER B 211 21.42 -1.67 -5.79
C SER B 211 21.95 -1.18 -7.13
N MET B 212 22.87 -1.93 -7.73
CA MET B 212 23.50 -1.65 -9.04
C MET B 212 23.92 -0.19 -9.17
N ASN B 213 24.15 0.47 -8.03
CA ASN B 213 24.58 1.85 -7.94
C ASN B 213 25.25 2.05 -6.60
N PRO B 214 26.59 2.14 -6.55
CA PRO B 214 27.26 2.33 -5.25
C PRO B 214 26.82 3.58 -4.51
N ALA B 215 26.52 4.66 -5.23
CA ALA B 215 26.05 5.87 -4.57
C ALA B 215 24.67 5.68 -3.97
N ARG B 216 23.79 4.96 -4.68
CA ARG B 216 22.43 4.75 -4.19
C ARG B 216 22.43 3.96 -2.89
N SER B 217 23.45 3.13 -2.65
CA SER B 217 23.57 2.41 -1.40
C SER B 217 24.34 3.18 -0.35
N PHE B 218 25.24 4.08 -0.76
CA PHE B 218 26.05 4.82 0.19
C PHE B 218 25.25 5.92 0.88
N GLY B 219 24.33 6.55 0.14
CA GLY B 219 23.58 7.68 0.66
C GLY B 219 22.74 7.36 1.87
N PRO B 220 21.71 6.52 1.70
CA PRO B 220 20.87 6.16 2.86
C PRO B 220 21.63 5.44 3.96
N ALA B 221 22.69 4.70 3.62
CA ALA B 221 23.49 4.04 4.65
C ALA B 221 24.18 5.05 5.56
N VAL B 222 24.67 6.15 4.98
CA VAL B 222 25.27 7.20 5.79
C VAL B 222 24.22 7.82 6.71
N ILE B 223 23.04 8.11 6.18
CA ILE B 223 22.00 8.77 6.96
C ILE B 223 21.51 7.85 8.08
N MET B 224 21.25 6.59 7.77
CA MET B 224 20.71 5.65 8.74
C MET B 224 21.78 4.91 9.54
N GLY B 225 23.04 5.03 9.17
CA GLY B 225 24.09 4.37 9.91
C GLY B 225 24.08 2.86 9.82
N ASN B 226 23.42 2.30 8.81
CA ASN B 226 23.36 0.86 8.60
C ASN B 226 24.47 0.51 7.61
N TRP B 227 25.38 -0.38 8.02
CA TRP B 227 26.60 -0.64 7.26
C TRP B 227 26.85 -2.14 7.11
N GLU B 228 25.79 -2.92 6.95
CA GLU B 228 25.91 -4.38 6.91
C GLU B 228 26.07 -4.84 5.47
N ASN B 229 27.14 -5.60 5.21
CA ASN B 229 27.46 -6.12 3.88
C ASN B 229 27.50 -5.01 2.84
N HIS B 230 28.04 -3.86 3.25
CA HIS B 230 28.08 -2.71 2.34
C HIS B 230 29.17 -2.84 1.29
N TRP B 231 30.18 -3.67 1.52
CA TRP B 231 31.28 -3.79 0.57
C TRP B 231 30.83 -4.49 -0.71
N ILE B 232 29.83 -5.37 -0.62
CA ILE B 232 29.34 -6.05 -1.82
C ILE B 232 28.61 -5.09 -2.75
N TYR B 233 28.22 -3.92 -2.25
CA TYR B 233 27.54 -2.92 -3.07
C TYR B 233 28.50 -1.94 -3.73
N TRP B 234 29.79 -2.00 -3.39
CA TRP B 234 30.84 -1.30 -4.09
C TRP B 234 31.68 -2.23 -4.96
N VAL B 235 32.14 -3.34 -4.39
CA VAL B 235 32.93 -4.30 -5.17
C VAL B 235 32.06 -4.94 -6.24
N GLY B 236 30.79 -5.19 -5.94
CA GLY B 236 29.90 -5.86 -6.86
C GLY B 236 29.71 -5.12 -8.17
N PRO B 237 29.04 -3.96 -8.10
CA PRO B 237 28.79 -3.20 -9.34
C PRO B 237 30.05 -2.79 -10.08
N ILE B 238 31.14 -2.48 -9.37
CA ILE B 238 32.35 -2.03 -10.05
C ILE B 238 32.97 -3.15 -10.88
N ILE B 239 33.02 -4.36 -10.34
CA ILE B 239 33.56 -5.49 -11.11
C ILE B 239 32.65 -5.81 -12.29
N GLY B 240 31.33 -5.70 -12.09
CA GLY B 240 30.41 -5.91 -13.20
C GLY B 240 30.56 -4.85 -14.27
N ALA B 241 30.83 -3.61 -13.88
CA ALA B 241 31.01 -2.53 -14.85
C ALA B 241 32.30 -2.73 -15.65
N VAL B 242 33.39 -3.10 -14.97
CA VAL B 242 34.66 -3.28 -15.65
C VAL B 242 34.58 -4.40 -16.68
N LEU B 243 33.94 -5.51 -16.32
CA LEU B 243 33.76 -6.60 -17.27
C LEU B 243 32.92 -6.17 -18.46
N ALA B 244 31.83 -5.43 -18.21
CA ALA B 244 30.95 -5.02 -19.29
C ALA B 244 31.62 -4.00 -20.21
N GLY B 245 32.30 -3.01 -19.63
CA GLY B 245 32.99 -2.04 -20.45
C GLY B 245 34.16 -2.64 -21.23
N GLY B 246 34.94 -3.50 -20.57
CA GLY B 246 36.07 -4.11 -21.25
C GLY B 246 35.65 -5.07 -22.35
N LEU B 247 34.60 -5.87 -22.09
CA LEU B 247 34.14 -6.81 -23.11
C LEU B 247 33.63 -6.09 -24.35
N TYR B 248 32.85 -5.03 -24.17
CA TYR B 248 32.27 -4.33 -25.30
C TYR B 248 33.35 -3.60 -26.11
N GLU B 249 34.22 -2.87 -25.42
CA GLU B 249 35.18 -2.02 -26.11
C GLU B 249 36.35 -2.80 -26.71
N TYR B 250 36.69 -3.96 -26.14
CA TYR B 250 37.91 -4.64 -26.52
C TYR B 250 37.70 -6.05 -27.08
N VAL B 251 36.47 -6.56 -27.10
CA VAL B 251 36.22 -7.89 -27.63
C VAL B 251 35.16 -7.83 -28.72
N PHE B 252 34.00 -7.25 -28.39
CA PHE B 252 32.86 -7.32 -29.30
C PHE B 252 32.95 -6.27 -30.40
N CYS B 253 33.15 -5.01 -30.02
CA CYS B 253 33.22 -3.89 -30.98
C CYS B 253 34.48 -3.09 -30.71
N PRO B 254 35.65 -3.61 -31.11
CA PRO B 254 36.92 -2.92 -30.88
C PRO B 254 37.18 -1.81 -31.90
N GLN C 32 -7.96 32.44 -36.60
CA GLN C 32 -6.85 32.92 -35.79
C GLN C 32 -6.24 31.79 -34.97
N ALA C 33 -4.94 31.58 -35.12
CA ALA C 33 -4.26 30.52 -34.37
C ALA C 33 -4.21 30.81 -32.88
N PHE C 34 -4.36 32.07 -32.48
CA PHE C 34 -4.37 32.40 -31.06
C PHE C 34 -5.58 31.77 -30.36
N TRP C 35 -6.76 31.87 -30.97
CA TRP C 35 -7.95 31.25 -30.38
C TRP C 35 -7.90 29.73 -30.48
N LYS C 36 -7.31 29.21 -31.55
CA LYS C 36 -7.18 27.76 -31.66
C LYS C 36 -6.21 27.22 -30.62
N ALA C 37 -5.16 27.98 -30.30
CA ALA C 37 -4.22 27.55 -29.27
C ALA C 37 -4.89 27.50 -27.89
N VAL C 38 -5.69 28.51 -27.56
CA VAL C 38 -6.33 28.55 -26.26
C VAL C 38 -7.37 27.44 -26.12
N THR C 39 -8.18 27.24 -27.16
CA THR C 39 -9.17 26.18 -27.12
C THR C 39 -8.53 24.80 -27.07
N ALA C 40 -7.33 24.66 -27.64
CA ALA C 40 -6.59 23.41 -27.52
C ALA C 40 -6.17 23.16 -26.08
N GLU C 41 -5.72 24.21 -25.39
CA GLU C 41 -5.32 24.06 -23.99
C GLU C 41 -6.51 23.71 -23.11
N PHE C 42 -7.66 24.34 -23.35
CA PHE C 42 -8.86 24.02 -22.60
C PHE C 42 -9.28 22.58 -22.83
N LEU C 43 -9.24 22.12 -24.09
CA LEU C 43 -9.70 20.77 -24.40
C LEU C 43 -8.70 19.72 -23.94
N ALA C 44 -7.41 20.03 -24.03
CA ALA C 44 -6.39 19.08 -23.57
C ALA C 44 -6.48 18.87 -22.06
N MET C 45 -6.68 19.95 -21.30
CA MET C 45 -6.83 19.81 -19.86
C MET C 45 -8.10 19.06 -19.51
N LEU C 46 -9.19 19.30 -20.25
CA LEU C 46 -10.46 18.67 -19.96
C LEU C 46 -10.37 17.15 -20.07
N ILE C 47 -9.72 16.65 -21.11
CA ILE C 47 -9.54 15.21 -21.26
C ILE C 47 -8.58 14.68 -20.20
N PHE C 48 -7.51 15.43 -19.92
CA PHE C 48 -6.51 14.97 -18.96
C PHE C 48 -7.09 14.83 -17.56
N VAL C 49 -7.88 15.81 -17.12
CA VAL C 49 -8.45 15.74 -15.78
C VAL C 49 -9.49 14.63 -15.69
N LEU C 50 -10.37 14.54 -16.69
CA LEU C 50 -11.45 13.56 -16.64
C LEU C 50 -10.91 12.13 -16.61
N LEU C 51 -9.91 11.83 -17.44
CA LEU C 51 -9.39 10.47 -17.50
C LEU C 51 -8.52 10.16 -16.28
N SER C 52 -7.73 11.13 -15.82
CA SER C 52 -6.81 10.86 -14.72
C SER C 52 -7.54 10.79 -13.38
N LEU C 53 -8.48 11.69 -13.15
CA LEU C 53 -9.23 11.66 -11.89
C LEU C 53 -10.15 10.45 -11.82
N GLY C 54 -10.60 9.95 -12.98
CA GLY C 54 -11.44 8.75 -12.99
C GLY C 54 -10.69 7.51 -12.53
N SER C 55 -9.40 7.42 -12.87
CA SER C 55 -8.63 6.23 -12.50
C SER C 55 -8.41 6.14 -11.00
N THR C 56 -8.39 7.27 -10.30
CA THR C 56 -8.16 7.28 -8.86
C THR C 56 -9.43 6.99 -8.07
N ILE C 57 -10.58 6.85 -8.72
CA ILE C 57 -11.82 6.56 -8.03
C ILE C 57 -11.74 5.16 -7.43
N ASN C 58 -12.04 5.05 -6.14
CA ASN C 58 -12.01 3.78 -5.43
C ASN C 58 -13.39 3.13 -5.54
N TRP C 59 -13.49 2.09 -6.37
CA TRP C 59 -14.76 1.43 -6.61
C TRP C 59 -15.19 0.52 -5.47
N GLY C 60 -14.32 0.29 -4.48
CA GLY C 60 -14.72 -0.49 -3.32
C GLY C 60 -15.69 0.22 -2.41
N GLY C 61 -15.78 1.54 -2.51
CA GLY C 61 -16.69 2.31 -1.68
C GLY C 61 -16.13 2.57 -0.30
N THR C 62 -16.99 3.13 0.54
CA THR C 62 -16.63 3.42 1.93
C THR C 62 -16.88 2.24 2.86
N GLU C 63 -17.83 1.37 2.51
CA GLU C 63 -18.14 0.23 3.37
C GLU C 63 -17.08 -0.86 3.29
N LYS C 64 -16.29 -0.89 2.22
CA LYS C 64 -15.16 -1.80 2.10
C LYS C 64 -14.19 -1.27 1.04
N PRO C 65 -13.34 -0.31 1.40
CA PRO C 65 -12.42 0.26 0.40
C PRO C 65 -11.45 -0.79 -0.12
N LEU C 66 -11.34 -0.86 -1.45
CA LEU C 66 -10.36 -1.73 -2.07
C LEU C 66 -8.96 -1.13 -1.91
N PRO C 67 -7.92 -1.96 -1.89
CA PRO C 67 -6.56 -1.43 -1.84
C PRO C 67 -6.30 -0.54 -3.05
N VAL C 68 -5.61 0.58 -2.80
CA VAL C 68 -5.38 1.58 -3.83
C VAL C 68 -4.29 1.07 -4.75
N ASP C 69 -4.66 0.69 -5.97
CA ASP C 69 -3.67 0.31 -6.97
C ASP C 69 -2.80 1.52 -7.30
N MET C 70 -1.49 1.33 -7.24
CA MET C 70 -0.56 2.45 -7.26
C MET C 70 0.00 2.74 -8.65
N VAL C 71 0.38 1.69 -9.38
CA VAL C 71 0.76 1.87 -10.78
C VAL C 71 -0.44 2.27 -11.61
N LEU C 72 -1.66 2.01 -11.11
CA LEU C 72 -2.87 2.47 -11.78
C LEU C 72 -2.89 3.98 -11.91
N ILE C 73 -2.69 4.68 -10.79
CA ILE C 73 -2.79 6.14 -10.78
C ILE C 73 -1.61 6.77 -11.51
N SER C 74 -0.41 6.22 -11.31
CA SER C 74 0.79 6.82 -11.90
C SER C 74 0.73 6.79 -13.43
N LEU C 75 0.39 5.64 -14.00
CA LEU C 75 0.37 5.52 -15.46
C LEU C 75 -0.72 6.37 -16.08
N CYS C 76 -1.91 6.39 -15.48
CA CYS C 76 -3.00 7.18 -16.06
C CYS C 76 -2.65 8.66 -16.06
N PHE C 77 -2.08 9.16 -14.97
CA PHE C 77 -1.64 10.55 -14.93
C PHE C 77 -0.45 10.77 -15.86
N GLY C 78 0.49 9.82 -15.88
CA GLY C 78 1.68 9.98 -16.68
C GLY C 78 1.42 9.86 -18.17
N LEU C 79 0.70 8.80 -18.57
CA LEU C 79 0.52 8.55 -20.00
C LEU C 79 -0.49 9.50 -20.62
N SER C 80 -1.44 10.02 -19.84
CA SER C 80 -2.37 11.00 -20.38
C SER C 80 -1.64 12.27 -20.82
N ILE C 81 -0.66 12.70 -20.04
CA ILE C 81 0.16 13.84 -20.44
C ILE C 81 0.91 13.53 -21.73
N ALA C 82 1.50 12.34 -21.82
CA ALA C 82 2.19 11.94 -23.04
C ALA C 82 1.22 11.87 -24.21
N THR C 83 0.00 11.37 -23.97
CA THR C 83 -1.01 11.36 -25.02
C THR C 83 -1.46 12.77 -25.39
N MET C 84 -1.63 13.63 -24.39
CA MET C 84 -2.14 14.98 -24.66
C MET C 84 -1.08 15.85 -25.33
N VAL C 85 0.19 15.67 -24.97
CA VAL C 85 1.25 16.40 -25.65
C VAL C 85 1.37 15.95 -27.11
N GLN C 86 1.21 14.64 -27.35
CA GLN C 86 1.21 14.15 -28.72
C GLN C 86 0.04 14.72 -29.51
N CYS C 87 -1.14 14.82 -28.87
CA CYS C 87 -2.33 15.28 -29.56
C CYS C 87 -2.27 16.78 -29.85
N PHE C 88 -1.89 17.58 -28.85
CA PHE C 88 -2.04 19.03 -28.91
C PHE C 88 -0.70 19.76 -28.83
N GLY C 89 0.41 19.06 -29.05
CA GLY C 89 1.71 19.71 -28.96
C GLY C 89 1.94 20.73 -30.05
N HIS C 90 1.51 20.43 -31.27
CA HIS C 90 1.74 21.30 -32.42
C HIS C 90 0.69 22.39 -32.57
N ILE C 91 -0.33 22.42 -31.71
CA ILE C 91 -1.40 23.39 -31.82
C ILE C 91 -1.24 24.53 -30.83
N SER C 92 -0.90 24.22 -29.58
CA SER C 92 -0.76 25.23 -28.54
C SER C 92 0.55 25.15 -27.78
N GLY C 93 1.40 24.17 -28.06
CA GLY C 93 2.61 23.93 -27.31
C GLY C 93 2.48 22.87 -26.24
N GLY C 94 1.25 22.50 -25.88
CA GLY C 94 1.01 21.43 -24.94
C GLY C 94 1.53 21.69 -23.53
N HIS C 95 1.27 22.88 -22.99
CA HIS C 95 1.69 23.18 -21.63
C HIS C 95 0.93 22.32 -20.62
N ILE C 96 -0.39 22.29 -20.73
CA ILE C 96 -1.27 21.44 -19.92
C ILE C 96 -0.96 21.60 -18.44
N ASN C 97 -0.46 22.76 -18.04
CA ASN C 97 -0.09 23.01 -16.66
C ASN C 97 0.11 24.51 -16.45
N PRO C 98 -0.55 25.10 -15.45
CA PRO C 98 -0.25 26.51 -15.13
C PRO C 98 1.17 26.73 -14.65
N ALA C 99 1.82 25.70 -14.09
CA ALA C 99 3.17 25.86 -13.58
C ALA C 99 4.16 26.10 -14.71
N VAL C 100 4.11 25.27 -15.75
CA VAL C 100 5.05 25.44 -16.86
C VAL C 100 4.74 26.72 -17.63
N THR C 101 3.45 27.08 -17.75
CA THR C 101 3.08 28.29 -18.46
C THR C 101 3.71 29.52 -17.83
N VAL C 102 3.80 29.55 -16.50
CA VAL C 102 4.52 30.62 -15.83
C VAL C 102 5.99 30.58 -16.16
N ALA C 103 6.56 29.37 -16.26
CA ALA C 103 7.99 29.23 -16.53
C ALA C 103 8.37 29.81 -17.89
N MET C 104 7.52 29.60 -18.91
CA MET C 104 7.80 30.20 -20.21
C MET C 104 7.79 31.72 -20.14
N VAL C 105 6.88 32.30 -19.36
CA VAL C 105 6.85 33.75 -19.19
C VAL C 105 8.12 34.22 -18.50
N CYS C 106 8.56 33.49 -17.48
CA CYS C 106 9.80 33.86 -16.79
C CYS C 106 11.00 33.76 -17.72
N THR C 107 11.02 32.78 -18.61
CA THR C 107 12.09 32.60 -19.57
C THR C 107 11.80 33.32 -20.89
N ARG C 108 10.72 34.09 -20.96
CA ARG C 108 10.36 34.89 -22.13
C ARG C 108 10.16 34.02 -23.38
N LYS C 109 9.39 32.94 -23.21
CA LYS C 109 8.98 32.12 -24.34
C LYS C 109 7.57 32.42 -24.83
N ILE C 110 6.71 32.97 -23.96
CA ILE C 110 5.39 33.44 -24.34
C ILE C 110 5.16 34.80 -23.70
N SER C 111 4.21 35.54 -24.25
CA SER C 111 3.92 36.88 -23.77
C SER C 111 3.03 36.82 -22.52
N ILE C 112 2.89 37.97 -21.86
CA ILE C 112 2.05 38.07 -20.67
C ILE C 112 0.60 37.80 -21.04
N ALA C 113 0.12 38.41 -22.13
CA ALA C 113 -1.23 38.16 -22.59
C ALA C 113 -1.43 36.72 -23.05
N LYS C 114 -0.35 36.08 -23.50
CA LYS C 114 -0.44 34.68 -23.91
C LYS C 114 -0.78 33.78 -22.73
N SER C 115 -0.17 34.04 -21.57
CA SER C 115 -0.31 33.15 -20.42
C SER C 115 -1.65 33.31 -19.70
N VAL C 116 -2.19 34.52 -19.65
CA VAL C 116 -3.44 34.74 -18.91
C VAL C 116 -4.58 33.97 -19.55
N PHE C 117 -4.57 33.82 -20.88
CA PHE C 117 -5.59 33.03 -21.55
C PHE C 117 -5.33 31.53 -21.38
N TYR C 118 -4.07 31.12 -21.37
CA TYR C 118 -3.74 29.72 -21.12
C TYR C 118 -4.14 29.30 -19.71
N ILE C 119 -3.77 30.10 -18.71
CA ILE C 119 -4.07 29.74 -17.32
C ILE C 119 -5.57 29.69 -17.10
N ALA C 120 -6.29 30.68 -17.63
CA ALA C 120 -7.75 30.68 -17.50
C ALA C 120 -8.37 29.48 -18.21
N ALA C 121 -7.89 29.16 -19.40
CA ALA C 121 -8.41 28.00 -20.12
C ALA C 121 -8.07 26.70 -19.42
N GLN C 122 -6.86 26.59 -18.86
CA GLN C 122 -6.49 25.38 -18.14
C GLN C 122 -7.34 25.20 -16.89
N CYS C 123 -7.59 26.28 -16.15
CA CYS C 123 -8.44 26.19 -14.97
C CYS C 123 -9.87 25.82 -15.34
N LEU C 124 -10.38 26.38 -16.43
CA LEU C 124 -11.73 26.05 -16.87
C LEU C 124 -11.84 24.60 -17.33
N GLY C 125 -10.79 24.09 -17.98
CA GLY C 125 -10.83 22.71 -18.43
C GLY C 125 -10.92 21.72 -17.29
N ALA C 126 -10.19 21.98 -16.20
CA ALA C 126 -10.24 21.09 -15.05
C ALA C 126 -11.61 21.15 -14.38
N ILE C 127 -12.21 22.34 -14.30
CA ILE C 127 -13.53 22.48 -13.67
C ILE C 127 -14.57 21.72 -14.46
N ILE C 128 -14.55 21.87 -15.79
CA ILE C 128 -15.47 21.12 -16.64
C ILE C 128 -15.10 19.64 -16.65
N GLY C 129 -13.79 19.34 -16.71
CA GLY C 129 -13.36 17.96 -16.75
C GLY C 129 -13.73 17.18 -15.50
N ALA C 130 -13.54 17.79 -14.33
CA ALA C 130 -13.94 17.16 -13.08
C ALA C 130 -15.46 17.22 -12.89
N GLY C 131 -16.10 18.26 -13.42
CA GLY C 131 -17.55 18.35 -13.31
C GLY C 131 -18.26 17.24 -14.05
N ILE C 132 -17.76 16.89 -15.25
CA ILE C 132 -18.34 15.79 -16.01
C ILE C 132 -18.16 14.48 -15.24
N LEU C 133 -16.99 14.27 -14.65
CA LEU C 133 -16.73 13.03 -13.92
C LEU C 133 -17.69 12.88 -12.76
N TYR C 134 -18.01 13.98 -12.07
CA TYR C 134 -18.96 13.91 -10.95
C TYR C 134 -20.33 13.46 -11.43
N LEU C 135 -20.70 13.80 -12.66
CA LEU C 135 -22.00 13.41 -13.17
C LEU C 135 -22.06 11.92 -13.51
N VAL C 136 -20.97 11.38 -14.08
CA VAL C 136 -20.98 9.99 -14.53
C VAL C 136 -20.54 9.01 -13.45
N THR C 137 -19.99 9.48 -12.35
CA THR C 137 -19.55 8.57 -11.29
C THR C 137 -20.72 8.28 -10.35
N PRO C 138 -21.00 7.01 -10.06
CA PRO C 138 -22.07 6.69 -9.11
C PRO C 138 -21.79 7.30 -7.74
N PRO C 139 -22.82 7.79 -7.05
CA PRO C 139 -22.60 8.49 -5.78
C PRO C 139 -21.92 7.64 -4.72
N SER C 140 -22.13 6.33 -4.74
CA SER C 140 -21.57 5.46 -3.71
C SER C 140 -20.05 5.31 -3.81
N VAL C 141 -19.44 5.70 -4.94
CA VAL C 141 -18.02 5.54 -5.15
C VAL C 141 -17.32 6.86 -5.46
N VAL C 142 -18.03 7.99 -5.34
CA VAL C 142 -17.42 9.29 -5.65
C VAL C 142 -16.26 9.57 -4.72
N GLY C 143 -16.49 9.43 -3.42
CA GLY C 143 -15.44 9.71 -2.45
C GLY C 143 -15.00 11.16 -2.52
N GLY C 144 -13.68 11.37 -2.55
CA GLY C 144 -13.10 12.69 -2.63
C GLY C 144 -12.96 13.26 -4.01
N LEU C 145 -13.29 12.49 -5.05
CA LEU C 145 -13.19 12.93 -6.44
C LEU C 145 -11.77 13.35 -6.81
N GLY C 146 -10.79 12.62 -6.26
CA GLY C 146 -9.40 12.85 -6.62
C GLY C 146 -8.80 14.13 -6.11
N VAL C 147 -9.36 14.73 -5.07
CA VAL C 147 -8.83 15.98 -4.54
C VAL C 147 -7.56 15.68 -3.75
N THR C 148 -6.51 16.44 -4.00
CA THR C 148 -5.21 16.18 -3.38
C THR C 148 -5.21 16.62 -1.93
N MET C 149 -4.88 15.68 -1.04
CA MET C 149 -4.75 15.92 0.40
C MET C 149 -3.34 15.60 0.86
N VAL C 150 -2.83 16.44 1.76
CA VAL C 150 -1.58 16.15 2.44
C VAL C 150 -1.83 15.04 3.46
N HIS C 151 -0.79 14.23 3.71
CA HIS C 151 -0.90 13.15 4.68
C HIS C 151 -1.21 13.71 6.05
N GLY C 152 -1.96 12.93 6.84
CA GLY C 152 -2.37 13.38 8.16
C GLY C 152 -1.20 13.64 9.08
N ASN C 153 -0.17 12.81 9.01
CA ASN C 153 1.02 12.95 9.84
C ASN C 153 2.10 13.82 9.20
N LEU C 154 1.83 14.39 8.04
CA LEU C 154 2.82 15.19 7.31
C LEU C 154 2.50 16.67 7.47
N THR C 155 3.51 17.45 7.83
CA THR C 155 3.34 18.89 7.98
C THR C 155 3.20 19.54 6.61
N ALA C 156 2.30 20.53 6.52
CA ALA C 156 2.11 21.25 5.25
C ALA C 156 3.38 21.93 4.77
N GLY C 157 4.27 22.28 5.70
CA GLY C 157 5.55 22.83 5.29
C GLY C 157 6.38 21.86 4.50
N HIS C 158 6.42 20.59 4.94
CA HIS C 158 7.07 19.56 4.15
C HIS C 158 6.29 19.24 2.88
N GLY C 159 4.97 19.45 2.90
CA GLY C 159 4.19 19.23 1.70
C GLY C 159 4.54 20.21 0.59
N LEU C 160 4.83 21.46 0.96
CA LEU C 160 5.26 22.43 -0.04
C LEU C 160 6.58 22.04 -0.66
N LEU C 161 7.51 21.52 0.16
CA LEU C 161 8.82 21.13 -0.36
C LEU C 161 8.72 19.99 -1.35
N VAL C 162 7.82 19.03 -1.10
CA VAL C 162 7.66 17.90 -2.01
C VAL C 162 7.17 18.37 -3.38
N GLU C 163 6.17 19.27 -3.38
CA GLU C 163 5.69 19.83 -4.64
C GLU C 163 6.76 20.65 -5.34
N LEU C 164 7.60 21.34 -4.57
CA LEU C 164 8.66 22.14 -5.16
C LEU C 164 9.63 21.28 -5.97
N ILE C 165 9.79 20.02 -5.59
CA ILE C 165 10.80 19.17 -6.21
C ILE C 165 10.22 18.33 -7.35
N ILE C 166 9.03 17.75 -7.15
CA ILE C 166 8.45 16.91 -8.20
C ILE C 166 8.09 17.76 -9.42
N THR C 167 7.74 19.02 -9.22
CA THR C 167 7.52 19.91 -10.36
C THR C 167 8.84 20.37 -10.96
N PHE C 168 9.90 20.46 -10.14
CA PHE C 168 11.21 20.87 -10.66
C PHE C 168 11.73 19.88 -11.68
N GLN C 169 11.61 18.58 -11.39
CA GLN C 169 12.06 17.57 -12.35
C GLN C 169 11.16 17.54 -13.58
N LEU C 170 9.89 17.88 -13.42
CA LEU C 170 8.98 17.91 -14.57
C LEU C 170 9.31 19.05 -15.51
N VAL C 171 9.50 20.26 -14.96
CA VAL C 171 9.77 21.42 -15.80
C VAL C 171 11.15 21.32 -16.44
N PHE C 172 12.13 20.79 -15.69
CA PHE C 172 13.45 20.59 -16.26
C PHE C 172 13.42 19.60 -17.42
N THR C 173 12.63 18.53 -17.28
CA THR C 173 12.50 17.57 -18.37
C THR C 173 11.86 18.22 -19.60
N ILE C 174 10.81 19.02 -19.39
CA ILE C 174 10.14 19.67 -20.50
C ILE C 174 11.08 20.64 -21.21
N PHE C 175 11.83 21.44 -20.45
CA PHE C 175 12.76 22.38 -21.06
C PHE C 175 13.88 21.65 -21.78
N ALA C 176 14.41 20.57 -21.18
CA ALA C 176 15.50 19.85 -21.82
C ALA C 176 15.03 19.09 -23.04
N SER C 177 13.83 18.50 -22.98
CA SER C 177 13.32 17.74 -24.11
C SER C 177 13.01 18.63 -25.31
N CYS C 178 12.57 19.87 -25.06
CA CYS C 178 12.16 20.79 -26.10
C CYS C 178 13.23 21.83 -26.43
N ASP C 179 14.50 21.46 -26.27
CA ASP C 179 15.61 22.37 -26.56
C ASP C 179 16.01 22.22 -28.02
N SER C 180 15.88 23.31 -28.79
CA SER C 180 16.25 23.26 -30.20
C SER C 180 17.75 23.15 -30.39
N LYS C 181 18.54 23.76 -29.49
CA LYS C 181 19.99 23.70 -29.62
C LYS C 181 20.55 22.31 -29.41
N ARG C 182 19.79 21.42 -28.77
CA ARG C 182 20.28 20.06 -28.56
C ARG C 182 20.29 19.27 -29.87
N THR C 183 21.14 18.25 -29.90
CA THR C 183 21.25 17.34 -31.03
C THR C 183 21.03 15.88 -30.65
N ASP C 184 21.45 15.49 -29.44
CA ASP C 184 21.38 14.10 -28.99
C ASP C 184 20.01 13.70 -28.47
N VAL C 185 18.96 14.46 -28.78
CA VAL C 185 17.61 14.12 -28.33
C VAL C 185 17.06 13.03 -29.23
N THR C 186 16.68 11.91 -28.63
CA THR C 186 16.14 10.77 -29.36
C THR C 186 14.85 10.31 -28.71
N GLY C 187 14.04 9.60 -29.48
CA GLY C 187 12.79 9.07 -28.96
C GLY C 187 11.68 10.10 -28.95
N SER C 188 10.56 9.69 -28.34
CA SER C 188 9.37 10.52 -28.29
C SER C 188 9.52 11.56 -27.18
N ILE C 189 9.42 12.83 -27.54
CA ILE C 189 9.50 13.91 -26.55
C ILE C 189 8.31 13.84 -25.60
N ALA C 190 7.12 13.58 -26.14
CA ALA C 190 5.93 13.49 -25.29
C ALA C 190 6.05 12.35 -24.30
N LEU C 191 6.61 11.22 -24.73
CA LEU C 191 6.76 10.08 -23.83
C LEU C 191 7.72 10.39 -22.69
N ALA C 192 8.80 11.12 -22.98
CA ALA C 192 9.72 11.52 -21.92
C ALA C 192 9.03 12.43 -20.90
N ILE C 193 8.18 13.35 -21.37
CA ILE C 193 7.42 14.21 -20.47
C ILE C 193 6.41 13.38 -19.68
N GLY C 194 5.82 12.38 -20.33
CA GLY C 194 4.84 11.56 -19.64
C GLY C 194 5.44 10.74 -18.50
N PHE C 195 6.63 10.19 -18.73
CA PHE C 195 7.28 9.39 -17.69
C PHE C 195 7.82 10.26 -16.56
N SER C 196 8.11 11.53 -16.83
CA SER C 196 8.49 12.44 -15.75
C SER C 196 7.34 12.65 -14.78
N VAL C 197 6.11 12.73 -15.29
CA VAL C 197 4.95 12.86 -14.42
C VAL C 197 4.72 11.57 -13.64
N ALA C 198 4.94 10.42 -14.28
CA ALA C 198 4.68 9.14 -13.64
C ALA C 198 5.56 8.93 -12.42
N ILE C 199 6.85 9.26 -12.52
CA ILE C 199 7.74 9.08 -11.37
C ILE C 199 7.40 10.06 -10.27
N GLY C 200 6.84 11.22 -10.61
CA GLY C 200 6.35 12.13 -9.59
C GLY C 200 5.18 11.54 -8.82
N HIS C 201 4.31 10.80 -9.52
CA HIS C 201 3.22 10.10 -8.86
C HIS C 201 3.70 8.84 -8.15
N LEU C 202 4.70 8.17 -8.70
CA LEU C 202 5.24 6.97 -8.06
C LEU C 202 5.87 7.28 -6.71
N PHE C 203 6.14 8.56 -6.44
CA PHE C 203 6.76 9.01 -5.21
C PHE C 203 5.78 9.67 -4.24
N ALA C 204 5.04 10.67 -4.69
CA ALA C 204 4.39 11.62 -3.79
C ALA C 204 2.87 11.54 -3.81
N ILE C 205 2.31 10.34 -4.01
CA ILE C 205 0.86 10.22 -3.87
C ILE C 205 0.44 10.27 -2.41
N ASN C 206 1.18 9.58 -1.54
CA ASN C 206 0.83 9.56 -0.12
C ASN C 206 1.35 10.77 0.64
N TYR C 207 2.25 11.55 0.04
CA TYR C 207 2.72 12.76 0.69
C TYR C 207 1.71 13.89 0.54
N THR C 208 1.44 14.28 -0.70
CA THR C 208 0.49 15.36 -0.97
C THR C 208 -0.47 15.04 -2.11
N GLY C 209 -0.45 13.81 -2.63
CA GLY C 209 -1.25 13.47 -3.78
C GLY C 209 -0.54 13.63 -5.12
N ALA C 210 0.68 14.17 -5.11
CA ALA C 210 1.48 14.38 -6.32
C ALA C 210 0.70 15.19 -7.36
N SER C 211 0.37 16.43 -6.97
CA SER C 211 -0.43 17.29 -7.84
C SER C 211 0.39 17.78 -9.02
N MET C 212 1.49 18.49 -8.74
CA MET C 212 2.41 19.06 -9.74
C MET C 212 1.68 19.75 -10.88
N ASN C 213 0.45 20.19 -10.63
CA ASN C 213 -0.41 20.85 -11.61
C ASN C 213 -1.44 21.67 -10.86
N PRO C 214 -1.27 22.99 -10.74
CA PRO C 214 -2.25 23.79 -10.02
C PRO C 214 -3.66 23.68 -10.59
N ALA C 215 -3.80 23.54 -11.91
CA ALA C 215 -5.13 23.35 -12.48
C ALA C 215 -5.73 22.02 -12.08
N ARG C 216 -4.91 20.96 -12.04
CA ARG C 216 -5.42 19.64 -11.68
C ARG C 216 -5.95 19.62 -10.24
N SER C 217 -5.43 20.50 -9.39
CA SER C 217 -5.93 20.61 -8.02
C SER C 217 -7.08 21.60 -7.89
N PHE C 218 -7.12 22.61 -8.77
CA PHE C 218 -8.17 23.62 -8.69
C PHE C 218 -9.52 23.05 -9.11
N GLY C 219 -9.53 22.16 -10.10
CA GLY C 219 -10.76 21.66 -10.67
C GLY C 219 -11.64 20.91 -9.69
N PRO C 220 -11.18 19.75 -9.21
CA PRO C 220 -11.99 19.00 -8.24
C PRO C 220 -12.24 19.74 -6.95
N ALA C 221 -11.34 20.66 -6.55
CA ALA C 221 -11.57 21.45 -5.35
C ALA C 221 -12.79 22.35 -5.51
N VAL C 222 -12.96 22.97 -6.68
CA VAL C 222 -14.13 23.80 -6.94
C VAL C 222 -15.39 22.95 -6.90
N ILE C 223 -15.36 21.77 -7.52
CA ILE C 223 -16.56 20.94 -7.64
C ILE C 223 -17.00 20.41 -6.28
N MET C 224 -16.05 19.88 -5.50
CA MET C 224 -16.37 19.27 -4.22
C MET C 224 -16.34 20.26 -3.06
N GLY C 225 -15.87 21.48 -3.28
CA GLY C 225 -15.85 22.47 -2.22
C GLY C 225 -14.83 22.20 -1.13
N ASN C 226 -13.79 21.43 -1.43
CA ASN C 226 -12.73 21.13 -0.48
C ASN C 226 -11.54 22.02 -0.80
N TRP C 227 -11.09 22.78 0.19
CA TRP C 227 -10.12 23.85 -0.02
C TRP C 227 -9.01 23.80 1.04
N GLU C 228 -8.62 22.61 1.46
CA GLU C 228 -7.66 22.44 2.55
C GLU C 228 -6.24 22.41 2.00
N ASN C 229 -5.39 23.28 2.53
CA ASN C 229 -3.99 23.39 2.12
C ASN C 229 -3.86 23.58 0.61
N HIS C 230 -4.79 24.34 0.04
CA HIS C 230 -4.79 24.55 -1.41
C HIS C 230 -3.69 25.49 -1.87
N TRP C 231 -3.14 26.30 -0.98
CA TRP C 231 -2.12 27.25 -1.38
C TRP C 231 -0.80 26.55 -1.70
N ILE C 232 -0.52 25.41 -1.07
CA ILE C 232 0.71 24.69 -1.37
C ILE C 232 0.68 24.09 -2.76
N TYR C 233 -0.49 23.98 -3.38
CA TYR C 233 -0.62 23.41 -4.71
C TYR C 233 -0.52 24.46 -5.81
N TRP C 234 -0.48 25.74 -5.44
CA TRP C 234 -0.16 26.83 -6.36
C TRP C 234 1.22 27.40 -6.12
N VAL C 235 1.55 27.68 -4.85
CA VAL C 235 2.88 28.21 -4.53
C VAL C 235 3.95 27.16 -4.80
N GLY C 236 3.64 25.89 -4.52
CA GLY C 236 4.60 24.82 -4.66
C GLY C 236 5.09 24.62 -6.09
N PRO C 237 4.20 24.17 -6.97
CA PRO C 237 4.62 23.94 -8.37
C PRO C 237 5.18 25.16 -9.06
N ILE C 238 4.66 26.36 -8.78
CA ILE C 238 5.14 27.55 -9.45
C ILE C 238 6.58 27.85 -9.06
N ILE C 239 6.91 27.73 -7.78
CA ILE C 239 8.28 27.96 -7.34
C ILE C 239 9.22 26.93 -7.96
N GLY C 240 8.80 25.66 -7.98
CA GLY C 240 9.60 24.63 -8.63
C GLY C 240 9.75 24.85 -10.11
N ALA C 241 8.70 25.37 -10.77
CA ALA C 241 8.77 25.63 -12.20
C ALA C 241 9.74 26.76 -12.52
N VAL C 242 9.65 27.86 -11.76
CA VAL C 242 10.51 29.01 -12.01
C VAL C 242 11.96 28.65 -11.73
N LEU C 243 12.21 27.88 -10.67
CA LEU C 243 13.57 27.44 -10.37
C LEU C 243 14.12 26.55 -11.48
N ALA C 244 13.30 25.63 -12.00
CA ALA C 244 13.75 24.73 -13.05
C ALA C 244 13.99 25.47 -14.36
N GLY C 245 13.09 26.38 -14.72
CA GLY C 245 13.27 27.13 -15.95
C GLY C 245 14.46 28.06 -15.91
N GLY C 246 14.66 28.76 -14.78
CA GLY C 246 15.78 29.66 -14.67
C GLY C 246 17.12 28.94 -14.66
N LEU C 247 17.19 27.81 -13.97
CA LEU C 247 18.44 27.06 -13.91
C LEU C 247 18.85 26.55 -15.28
N TYR C 248 17.90 26.03 -16.04
CA TYR C 248 18.23 25.50 -17.37
C TYR C 248 18.60 26.61 -18.34
N GLU C 249 17.79 27.67 -18.39
CA GLU C 249 17.96 28.69 -19.41
C GLU C 249 19.13 29.62 -19.13
N TYR C 250 19.42 29.91 -17.86
CA TYR C 250 20.37 30.95 -17.52
C TYR C 250 21.64 30.43 -16.84
N VAL C 251 21.72 29.14 -16.52
CA VAL C 251 22.91 28.61 -15.86
C VAL C 251 23.50 27.47 -16.68
N PHE C 252 22.69 26.45 -16.96
CA PHE C 252 23.21 25.25 -17.60
C PHE C 252 23.42 25.44 -19.10
N CYS C 253 22.40 25.95 -19.80
CA CYS C 253 22.47 26.16 -21.24
C CYS C 253 22.06 27.60 -21.55
N PRO C 254 22.95 28.57 -21.33
CA PRO C 254 22.65 29.97 -21.59
C PRO C 254 22.78 30.33 -23.08
N GLN D 32 -3.35 -8.32 -56.10
CA GLN D 32 -4.17 -7.16 -55.79
C GLN D 32 -3.93 -6.69 -54.36
N ALA D 33 -3.52 -5.42 -54.22
CA ALA D 33 -3.27 -4.87 -52.89
C ALA D 33 -4.56 -4.70 -52.09
N PHE D 34 -5.71 -4.64 -52.76
CA PHE D 34 -6.97 -4.52 -52.03
C PHE D 34 -7.25 -5.74 -51.19
N TRP D 35 -7.06 -6.93 -51.75
CA TRP D 35 -7.33 -8.16 -51.01
C TRP D 35 -6.35 -8.35 -49.86
N LYS D 36 -5.09 -7.92 -50.05
CA LYS D 36 -4.11 -8.01 -48.96
C LYS D 36 -4.50 -7.12 -47.79
N ALA D 37 -5.01 -5.92 -48.08
CA ALA D 37 -5.38 -4.98 -47.02
C ALA D 37 -6.54 -5.53 -46.19
N VAL D 38 -7.56 -6.09 -46.84
CA VAL D 38 -8.71 -6.62 -46.11
C VAL D 38 -8.30 -7.83 -45.27
N THR D 39 -7.47 -8.71 -45.83
CA THR D 39 -6.99 -9.86 -45.07
C THR D 39 -6.16 -9.42 -43.87
N ALA D 40 -5.31 -8.41 -44.05
CA ALA D 40 -4.53 -7.90 -42.93
C ALA D 40 -5.43 -7.31 -41.85
N GLU D 41 -6.50 -6.62 -42.25
CA GLU D 41 -7.46 -6.09 -41.29
C GLU D 41 -8.14 -7.22 -40.52
N PHE D 42 -8.52 -8.30 -41.22
CA PHE D 42 -9.14 -9.43 -40.54
C PHE D 42 -8.18 -10.11 -39.57
N LEU D 43 -6.93 -10.32 -39.99
CA LEU D 43 -6.00 -11.07 -39.16
C LEU D 43 -5.51 -10.23 -37.98
N ALA D 44 -5.21 -8.96 -38.20
CA ALA D 44 -4.76 -8.10 -37.11
C ALA D 44 -5.87 -7.91 -36.08
N MET D 45 -7.10 -7.74 -36.54
CA MET D 45 -8.22 -7.52 -35.63
C MET D 45 -8.53 -8.80 -34.87
N LEU D 46 -8.33 -9.96 -35.51
CA LEU D 46 -8.57 -11.24 -34.86
C LEU D 46 -7.62 -11.47 -33.70
N ILE D 47 -6.32 -11.26 -33.91
CA ILE D 47 -5.34 -11.51 -32.86
C ILE D 47 -5.57 -10.58 -31.67
N PHE D 48 -6.11 -9.39 -31.93
CA PHE D 48 -6.23 -8.39 -30.87
C PHE D 48 -7.14 -8.88 -29.75
N VAL D 49 -8.29 -9.46 -30.09
CA VAL D 49 -9.19 -9.98 -29.05
C VAL D 49 -8.61 -11.24 -28.42
N LEU D 50 -7.92 -12.07 -29.19
CA LEU D 50 -7.40 -13.32 -28.63
C LEU D 50 -6.44 -13.05 -27.48
N LEU D 51 -5.54 -12.09 -27.65
CA LEU D 51 -4.64 -11.74 -26.56
C LEU D 51 -5.32 -10.86 -25.51
N SER D 52 -6.10 -9.88 -25.95
CA SER D 52 -6.67 -8.91 -25.00
C SER D 52 -7.80 -9.52 -24.17
N LEU D 53 -8.71 -10.24 -24.81
CA LEU D 53 -9.82 -10.84 -24.06
C LEU D 53 -9.33 -12.00 -23.20
N GLY D 54 -8.22 -12.64 -23.59
CA GLY D 54 -7.64 -13.66 -22.74
C GLY D 54 -7.10 -13.10 -21.43
N SER D 55 -6.57 -11.88 -21.47
CA SER D 55 -6.02 -11.28 -20.27
C SER D 55 -7.08 -10.89 -19.25
N THR D 56 -8.32 -10.67 -19.69
CA THR D 56 -9.39 -10.30 -18.78
C THR D 56 -10.04 -11.49 -18.09
N ILE D 57 -9.61 -12.71 -18.42
CA ILE D 57 -10.19 -13.90 -17.81
C ILE D 57 -9.80 -13.97 -16.35
N ASN D 58 -10.80 -14.15 -15.48
CA ASN D 58 -10.57 -14.28 -14.04
C ASN D 58 -10.34 -15.74 -13.72
N TRP D 59 -9.09 -16.10 -13.45
CA TRP D 59 -8.73 -17.49 -13.20
C TRP D 59 -9.12 -17.98 -11.82
N GLY D 60 -9.59 -17.10 -10.95
CA GLY D 60 -10.11 -17.55 -9.66
C GLY D 60 -11.43 -18.29 -9.77
N GLY D 61 -12.13 -18.13 -10.89
CA GLY D 61 -13.39 -18.81 -11.08
C GLY D 61 -14.54 -18.15 -10.32
N THR D 62 -15.69 -18.81 -10.37
CA THR D 62 -16.87 -18.34 -9.65
C THR D 62 -16.85 -18.75 -8.19
N GLU D 63 -15.95 -19.62 -7.77
CA GLU D 63 -15.87 -20.02 -6.37
C GLU D 63 -15.15 -18.98 -5.53
N LYS D 64 -13.88 -18.71 -5.85
CA LYS D 64 -13.06 -17.73 -5.15
C LYS D 64 -12.45 -16.79 -6.17
N PRO D 65 -13.22 -15.82 -6.68
CA PRO D 65 -12.69 -14.90 -7.69
C PRO D 65 -11.50 -14.12 -7.17
N LEU D 66 -10.50 -13.95 -8.01
CA LEU D 66 -9.33 -13.16 -7.67
C LEU D 66 -9.61 -11.68 -7.89
N PRO D 67 -8.94 -10.80 -7.16
CA PRO D 67 -9.05 -9.37 -7.45
C PRO D 67 -8.62 -9.07 -8.87
N VAL D 68 -9.36 -8.19 -9.54
CA VAL D 68 -9.13 -7.91 -10.95
C VAL D 68 -7.90 -7.03 -11.09
N ASP D 69 -6.86 -7.55 -11.73
CA ASP D 69 -5.63 -6.80 -11.97
C ASP D 69 -5.92 -5.77 -13.05
N MET D 70 -5.91 -4.50 -12.66
CA MET D 70 -6.43 -3.45 -13.54
C MET D 70 -5.39 -2.99 -14.54
N VAL D 71 -4.13 -2.92 -14.11
CA VAL D 71 -3.03 -2.59 -15.02
C VAL D 71 -2.81 -3.72 -16.03
N LEU D 72 -3.09 -4.96 -15.62
CA LEU D 72 -2.94 -6.09 -16.52
C LEU D 72 -3.85 -5.96 -17.74
N ILE D 73 -5.11 -5.58 -17.52
CA ILE D 73 -6.06 -5.50 -18.62
C ILE D 73 -5.73 -4.33 -19.54
N SER D 74 -5.36 -3.20 -18.96
CA SER D 74 -5.08 -2.01 -19.77
C SER D 74 -3.86 -2.19 -20.64
N LEU D 75 -2.77 -2.71 -20.07
CA LEU D 75 -1.54 -2.88 -20.85
C LEU D 75 -1.73 -3.90 -21.97
N CYS D 76 -2.41 -5.01 -21.68
CA CYS D 76 -2.65 -6.00 -22.73
C CYS D 76 -3.50 -5.42 -23.84
N PHE D 77 -4.54 -4.67 -23.50
CA PHE D 77 -5.33 -3.98 -24.52
C PHE D 77 -4.53 -2.87 -25.19
N GLY D 78 -3.80 -2.09 -24.39
CA GLY D 78 -3.07 -0.96 -24.96
C GLY D 78 -1.91 -1.39 -25.85
N LEU D 79 -1.10 -2.32 -25.37
CA LEU D 79 0.09 -2.73 -26.12
C LEU D 79 -0.23 -3.64 -27.29
N SER D 80 -1.35 -4.36 -27.25
CA SER D 80 -1.73 -5.17 -28.41
C SER D 80 -2.01 -4.28 -29.62
N ILE D 81 -2.68 -3.14 -29.40
CA ILE D 81 -2.91 -2.20 -30.49
C ILE D 81 -1.59 -1.66 -31.01
N ALA D 82 -0.67 -1.31 -30.10
CA ALA D 82 0.63 -0.81 -30.51
C ALA D 82 1.39 -1.87 -31.29
N THR D 83 1.29 -3.12 -30.87
CA THR D 83 1.97 -4.20 -31.60
C THR D 83 1.35 -4.42 -32.98
N MET D 84 0.02 -4.38 -33.07
CA MET D 84 -0.64 -4.68 -34.33
C MET D 84 -0.54 -3.54 -35.33
N VAL D 85 -0.43 -2.30 -34.85
CA VAL D 85 -0.16 -1.19 -35.77
C VAL D 85 1.24 -1.31 -36.35
N GLN D 86 2.21 -1.72 -35.52
CA GLN D 86 3.56 -1.95 -36.02
C GLN D 86 3.59 -3.07 -37.04
N CYS D 87 2.85 -4.15 -36.79
CA CYS D 87 2.87 -5.31 -37.69
C CYS D 87 2.19 -5.01 -39.01
N PHE D 88 1.00 -4.41 -38.95
CA PHE D 88 0.13 -4.31 -40.11
C PHE D 88 -0.15 -2.86 -40.54
N GLY D 89 0.62 -1.89 -40.03
CA GLY D 89 0.40 -0.52 -40.42
C GLY D 89 0.68 -0.25 -41.88
N HIS D 90 1.70 -0.89 -42.42
CA HIS D 90 2.12 -0.67 -43.81
C HIS D 90 1.37 -1.54 -44.80
N ILE D 91 0.50 -2.42 -44.35
CA ILE D 91 -0.22 -3.33 -45.23
C ILE D 91 -1.66 -2.88 -45.45
N SER D 92 -2.33 -2.39 -44.40
CA SER D 92 -3.71 -1.96 -44.51
C SER D 92 -3.99 -0.62 -43.85
N GLY D 93 -3.03 -0.03 -43.15
CA GLY D 93 -3.23 1.17 -42.39
C GLY D 93 -3.45 0.94 -40.91
N GLY D 94 -3.78 -0.27 -40.51
CA GLY D 94 -3.91 -0.60 -39.10
C GLY D 94 -5.03 0.12 -38.38
N HIS D 95 -6.22 0.18 -38.98
CA HIS D 95 -7.35 0.80 -38.32
C HIS D 95 -7.75 0.00 -37.08
N ILE D 96 -7.98 -1.30 -37.25
CA ILE D 96 -8.21 -2.26 -36.16
C ILE D 96 -9.37 -1.76 -35.30
N ASN D 97 -10.31 -1.06 -35.92
CA ASN D 97 -11.44 -0.50 -35.20
C ASN D 97 -12.50 -0.03 -36.21
N PRO D 98 -13.76 -0.45 -36.05
CA PRO D 98 -14.81 0.12 -36.91
C PRO D 98 -15.02 1.61 -36.69
N ALA D 99 -14.73 2.11 -35.49
CA ALA D 99 -14.97 3.53 -35.20
C ALA D 99 -14.04 4.42 -36.02
N VAL D 100 -12.73 4.10 -36.05
CA VAL D 100 -11.79 4.94 -36.78
C VAL D 100 -12.04 4.82 -38.28
N THR D 101 -12.41 3.62 -38.74
CA THR D 101 -12.67 3.42 -40.17
C THR D 101 -13.79 4.33 -40.65
N VAL D 102 -14.83 4.50 -39.84
CA VAL D 102 -15.89 5.45 -40.18
C VAL D 102 -15.35 6.86 -40.25
N ALA D 103 -14.41 7.21 -39.34
CA ALA D 103 -13.87 8.56 -39.31
C ALA D 103 -13.13 8.90 -40.59
N MET D 104 -12.39 7.95 -41.15
CA MET D 104 -11.67 8.22 -42.39
C MET D 104 -12.63 8.49 -43.54
N VAL D 105 -13.76 7.77 -43.58
CA VAL D 105 -14.76 8.03 -44.61
C VAL D 105 -15.35 9.43 -44.43
N CYS D 106 -15.61 9.83 -43.18
CA CYS D 106 -16.12 11.17 -42.92
C CYS D 106 -15.10 12.23 -43.35
N THR D 107 -13.81 11.97 -43.12
CA THR D 107 -12.74 12.86 -43.53
C THR D 107 -12.21 12.54 -44.93
N ARG D 108 -12.88 11.63 -45.65
CA ARG D 108 -12.55 11.30 -47.04
C ARG D 108 -11.10 10.86 -47.19
N LYS D 109 -10.67 9.95 -46.32
CA LYS D 109 -9.36 9.33 -46.45
C LYS D 109 -9.42 7.97 -47.10
N ILE D 110 -10.51 7.23 -46.97
CA ILE D 110 -10.72 5.96 -47.63
C ILE D 110 -12.08 5.99 -48.34
N SER D 111 -12.23 5.10 -49.30
CA SER D 111 -13.43 5.07 -50.12
C SER D 111 -14.58 4.36 -49.39
N ILE D 112 -15.78 4.50 -49.96
CA ILE D 112 -16.95 3.82 -49.39
C ILE D 112 -16.80 2.32 -49.50
N ALA D 113 -16.36 1.83 -50.65
CA ALA D 113 -16.16 0.40 -50.84
C ALA D 113 -15.08 -0.15 -49.92
N LYS D 114 -14.05 0.66 -49.62
CA LYS D 114 -13.01 0.23 -48.70
C LYS D 114 -13.56 0.03 -47.29
N SER D 115 -14.46 0.91 -46.86
CA SER D 115 -14.96 0.85 -45.49
C SER D 115 -15.80 -0.38 -45.24
N VAL D 116 -16.69 -0.74 -46.19
CA VAL D 116 -17.59 -1.86 -45.96
C VAL D 116 -16.83 -3.17 -45.87
N PHE D 117 -15.73 -3.31 -46.63
CA PHE D 117 -14.90 -4.49 -46.51
C PHE D 117 -14.04 -4.45 -45.26
N TYR D 118 -13.61 -3.26 -44.84
CA TYR D 118 -12.86 -3.13 -43.60
C TYR D 118 -13.72 -3.51 -42.40
N ILE D 119 -14.93 -2.97 -42.32
CA ILE D 119 -15.78 -3.20 -41.16
C ILE D 119 -16.23 -4.67 -41.09
N ALA D 120 -16.59 -5.24 -42.25
CA ALA D 120 -17.00 -6.64 -42.26
C ALA D 120 -15.86 -7.56 -41.84
N ALA D 121 -14.65 -7.29 -42.32
CA ALA D 121 -13.50 -8.10 -41.93
C ALA D 121 -13.20 -7.95 -40.44
N GLN D 122 -13.31 -6.73 -39.91
CA GLN D 122 -13.07 -6.50 -38.49
C GLN D 122 -14.12 -7.20 -37.63
N CYS D 123 -15.39 -7.16 -38.05
CA CYS D 123 -16.44 -7.86 -37.30
C CYS D 123 -16.22 -9.37 -37.34
N LEU D 124 -15.82 -9.90 -38.51
CA LEU D 124 -15.55 -11.33 -38.61
C LEU D 124 -14.31 -11.71 -37.82
N GLY D 125 -13.31 -10.83 -37.78
CA GLY D 125 -12.09 -11.13 -37.04
C GLY D 125 -12.34 -11.30 -35.56
N ALA D 126 -13.19 -10.46 -34.98
CA ALA D 126 -13.50 -10.58 -33.56
C ALA D 126 -14.27 -11.85 -33.26
N ILE D 127 -15.23 -12.21 -34.12
CA ILE D 127 -16.04 -13.40 -33.88
C ILE D 127 -15.18 -14.66 -33.89
N ILE D 128 -14.29 -14.76 -34.88
CA ILE D 128 -13.38 -15.91 -34.92
C ILE D 128 -12.38 -15.84 -33.78
N GLY D 129 -11.85 -14.65 -33.50
CA GLY D 129 -10.87 -14.52 -32.43
C GLY D 129 -11.45 -14.82 -31.06
N ALA D 130 -12.67 -14.36 -30.81
CA ALA D 130 -13.33 -14.68 -29.54
C ALA D 130 -13.76 -16.14 -29.50
N GLY D 131 -14.15 -16.70 -30.64
CA GLY D 131 -14.52 -18.11 -30.67
C GLY D 131 -13.37 -19.03 -30.31
N ILE D 132 -12.16 -18.69 -30.77
CA ILE D 132 -10.98 -19.48 -30.42
C ILE D 132 -10.73 -19.44 -28.92
N LEU D 133 -10.86 -18.25 -28.32
CA LEU D 133 -10.63 -18.11 -26.89
C LEU D 133 -11.61 -18.94 -26.09
N TYR D 134 -12.87 -19.00 -26.54
CA TYR D 134 -13.87 -19.81 -25.85
C TYR D 134 -13.47 -21.28 -25.88
N LEU D 135 -12.94 -21.76 -27.00
CA LEU D 135 -12.55 -23.16 -27.11
C LEU D 135 -11.37 -23.50 -26.21
N VAL D 136 -10.38 -22.59 -26.11
CA VAL D 136 -9.16 -22.88 -25.37
C VAL D 136 -9.25 -22.53 -23.90
N THR D 137 -10.30 -21.84 -23.47
CA THR D 137 -10.42 -21.47 -22.06
C THR D 137 -11.20 -22.54 -21.30
N PRO D 138 -10.71 -22.99 -20.14
CA PRO D 138 -11.46 -23.98 -19.35
C PRO D 138 -12.82 -23.43 -18.96
N PRO D 139 -13.86 -24.29 -18.98
CA PRO D 139 -15.22 -23.80 -18.73
C PRO D 139 -15.40 -23.17 -17.36
N SER D 140 -14.64 -23.60 -16.35
CA SER D 140 -14.81 -23.07 -15.00
C SER D 140 -14.33 -21.63 -14.86
N VAL D 141 -13.56 -21.12 -15.81
CA VAL D 141 -13.01 -19.77 -15.73
C VAL D 141 -13.43 -18.90 -16.90
N VAL D 142 -14.31 -19.40 -17.77
CA VAL D 142 -14.74 -18.61 -18.92
C VAL D 142 -15.44 -17.34 -18.47
N GLY D 143 -16.41 -17.47 -17.57
CA GLY D 143 -17.15 -16.30 -17.11
C GLY D 143 -17.89 -15.63 -18.25
N GLY D 144 -17.76 -14.32 -18.32
CA GLY D 144 -18.41 -13.52 -19.35
C GLY D 144 -17.67 -13.41 -20.65
N LEU D 145 -16.46 -13.97 -20.74
CA LEU D 145 -15.65 -13.92 -21.96
C LEU D 145 -15.36 -12.48 -22.38
N GLY D 146 -15.16 -11.61 -21.41
CA GLY D 146 -14.75 -10.24 -21.69
C GLY D 146 -15.83 -9.36 -22.30
N VAL D 147 -17.10 -9.72 -22.16
CA VAL D 147 -18.17 -8.93 -22.74
C VAL D 147 -18.34 -7.63 -21.96
N THR D 148 -18.39 -6.51 -22.67
CA THR D 148 -18.49 -5.22 -22.02
C THR D 148 -19.88 -4.99 -21.43
N MET D 149 -19.94 -4.57 -20.17
CA MET D 149 -21.18 -4.27 -19.48
C MET D 149 -21.11 -2.92 -18.79
N VAL D 150 -22.24 -2.22 -18.79
CA VAL D 150 -22.36 -1.01 -17.99
C VAL D 150 -22.50 -1.38 -16.52
N HIS D 151 -21.96 -0.55 -15.64
CA HIS D 151 -22.04 -0.82 -14.22
C HIS D 151 -23.49 -0.86 -13.75
N GLY D 152 -23.75 -1.70 -12.75
CA GLY D 152 -25.11 -1.88 -12.28
C GLY D 152 -25.73 -0.59 -11.75
N ASN D 153 -24.94 0.21 -11.05
CA ASN D 153 -25.40 1.49 -10.52
C ASN D 153 -25.31 2.63 -11.52
N LEU D 154 -24.81 2.37 -12.73
CA LEU D 154 -24.59 3.39 -13.74
C LEU D 154 -25.66 3.28 -14.81
N THR D 155 -26.29 4.42 -15.13
CA THR D 155 -27.32 4.45 -16.15
C THR D 155 -26.71 4.33 -17.54
N ALA D 156 -27.40 3.62 -18.43
CA ALA D 156 -26.91 3.47 -19.81
C ALA D 156 -26.76 4.81 -20.50
N GLY D 157 -27.54 5.81 -20.09
CA GLY D 157 -27.37 7.14 -20.65
C GLY D 157 -26.01 7.74 -20.35
N HIS D 158 -25.53 7.54 -19.12
CA HIS D 158 -24.17 7.96 -18.79
C HIS D 158 -23.14 7.03 -19.42
N GLY D 159 -23.53 5.79 -19.71
CA GLY D 159 -22.62 4.87 -20.36
C GLY D 159 -22.25 5.30 -21.77
N LEU D 160 -23.23 5.85 -22.50
CA LEU D 160 -22.94 6.36 -23.84
C LEU D 160 -21.94 7.49 -23.79
N LEU D 161 -22.10 8.41 -22.83
CA LEU D 161 -21.19 9.54 -22.72
C LEU D 161 -19.77 9.09 -22.41
N VAL D 162 -19.62 8.10 -21.53
CA VAL D 162 -18.29 7.63 -21.15
C VAL D 162 -17.56 7.04 -22.35
N GLU D 163 -18.25 6.19 -23.12
CA GLU D 163 -17.64 5.60 -24.30
C GLU D 163 -17.40 6.63 -25.40
N LEU D 164 -18.22 7.67 -25.44
CA LEU D 164 -18.04 8.72 -26.44
C LEU D 164 -16.71 9.43 -26.26
N ILE D 165 -16.35 9.74 -25.02
CA ILE D 165 -15.16 10.55 -24.76
C ILE D 165 -13.88 9.76 -24.95
N ILE D 166 -13.83 8.51 -24.46
CA ILE D 166 -12.61 7.74 -24.54
C ILE D 166 -12.26 7.40 -25.98
N THR D 167 -13.27 7.25 -26.85
CA THR D 167 -12.98 7.06 -28.26
C THR D 167 -12.56 8.37 -28.93
N PHE D 168 -13.03 9.51 -28.40
CA PHE D 168 -12.65 10.80 -28.95
C PHE D 168 -11.16 11.04 -28.81
N GLN D 169 -10.59 10.71 -27.65
CA GLN D 169 -9.15 10.90 -27.46
C GLN D 169 -8.34 9.88 -28.24
N LEU D 170 -8.92 8.70 -28.51
CA LEU D 170 -8.22 7.71 -29.32
C LEU D 170 -8.14 8.14 -30.78
N VAL D 171 -9.25 8.59 -31.35
CA VAL D 171 -9.26 8.98 -32.75
C VAL D 171 -8.45 10.25 -32.96
N PHE D 172 -8.51 11.18 -32.01
CA PHE D 172 -7.72 12.40 -32.11
C PHE D 172 -6.22 12.08 -32.10
N THR D 173 -5.80 11.14 -31.25
CA THR D 173 -4.40 10.74 -31.22
C THR D 173 -3.98 10.10 -32.54
N ILE D 174 -4.83 9.24 -33.10
CA ILE D 174 -4.50 8.58 -34.37
C ILE D 174 -4.38 9.61 -35.49
N PHE D 175 -5.32 10.56 -35.55
CA PHE D 175 -5.25 11.60 -36.57
C PHE D 175 -4.03 12.49 -36.37
N ALA D 176 -3.73 12.86 -35.11
CA ALA D 176 -2.58 13.72 -34.85
C ALA D 176 -1.26 12.99 -35.12
N SER D 177 -1.17 11.72 -34.73
CA SER D 177 0.08 10.99 -34.90
C SER D 177 0.36 10.68 -36.37
N CYS D 178 -0.68 10.55 -37.19
CA CYS D 178 -0.53 10.17 -38.59
C CYS D 178 -0.71 11.35 -39.53
N ASP D 179 -0.43 12.57 -39.07
CA ASP D 179 -0.55 13.76 -39.89
C ASP D 179 0.74 13.99 -40.67
N SER D 180 0.64 14.04 -41.99
CA SER D 180 1.82 14.25 -42.82
C SER D 180 2.34 15.67 -42.70
N LYS D 181 1.45 16.65 -42.53
CA LYS D 181 1.88 18.04 -42.45
C LYS D 181 2.69 18.34 -41.20
N ARG D 182 2.55 17.54 -40.14
CA ARG D 182 3.33 17.76 -38.93
C ARG D 182 4.80 17.46 -39.18
N THR D 183 5.66 18.23 -38.50
CA THR D 183 7.08 18.00 -38.53
C THR D 183 7.70 17.73 -37.16
N ASP D 184 6.91 17.86 -36.09
CA ASP D 184 7.39 17.67 -34.72
C ASP D 184 7.06 16.30 -34.17
N VAL D 185 6.55 15.39 -35.00
CA VAL D 185 6.20 14.05 -34.54
C VAL D 185 7.48 13.24 -34.38
N THR D 186 7.75 12.81 -33.15
CA THR D 186 8.92 12.01 -32.83
C THR D 186 8.48 10.76 -32.07
N GLY D 187 9.35 9.76 -32.08
CA GLY D 187 9.05 8.51 -31.43
C GLY D 187 8.19 7.59 -32.26
N SER D 188 7.74 6.51 -31.63
CA SER D 188 6.96 5.48 -32.32
C SER D 188 5.50 5.91 -32.41
N ILE D 189 4.98 5.98 -33.63
CA ILE D 189 3.57 6.34 -33.81
C ILE D 189 2.67 5.26 -33.24
N ALA D 190 3.01 3.98 -33.46
CA ALA D 190 2.19 2.90 -32.94
C ALA D 190 2.14 2.91 -31.43
N LEU D 191 3.27 3.22 -30.78
CA LEU D 191 3.30 3.25 -29.32
C LEU D 191 2.41 4.36 -28.77
N ALA D 192 2.39 5.52 -29.46
CA ALA D 192 1.51 6.60 -29.03
C ALA D 192 0.05 6.22 -29.14
N ILE D 193 -0.31 5.48 -30.21
CA ILE D 193 -1.67 4.99 -30.35
C ILE D 193 -1.97 3.95 -29.29
N GLY D 194 -0.99 3.11 -28.96
CA GLY D 194 -1.21 2.09 -27.95
C GLY D 194 -1.46 2.66 -26.57
N PHE D 195 -0.71 3.68 -26.19
CA PHE D 195 -0.91 4.29 -24.87
C PHE D 195 -2.20 5.07 -24.78
N SER D 196 -2.73 5.55 -25.91
CA SER D 196 -4.04 6.19 -25.90
C SER D 196 -5.13 5.19 -25.53
N VAL D 197 -5.01 3.95 -26.01
CA VAL D 197 -5.96 2.90 -25.64
C VAL D 197 -5.79 2.54 -24.17
N ALA D 198 -4.55 2.50 -23.69
CA ALA D 198 -4.29 2.08 -22.31
C ALA D 198 -4.93 3.04 -21.31
N ILE D 199 -4.81 4.34 -21.54
CA ILE D 199 -5.44 5.29 -20.62
C ILE D 199 -6.95 5.27 -20.76
N GLY D 200 -7.47 4.93 -21.95
CA GLY D 200 -8.89 4.72 -22.08
C GLY D 200 -9.38 3.54 -21.26
N HIS D 201 -8.58 2.47 -21.22
CA HIS D 201 -8.89 1.36 -20.33
C HIS D 201 -8.57 1.69 -18.88
N LEU D 202 -7.56 2.53 -18.65
CA LEU D 202 -7.17 2.89 -17.30
C LEU D 202 -8.24 3.72 -16.60
N PHE D 203 -9.24 4.20 -17.33
CA PHE D 203 -10.34 5.00 -16.81
C PHE D 203 -11.65 4.25 -16.71
N ALA D 204 -12.11 3.64 -17.81
CA ALA D 204 -13.49 3.23 -17.96
C ALA D 204 -13.67 1.71 -17.99
N ILE D 205 -12.87 0.97 -17.21
CA ILE D 205 -13.12 -0.47 -17.08
C ILE D 205 -14.42 -0.71 -16.30
N ASN D 206 -14.61 0.02 -15.20
CA ASN D 206 -15.77 -0.20 -14.35
C ASN D 206 -16.99 0.56 -14.79
N TYR D 207 -16.84 1.49 -15.74
CA TYR D 207 -17.96 2.32 -16.17
C TYR D 207 -18.76 1.62 -17.27
N THR D 208 -18.10 1.32 -18.38
CA THR D 208 -18.74 0.65 -19.50
C THR D 208 -17.93 -0.54 -20.01
N GLY D 209 -16.83 -0.89 -19.37
CA GLY D 209 -15.92 -1.89 -19.87
C GLY D 209 -14.82 -1.35 -20.76
N ALA D 210 -14.84 -0.05 -21.07
CA ALA D 210 -13.82 0.60 -21.90
C ALA D 210 -13.67 -0.11 -23.25
N SER D 211 -14.79 -0.25 -23.95
CA SER D 211 -14.77 -0.95 -25.23
C SER D 211 -14.05 -0.12 -26.28
N MET D 212 -14.60 1.06 -26.60
CA MET D 212 -14.00 2.00 -27.56
C MET D 212 -13.71 1.35 -28.92
N ASN D 213 -14.28 0.17 -29.15
CA ASN D 213 -14.05 -0.63 -30.35
C ASN D 213 -15.29 -1.46 -30.60
N PRO D 214 -16.16 -1.05 -31.53
CA PRO D 214 -17.38 -1.83 -31.77
C PRO D 214 -17.13 -3.27 -32.16
N ALA D 215 -16.05 -3.55 -32.90
CA ALA D 215 -15.73 -4.94 -33.21
C ALA D 215 -15.36 -5.72 -31.96
N ARG D 216 -14.60 -5.09 -31.05
CA ARG D 216 -14.19 -5.77 -29.83
C ARG D 216 -15.39 -6.15 -28.97
N SER D 217 -16.50 -5.40 -29.08
CA SER D 217 -17.71 -5.72 -28.36
C SER D 217 -18.60 -6.69 -29.12
N PHE D 218 -18.59 -6.64 -30.45
CA PHE D 218 -19.46 -7.50 -31.24
C PHE D 218 -19.04 -8.96 -31.15
N GLY D 219 -17.74 -9.22 -31.08
CA GLY D 219 -17.21 -10.57 -31.10
C GLY D 219 -17.69 -11.45 -29.96
N PRO D 220 -17.26 -11.13 -28.73
CA PRO D 220 -17.71 -11.94 -27.58
C PRO D 220 -19.22 -11.92 -27.37
N ALA D 221 -19.90 -10.83 -27.76
CA ALA D 221 -21.35 -10.77 -27.61
C ALA D 221 -22.03 -11.82 -28.49
N VAL D 222 -21.54 -11.99 -29.73
CA VAL D 222 -22.12 -13.00 -30.61
C VAL D 222 -21.87 -14.39 -30.05
N ILE D 223 -20.65 -14.66 -29.57
CA ILE D 223 -20.31 -15.99 -29.09
C ILE D 223 -21.12 -16.35 -27.85
N MET D 224 -21.22 -15.42 -26.90
CA MET D 224 -21.92 -15.67 -25.65
C MET D 224 -23.40 -15.38 -25.72
N GLY D 225 -23.88 -14.77 -26.81
CA GLY D 225 -25.29 -14.47 -26.93
C GLY D 225 -25.80 -13.38 -26.02
N ASN D 226 -24.91 -12.63 -25.38
CA ASN D 226 -25.29 -11.56 -24.48
C ASN D 226 -25.37 -10.27 -25.28
N TRP D 227 -26.52 -9.60 -25.22
CA TRP D 227 -26.81 -8.44 -26.07
C TRP D 227 -27.38 -7.30 -25.25
N GLU D 228 -26.85 -7.08 -24.04
CA GLU D 228 -27.39 -6.09 -23.12
C GLU D 228 -26.70 -4.75 -23.34
N ASN D 229 -27.50 -3.72 -23.67
CA ASN D 229 -26.99 -2.37 -23.91
C ASN D 229 -25.89 -2.37 -24.97
N HIS D 230 -26.05 -3.22 -25.98
CA HIS D 230 -25.04 -3.32 -27.02
C HIS D 230 -25.04 -2.13 -27.97
N TRP D 231 -26.15 -1.39 -28.05
CA TRP D 231 -26.23 -0.28 -28.98
C TRP D 231 -25.32 0.87 -28.56
N ILE D 232 -25.02 1.00 -27.26
CA ILE D 232 -24.18 2.10 -26.81
C ILE D 232 -22.72 1.90 -27.23
N TYR D 233 -22.34 0.69 -27.60
CA TYR D 233 -20.98 0.41 -28.03
C TYR D 233 -20.80 0.55 -29.54
N TRP D 234 -21.88 0.81 -30.27
CA TRP D 234 -21.81 1.22 -31.68
C TRP D 234 -22.09 2.70 -31.85
N VAL D 235 -23.17 3.19 -31.26
CA VAL D 235 -23.50 4.62 -31.35
C VAL D 235 -22.46 5.45 -30.63
N GLY D 236 -21.96 4.96 -29.50
CA GLY D 236 -21.03 5.70 -28.69
C GLY D 236 -19.71 5.98 -29.38
N PRO D 237 -18.91 4.93 -29.62
CA PRO D 237 -17.60 5.14 -30.25
C PRO D 237 -17.66 5.79 -31.62
N ILE D 238 -18.71 5.53 -32.40
CA ILE D 238 -18.78 6.12 -33.74
C ILE D 238 -19.01 7.63 -33.66
N ILE D 239 -19.88 8.07 -32.75
CA ILE D 239 -20.09 9.51 -32.58
C ILE D 239 -18.82 10.18 -32.07
N GLY D 240 -18.11 9.54 -31.13
CA GLY D 240 -16.85 10.07 -30.67
C GLY D 240 -15.80 10.11 -31.77
N ALA D 241 -15.81 9.13 -32.67
CA ALA D 241 -14.84 9.12 -33.77
C ALA D 241 -15.12 10.22 -34.78
N VAL D 242 -16.40 10.40 -35.14
CA VAL D 242 -16.75 11.43 -36.11
C VAL D 242 -16.43 12.82 -35.57
N LEU D 243 -16.71 13.05 -34.29
CA LEU D 243 -16.39 14.33 -33.68
C LEU D 243 -14.89 14.58 -33.67
N ALA D 244 -14.11 13.56 -33.35
CA ALA D 244 -12.66 13.74 -33.28
C ALA D 244 -12.04 13.92 -34.66
N GLY D 245 -12.48 13.12 -35.64
CA GLY D 245 -11.94 13.25 -36.98
C GLY D 245 -12.32 14.57 -37.64
N GLY D 246 -13.58 14.98 -37.49
CA GLY D 246 -14.02 16.22 -38.10
C GLY D 246 -13.37 17.45 -37.48
N LEU D 247 -13.21 17.44 -36.16
CA LEU D 247 -12.64 18.60 -35.48
C LEU D 247 -11.20 18.84 -35.92
N TYR D 248 -10.40 17.77 -36.02
CA TYR D 248 -9.00 17.94 -36.38
C TYR D 248 -8.86 18.35 -37.84
N GLU D 249 -9.54 17.65 -38.74
CA GLU D 249 -9.35 17.86 -40.17
C GLU D 249 -10.00 19.14 -40.68
N TYR D 250 -10.97 19.70 -39.96
CA TYR D 250 -11.74 20.82 -40.48
C TYR D 250 -11.67 22.07 -39.59
N VAL D 251 -11.13 21.98 -38.39
CA VAL D 251 -11.08 23.14 -37.50
C VAL D 251 -9.64 23.41 -37.08
N PHE D 252 -8.98 22.39 -36.52
CA PHE D 252 -7.65 22.59 -35.95
C PHE D 252 -6.57 22.64 -37.04
N CYS D 253 -6.53 21.63 -37.91
CA CYS D 253 -5.54 21.54 -38.97
C CYS D 253 -6.24 21.28 -40.29
N PRO D 254 -6.85 22.32 -40.89
CA PRO D 254 -7.58 22.17 -42.15
C PRO D 254 -6.67 22.12 -43.37
N ASP E 1 -19.81 -1.93 13.79
CA ASP E 1 -18.52 -2.03 14.48
C ASP E 1 -18.07 -3.48 14.58
N ILE E 2 -16.91 -3.68 15.21
CA ILE E 2 -16.35 -5.00 15.43
C ILE E 2 -16.23 -5.21 16.93
N GLN E 3 -16.98 -6.19 17.45
CA GLN E 3 -16.98 -6.48 18.87
C GLN E 3 -15.99 -7.60 19.16
N MET E 4 -15.14 -7.38 20.17
CA MET E 4 -14.08 -8.32 20.51
C MET E 4 -14.36 -8.89 21.90
N THR E 5 -14.57 -10.19 21.96
CA THR E 5 -14.90 -10.88 23.21
C THR E 5 -13.77 -11.81 23.61
N GLN E 6 -13.42 -11.77 24.89
CA GLN E 6 -12.34 -12.58 25.44
C GLN E 6 -12.90 -13.75 26.23
N SER E 7 -12.11 -14.82 26.30
CA SER E 7 -12.48 -15.99 27.07
C SER E 7 -11.20 -16.66 27.54
N PRO E 8 -11.13 -17.09 28.80
CA PRO E 8 -12.16 -16.97 29.85
C PRO E 8 -12.15 -15.59 30.48
N SER E 9 -13.19 -15.24 31.26
CA SER E 9 -13.21 -13.95 31.93
C SER E 9 -12.08 -13.84 32.94
N ALA E 10 -11.81 -14.92 33.68
CA ALA E 10 -10.71 -14.95 34.63
C ALA E 10 -10.25 -16.40 34.78
N LEU E 11 -8.95 -16.59 34.88
CA LEU E 11 -8.37 -17.92 34.99
C LEU E 11 -7.34 -17.95 36.12
N SER E 12 -7.15 -19.13 36.69
CA SER E 12 -6.22 -19.35 37.79
C SER E 12 -5.07 -20.22 37.32
N ALA E 13 -3.87 -19.89 37.79
CA ALA E 13 -2.68 -20.63 37.38
C ALA E 13 -1.60 -20.48 38.44
N SER E 14 -0.64 -21.40 38.40
CA SER E 14 0.50 -21.39 39.29
C SER E 14 1.75 -20.93 38.54
N VAL E 15 2.76 -20.54 39.31
CA VAL E 15 4.02 -20.09 38.71
C VAL E 15 4.67 -21.24 37.97
N GLY E 16 5.07 -21.00 36.72
CA GLY E 16 5.64 -22.02 35.88
C GLY E 16 4.65 -22.76 35.00
N ASP E 17 3.35 -22.49 35.13
CA ASP E 17 2.35 -23.13 34.30
C ASP E 17 2.27 -22.44 32.94
N THR E 18 1.65 -23.14 31.99
CA THR E 18 1.42 -22.62 30.64
C THR E 18 -0.09 -22.41 30.47
N VAL E 19 -0.47 -21.18 30.14
CA VAL E 19 -1.87 -20.80 30.00
C VAL E 19 -2.07 -20.10 28.67
N THR E 20 -3.32 -20.13 28.19
CA THR E 20 -3.68 -19.49 26.94
C THR E 20 -5.04 -18.83 27.09
N ILE E 21 -5.18 -17.64 26.52
CA ILE E 21 -6.44 -16.91 26.51
C ILE E 21 -6.80 -16.61 25.06
N THR E 22 -8.10 -16.45 24.81
CA THR E 22 -8.63 -16.36 23.45
C THR E 22 -9.40 -15.06 23.27
N CYS E 23 -9.18 -14.41 22.13
CA CYS E 23 -9.91 -13.22 21.74
C CYS E 23 -10.70 -13.52 20.47
N ARG E 24 -12.00 -13.25 20.50
CA ARG E 24 -12.90 -13.55 19.40
C ARG E 24 -13.41 -12.26 18.78
N ALA E 25 -13.26 -12.14 17.46
CA ALA E 25 -13.71 -10.97 16.73
C ALA E 25 -15.01 -11.28 16.00
N SER E 26 -15.89 -10.27 15.92
CA SER E 26 -17.17 -10.47 15.25
C SER E 26 -16.98 -10.76 13.77
N GLN E 27 -16.09 -10.03 13.11
CA GLN E 27 -15.76 -10.23 11.71
C GLN E 27 -14.26 -10.40 11.55
N SER E 28 -13.84 -10.78 10.35
CA SER E 28 -12.43 -11.01 10.09
C SER E 28 -11.65 -9.70 10.14
N ILE E 29 -10.53 -9.71 10.85
CA ILE E 29 -9.67 -8.54 10.97
C ILE E 29 -8.24 -8.95 10.64
N ARG E 30 -8.09 -10.11 10.01
CA ARG E 30 -6.81 -10.76 9.71
C ARG E 30 -5.78 -10.57 10.82
N SER E 31 -4.54 -10.22 10.47
CA SER E 31 -3.46 -10.14 11.44
C SER E 31 -3.38 -8.80 12.15
N TRP E 32 -4.49 -8.05 12.21
CA TRP E 32 -4.51 -6.74 12.88
C TRP E 32 -5.07 -6.94 14.28
N LEU E 33 -4.18 -7.31 15.21
CA LEU E 33 -4.55 -7.52 16.60
C LEU E 33 -3.42 -7.07 17.50
N ALA E 34 -3.78 -6.59 18.70
CA ALA E 34 -2.81 -6.14 19.68
C ALA E 34 -3.19 -6.68 21.06
N TRP E 35 -2.16 -6.90 21.89
CA TRP E 35 -2.32 -7.40 23.24
C TRP E 35 -1.66 -6.45 24.22
N TYR E 36 -2.28 -6.28 25.39
CA TYR E 36 -1.79 -5.37 26.41
C TYR E 36 -1.82 -6.06 27.77
N GLN E 37 -0.88 -5.66 28.63
CA GLN E 37 -0.81 -6.13 30.01
C GLN E 37 -0.95 -4.94 30.94
N GLN E 38 -1.91 -5.01 31.86
CA GLN E 38 -2.18 -3.93 32.78
C GLN E 38 -2.25 -4.47 34.20
N LYS E 39 -1.55 -3.83 35.11
CA LYS E 39 -1.59 -4.11 36.53
C LYS E 39 -2.38 -3.02 37.25
N PRO E 40 -2.98 -3.33 38.40
CA PRO E 40 -3.85 -2.35 39.06
C PRO E 40 -3.12 -1.04 39.35
N GLY E 41 -3.77 0.07 39.01
CA GLY E 41 -3.20 1.38 39.23
C GLY E 41 -2.08 1.76 38.29
N LYS E 42 -1.93 1.05 37.17
CA LYS E 42 -0.85 1.31 36.24
C LYS E 42 -1.38 1.33 34.81
N ALA E 43 -0.66 2.03 33.95
CA ALA E 43 -1.04 2.12 32.55
C ALA E 43 -0.80 0.79 31.85
N PRO E 44 -1.60 0.46 30.83
CA PRO E 44 -1.39 -0.78 30.08
C PRO E 44 -0.05 -0.79 29.36
N LYS E 45 0.50 -1.99 29.20
CA LYS E 45 1.79 -2.18 28.55
C LYS E 45 1.59 -3.05 27.32
N LEU E 46 2.12 -2.59 26.19
CA LEU E 46 1.96 -3.32 24.93
C LEU E 46 2.87 -4.53 24.90
N LEU E 47 2.31 -5.68 24.50
CA LEU E 47 3.06 -6.91 24.36
C LEU E 47 3.17 -7.36 22.91
N ILE E 48 2.03 -7.53 22.24
CA ILE E 48 1.97 -8.15 20.91
C ILE E 48 1.30 -7.18 19.95
N TYR E 49 1.92 -6.99 18.78
CA TYR E 49 1.27 -6.38 17.64
C TYR E 49 1.43 -7.32 16.46
N LYS E 50 0.56 -7.16 15.46
CA LYS E 50 0.45 -8.06 14.30
C LYS E 50 -0.02 -9.45 14.69
N ALA E 51 -0.41 -9.66 15.96
CA ALA E 51 -0.97 -10.90 16.47
C ALA E 51 0.07 -12.00 16.58
N SER E 52 1.28 -11.78 16.07
CA SER E 52 2.36 -12.75 16.21
C SER E 52 3.71 -12.13 16.48
N ASP E 53 3.83 -10.80 16.49
CA ASP E 53 5.10 -10.13 16.71
C ASP E 53 5.19 -9.63 18.13
N LEU E 54 6.40 -9.74 18.70
CA LEU E 54 6.64 -9.37 20.09
C LEU E 54 7.26 -7.97 20.14
N GLN E 55 6.65 -7.11 20.94
CA GLN E 55 7.19 -5.77 21.14
C GLN E 55 8.54 -5.84 21.84
N SER E 56 9.44 -4.93 21.47
CA SER E 56 10.78 -4.93 22.03
C SER E 56 10.73 -4.69 23.54
N GLY E 57 11.62 -5.37 24.26
CA GLY E 57 11.65 -5.30 25.70
C GLY E 57 10.72 -6.24 26.41
N VAL E 58 9.95 -7.04 25.69
CA VAL E 58 9.00 -8.00 26.28
C VAL E 58 9.66 -9.37 26.31
N PRO E 59 9.57 -10.10 27.41
CA PRO E 59 10.15 -11.44 27.45
C PRO E 59 9.52 -12.36 26.42
N SER E 60 10.32 -13.30 25.92
CA SER E 60 9.90 -14.18 24.84
C SER E 60 8.87 -15.21 25.29
N ARG E 61 8.60 -15.34 26.59
CA ARG E 61 7.62 -16.31 27.05
C ARG E 61 6.23 -16.01 26.52
N PHE E 62 5.93 -14.75 26.24
CA PHE E 62 4.66 -14.38 25.62
C PHE E 62 4.68 -14.73 24.15
N SER E 63 3.63 -15.43 23.69
CA SER E 63 3.52 -15.80 22.29
C SER E 63 2.07 -15.65 21.84
N GLY E 64 1.87 -15.04 20.68
CA GLY E 64 0.54 -14.89 20.11
C GLY E 64 0.40 -15.63 18.80
N SER E 65 -0.82 -15.98 18.43
CA SER E 65 -1.07 -16.70 17.19
C SER E 65 -2.51 -16.46 16.77
N GLY E 66 -2.88 -17.05 15.64
CA GLY E 66 -4.23 -16.93 15.12
C GLY E 66 -4.36 -15.82 14.08
N SER E 67 -5.40 -15.93 13.27
CA SER E 67 -5.69 -14.93 12.26
C SER E 67 -7.17 -14.99 11.91
N GLY E 68 -7.67 -13.91 11.33
CA GLY E 68 -9.06 -13.86 10.96
C GLY E 68 -9.96 -13.45 12.10
N THR E 69 -10.62 -14.44 12.72
CA THR E 69 -11.48 -14.20 13.87
C THR E 69 -11.02 -14.89 15.15
N ASP E 70 -10.15 -15.89 15.05
CA ASP E 70 -9.71 -16.65 16.21
C ASP E 70 -8.27 -16.28 16.54
N PHE E 71 -8.06 -15.76 17.74
CA PHE E 71 -6.74 -15.37 18.21
C PHE E 71 -6.51 -15.93 19.60
N THR E 72 -5.31 -16.47 19.84
CA THR E 72 -4.94 -17.04 21.12
C THR E 72 -3.61 -16.46 21.58
N LEU E 73 -3.57 -15.95 22.80
CA LEU E 73 -2.33 -15.52 23.43
C LEU E 73 -1.92 -16.55 24.46
N THR E 74 -0.69 -17.03 24.35
CA THR E 74 -0.18 -18.11 25.19
C THR E 74 1.06 -17.64 25.94
N ILE E 75 1.14 -18.01 27.22
CA ILE E 75 2.32 -17.78 28.04
C ILE E 75 2.97 -19.12 28.29
N SER E 76 4.24 -19.26 27.92
CA SER E 76 4.93 -20.54 28.06
C SER E 76 5.26 -20.82 29.53
N GLY E 77 6.09 -19.98 30.13
CA GLY E 77 6.44 -20.14 31.53
C GLY E 77 5.95 -19.00 32.39
N LEU E 78 4.98 -19.27 33.26
CA LEU E 78 4.41 -18.22 34.10
C LEU E 78 5.45 -17.75 35.12
N GLN E 79 5.37 -16.48 35.46
CA GLN E 79 6.27 -15.82 36.39
C GLN E 79 5.44 -15.01 37.37
N PRO E 80 6.00 -14.69 38.55
CA PRO E 80 5.26 -13.84 39.49
C PRO E 80 4.91 -12.48 38.92
N ASP E 81 5.72 -11.97 37.99
CA ASP E 81 5.42 -10.71 37.34
C ASP E 81 4.24 -10.84 36.37
N ASP E 82 3.98 -12.06 35.89
CA ASP E 82 3.01 -12.27 34.81
C ASP E 82 1.56 -12.18 35.27
N PHE E 83 1.30 -12.09 36.57
CA PHE E 83 -0.08 -12.05 37.07
C PHE E 83 -0.63 -10.64 36.90
N ALA E 84 -1.41 -10.44 35.84
CA ALA E 84 -2.00 -9.14 35.54
C ALA E 84 -3.27 -9.37 34.73
N THR E 85 -3.80 -8.29 34.16
CA THR E 85 -4.99 -8.35 33.32
C THR E 85 -4.59 -8.09 31.88
N TYR E 86 -5.05 -8.94 30.98
CA TYR E 86 -4.65 -8.91 29.57
C TYR E 86 -5.84 -8.52 28.69
N TYR E 87 -5.60 -7.59 27.77
CA TYR E 87 -6.61 -7.10 26.86
C TYR E 87 -6.16 -7.34 25.42
N CYS E 88 -7.12 -7.64 24.55
CA CYS E 88 -6.87 -7.77 23.13
C CYS E 88 -7.46 -6.56 22.41
N GLN E 89 -6.68 -5.96 21.52
CA GLN E 89 -7.07 -4.73 20.85
C GLN E 89 -7.13 -4.95 19.34
N HIS E 90 -8.08 -4.27 18.72
CA HIS E 90 -8.36 -4.35 17.30
C HIS E 90 -7.97 -3.04 16.63
N TYR E 91 -7.23 -3.14 15.52
CA TYR E 91 -6.84 -1.94 14.79
C TYR E 91 -6.94 -2.14 13.28
N ASN E 92 -7.80 -3.06 12.83
CA ASN E 92 -8.03 -3.21 11.40
C ASN E 92 -8.74 -1.99 10.82
N SER E 93 -9.77 -1.51 11.50
CA SER E 93 -10.54 -0.38 11.02
C SER E 93 -11.06 0.42 12.21
N TYR E 94 -11.31 1.71 11.96
CA TYR E 94 -11.89 2.56 13.00
C TYR E 94 -13.37 2.21 13.20
N PRO E 95 -13.87 2.31 14.44
CA PRO E 95 -13.14 2.67 15.68
C PRO E 95 -12.37 1.50 16.26
N TYR E 96 -11.22 1.75 16.90
CA TYR E 96 -10.45 0.70 17.52
C TYR E 96 -11.12 0.25 18.81
N THR E 97 -11.25 -1.06 18.99
CA THR E 97 -11.96 -1.63 20.13
C THR E 97 -11.07 -2.59 20.89
N PHE E 98 -11.15 -2.53 22.22
CA PHE E 98 -10.44 -3.45 23.09
C PHE E 98 -11.34 -4.64 23.45
N GLY E 99 -10.73 -5.64 24.06
CA GLY E 99 -11.48 -6.76 24.60
C GLY E 99 -12.09 -6.44 25.94
N GLN E 100 -12.82 -7.42 26.49
CA GLN E 100 -13.44 -7.24 27.78
C GLN E 100 -12.49 -7.49 28.94
N GLY E 101 -11.27 -7.98 28.67
CA GLY E 101 -10.28 -8.16 29.70
C GLY E 101 -10.32 -9.51 30.38
N THR E 102 -9.16 -10.15 30.51
CA THR E 102 -9.04 -11.43 31.19
C THR E 102 -8.02 -11.28 32.31
N LYS E 103 -8.40 -11.71 33.51
CA LYS E 103 -7.58 -11.55 34.70
C LYS E 103 -6.91 -12.87 35.05
N VAL E 104 -5.61 -12.82 35.32
CA VAL E 104 -4.83 -13.99 35.71
C VAL E 104 -4.60 -13.92 37.22
N GLU E 105 -4.92 -15.01 37.92
CA GLU E 105 -4.87 -15.04 39.37
C GLU E 105 -4.05 -16.24 39.83
N ILE E 106 -3.42 -16.09 41.00
CA ILE E 106 -2.57 -17.14 41.54
C ILE E 106 -3.43 -18.33 41.99
N ARG E 107 -2.92 -19.53 41.79
CA ARG E 107 -3.61 -20.76 42.14
C ARG E 107 -3.13 -21.26 43.49
N ARG E 108 -4.08 -21.66 44.34
CA ARG E 108 -3.77 -22.21 45.65
C ARG E 108 -4.90 -23.16 46.06
N THR E 109 -4.70 -23.82 47.20
CA THR E 109 -5.68 -24.80 47.67
C THR E 109 -6.97 -24.11 48.09
N VAL E 110 -8.06 -24.87 48.06
CA VAL E 110 -9.37 -24.34 48.44
C VAL E 110 -9.37 -24.06 49.94
N ALA E 111 -10.00 -22.95 50.33
CA ALA E 111 -10.06 -22.54 51.71
C ALA E 111 -11.51 -22.34 52.15
N ALA E 112 -11.76 -22.60 53.42
CA ALA E 112 -13.09 -22.43 54.01
C ALA E 112 -13.21 -21.04 54.61
N PRO E 113 -14.22 -20.26 54.23
CA PRO E 113 -14.36 -18.91 54.78
C PRO E 113 -14.72 -18.93 56.26
N SER E 114 -14.30 -17.88 56.95
CA SER E 114 -14.73 -17.62 58.33
C SER E 114 -15.82 -16.56 58.29
N VAL E 115 -16.99 -16.91 58.82
CA VAL E 115 -18.18 -16.06 58.72
C VAL E 115 -18.43 -15.42 60.08
N PHE E 116 -18.43 -14.09 60.11
CA PHE E 116 -18.76 -13.32 61.29
C PHE E 116 -19.79 -12.26 60.91
N ILE E 117 -20.83 -12.12 61.72
CA ILE E 117 -21.89 -11.14 61.49
C ILE E 117 -21.89 -10.15 62.65
N PHE E 118 -21.94 -8.87 62.32
CA PHE E 118 -21.86 -7.80 63.32
C PHE E 118 -23.15 -7.01 63.36
N PRO E 119 -23.88 -7.02 64.48
CA PRO E 119 -25.12 -6.23 64.54
C PRO E 119 -24.82 -4.75 64.49
N PRO E 120 -25.74 -3.94 63.96
CA PRO E 120 -25.52 -2.49 63.93
C PRO E 120 -25.44 -1.92 65.33
N SER E 121 -24.58 -0.92 65.50
CA SER E 121 -24.38 -0.30 66.80
C SER E 121 -25.57 0.60 67.15
N ASP E 122 -25.78 0.78 68.45
CA ASP E 122 -26.87 1.64 68.91
C ASP E 122 -26.64 3.10 68.53
N GLU E 123 -25.37 3.51 68.45
CA GLU E 123 -25.08 4.89 68.05
C GLU E 123 -25.52 5.15 66.62
N GLN E 124 -25.48 4.13 65.76
CA GLN E 124 -26.02 4.27 64.41
C GLN E 124 -27.53 4.46 64.41
N LEU E 125 -28.22 3.84 65.37
CA LEU E 125 -29.68 3.94 65.44
C LEU E 125 -30.15 5.37 65.70
N LYS E 126 -29.31 6.20 66.32
CA LYS E 126 -29.68 7.59 66.53
C LYS E 126 -29.71 8.38 65.22
N SER E 127 -29.13 7.85 64.15
CA SER E 127 -29.11 8.51 62.87
C SER E 127 -30.27 8.08 61.97
N GLY E 128 -31.14 7.20 62.45
CA GLY E 128 -32.28 6.76 61.67
C GLY E 128 -31.98 5.75 60.59
N THR E 129 -30.77 5.21 60.54
CA THR E 129 -30.37 4.24 59.54
C THR E 129 -29.73 3.04 60.22
N ALA E 130 -30.01 1.85 59.71
CA ALA E 130 -29.47 0.61 60.26
C ALA E 130 -28.76 -0.15 59.16
N SER E 131 -27.50 -0.49 59.40
CA SER E 131 -26.70 -1.27 58.46
C SER E 131 -26.08 -2.44 59.19
N VAL E 132 -26.25 -3.65 58.65
CA VAL E 132 -25.67 -4.86 59.22
C VAL E 132 -24.67 -5.43 58.23
N VAL E 133 -23.53 -5.90 58.75
CA VAL E 133 -22.43 -6.40 57.94
C VAL E 133 -22.05 -7.78 58.45
N CYS E 134 -21.97 -8.75 57.54
CA CYS E 134 -21.42 -10.06 57.86
C CYS E 134 -20.21 -10.31 56.96
N LEU E 135 -19.15 -10.85 57.56
CA LEU E 135 -17.83 -10.91 56.95
C LEU E 135 -17.48 -12.34 56.54
N LEU E 136 -16.99 -12.47 55.31
CA LEU E 136 -16.40 -13.72 54.82
C LEU E 136 -14.90 -13.47 54.67
N ASN E 137 -14.10 -14.08 55.53
CA ASN E 137 -12.68 -13.75 55.63
C ASN E 137 -11.83 -14.94 55.21
N ASN E 138 -10.84 -14.68 54.36
CA ASN E 138 -9.81 -15.65 53.97
C ASN E 138 -10.44 -16.90 53.34
N PHE E 139 -11.09 -16.69 52.20
CA PHE E 139 -11.70 -17.77 51.45
C PHE E 139 -11.14 -17.83 50.04
N TYR E 140 -10.86 -19.04 49.57
CA TYR E 140 -10.37 -19.29 48.22
C TYR E 140 -11.15 -20.47 47.65
N PRO E 141 -11.58 -20.38 46.38
CA PRO E 141 -11.36 -19.29 45.41
C PRO E 141 -12.37 -18.16 45.48
N ARG E 142 -12.44 -17.40 44.38
CA ARG E 142 -13.28 -16.21 44.33
C ARG E 142 -14.77 -16.53 44.42
N GLU E 143 -15.19 -17.67 43.87
CA GLU E 143 -16.62 -17.96 43.76
C GLU E 143 -17.25 -18.03 45.14
N ALA E 144 -18.22 -17.13 45.38
CA ALA E 144 -18.96 -17.11 46.63
C ALA E 144 -20.27 -16.37 46.40
N LYS E 145 -21.22 -16.59 47.30
CA LYS E 145 -22.52 -15.95 47.20
C LYS E 145 -23.05 -15.66 48.61
N VAL E 146 -23.74 -14.54 48.76
CA VAL E 146 -24.32 -14.13 50.03
C VAL E 146 -25.81 -13.92 49.84
N GLN E 147 -26.61 -14.56 50.70
CA GLN E 147 -28.07 -14.39 50.71
C GLN E 147 -28.48 -13.94 52.09
N TRP E 148 -29.19 -12.81 52.16
CA TRP E 148 -29.63 -12.25 53.42
C TRP E 148 -31.01 -12.79 53.78
N LYS E 149 -31.13 -13.34 54.99
CA LYS E 149 -32.38 -13.88 55.49
C LYS E 149 -32.91 -12.99 56.61
N VAL E 150 -34.17 -12.61 56.52
CA VAL E 150 -34.82 -11.72 57.48
C VAL E 150 -36.06 -12.43 57.98
N ASP E 151 -35.99 -12.97 59.19
CA ASP E 151 -37.12 -13.67 59.83
C ASP E 151 -37.69 -14.74 58.90
N ASN E 152 -36.81 -15.58 58.38
CA ASN E 152 -37.12 -16.65 57.44
C ASN E 152 -37.67 -16.14 56.11
N ALA E 153 -37.55 -14.83 55.85
CA ALA E 153 -37.97 -14.24 54.59
C ALA E 153 -36.77 -13.60 53.91
N LEU E 154 -36.51 -13.99 52.67
CA LEU E 154 -35.36 -13.47 51.94
C LEU E 154 -35.56 -12.01 51.59
N GLN E 155 -34.48 -11.23 51.73
CA GLN E 155 -34.47 -9.83 51.35
C GLN E 155 -33.32 -9.59 50.38
N SER E 156 -33.61 -8.93 49.26
CA SER E 156 -32.61 -8.69 48.24
C SER E 156 -32.92 -7.38 47.53
N GLY E 157 -31.90 -6.84 46.87
CA GLY E 157 -32.02 -5.59 46.14
C GLY E 157 -31.49 -4.37 46.86
N ASN E 158 -31.16 -4.50 48.14
CA ASN E 158 -30.62 -3.40 48.94
C ASN E 158 -29.35 -3.85 49.65
N SER E 159 -28.46 -4.52 48.92
CA SER E 159 -27.21 -5.02 49.47
C SER E 159 -26.05 -4.55 48.61
N GLN E 160 -24.97 -4.11 49.26
CA GLN E 160 -23.76 -3.69 48.58
C GLN E 160 -22.59 -4.47 49.15
N GLU E 161 -21.76 -5.03 48.27
CA GLU E 161 -20.65 -5.87 48.68
C GLU E 161 -19.37 -5.40 48.02
N SER E 162 -18.25 -5.63 48.72
CA SER E 162 -16.92 -5.30 48.21
C SER E 162 -15.98 -6.46 48.51
N VAL E 163 -15.11 -6.77 47.55
CA VAL E 163 -14.20 -7.90 47.66
C VAL E 163 -12.78 -7.41 47.45
N THR E 164 -11.87 -7.83 48.32
CA THR E 164 -10.48 -7.46 48.20
C THR E 164 -9.81 -8.23 47.06
N GLU E 165 -8.54 -7.96 46.84
CA GLU E 165 -7.76 -8.62 45.81
C GLU E 165 -6.99 -9.79 46.42
N GLN E 166 -6.09 -10.37 45.64
CA GLN E 166 -5.27 -11.47 46.12
C GLN E 166 -4.40 -11.02 47.27
N ASP E 167 -4.37 -11.81 48.35
CA ASP E 167 -3.55 -11.49 49.50
C ASP E 167 -2.07 -11.63 49.15
N SER E 168 -1.26 -10.70 49.67
CA SER E 168 0.17 -10.72 49.40
C SER E 168 0.91 -11.80 50.16
N LYS E 169 0.30 -12.40 51.19
CA LYS E 169 0.94 -13.40 52.01
C LYS E 169 0.45 -14.81 51.73
N SER E 171 -2.72 -15.32 49.69
CA SER E 171 -3.43 -15.20 48.41
C SER E 171 -4.85 -15.76 48.45
N THR E 172 -5.56 -15.56 49.57
CA THR E 172 -6.99 -15.75 49.60
C THR E 172 -7.69 -14.45 49.23
N TYR E 173 -9.01 -14.41 49.43
CA TYR E 173 -9.81 -13.21 49.21
C TYR E 173 -10.47 -12.81 50.52
N SER E 174 -11.35 -11.81 50.44
CA SER E 174 -12.14 -11.38 51.58
C SER E 174 -13.37 -10.64 51.05
N LEU E 175 -14.54 -10.98 51.59
CA LEU E 175 -15.80 -10.41 51.13
C LEU E 175 -16.54 -9.80 52.29
N SER E 176 -17.12 -8.62 52.06
CA SER E 176 -17.97 -7.95 53.04
C SER E 176 -19.24 -7.50 52.35
N SER E 177 -20.39 -7.79 52.96
CA SER E 177 -21.68 -7.42 52.42
C SER E 177 -22.42 -6.54 53.43
N THR E 178 -23.01 -5.45 52.94
CA THR E 178 -23.72 -4.50 53.78
C THR E 178 -25.20 -4.51 53.41
N LEU E 179 -26.05 -4.74 54.40
CA LEU E 179 -27.50 -4.74 54.23
C LEU E 179 -28.03 -3.48 54.92
N THR E 180 -28.40 -2.49 54.14
CA THR E 180 -28.87 -1.20 54.66
C THR E 180 -30.38 -1.13 54.63
N LEU E 181 -30.96 -0.59 55.69
CA LEU E 181 -32.40 -0.39 55.79
C LEU E 181 -32.67 0.70 56.82
N SER E 182 -33.88 1.26 56.74
CA SER E 182 -34.26 2.34 57.64
C SER E 182 -34.40 1.83 59.07
N LYS E 183 -34.39 2.78 60.01
CA LYS E 183 -34.53 2.43 61.42
C LYS E 183 -35.89 1.78 61.69
N ALA E 184 -36.94 2.27 61.03
CA ALA E 184 -38.26 1.69 61.22
C ALA E 184 -38.30 0.22 60.79
N ASP E 185 -37.63 -0.10 59.68
CA ASP E 185 -37.56 -1.50 59.24
C ASP E 185 -36.77 -2.34 60.23
N TYR E 186 -35.73 -1.77 60.85
CA TYR E 186 -34.98 -2.50 61.87
C TYR E 186 -35.85 -2.84 63.06
N GLU E 187 -36.69 -1.90 63.50
CA GLU E 187 -37.46 -2.09 64.72
C GLU E 187 -38.55 -3.14 64.56
N LYS E 188 -39.00 -3.42 63.35
CA LYS E 188 -40.12 -4.34 63.14
C LYS E 188 -39.66 -5.77 62.86
N HIS E 189 -38.35 -6.03 62.89
CA HIS E 189 -37.81 -7.38 62.82
C HIS E 189 -36.96 -7.66 64.04
N LYS E 190 -36.67 -8.94 64.26
CA LYS E 190 -35.92 -9.34 65.45
C LYS E 190 -34.68 -10.18 65.11
N VAL E 191 -34.78 -11.00 64.06
CA VAL E 191 -33.71 -11.93 63.71
C VAL E 191 -33.22 -11.60 62.31
N TYR E 192 -31.91 -11.50 62.15
CA TYR E 192 -31.27 -11.29 60.86
C TYR E 192 -30.17 -12.31 60.67
N ALA E 193 -29.94 -12.68 59.42
CA ALA E 193 -28.90 -13.64 59.09
C ALA E 193 -28.52 -13.50 57.62
N CYS E 194 -27.27 -13.82 57.30
CA CYS E 194 -26.81 -13.89 55.92
C CYS E 194 -26.35 -15.32 55.65
N GLU E 195 -26.76 -15.85 54.50
CA GLU E 195 -26.46 -17.22 54.12
C GLU E 195 -25.37 -17.21 53.06
N VAL E 196 -24.28 -17.94 53.32
CA VAL E 196 -23.15 -18.02 52.40
C VAL E 196 -22.76 -19.49 52.25
N THR E 197 -22.56 -19.93 51.01
CA THR E 197 -22.04 -21.25 50.73
C THR E 197 -20.79 -21.13 49.89
N HIS E 198 -19.86 -22.05 50.09
CA HIS E 198 -18.58 -22.03 49.39
C HIS E 198 -18.23 -23.44 48.96
N GLN E 199 -17.45 -23.54 47.89
CA GLN E 199 -17.05 -24.86 47.39
C GLN E 199 -16.15 -25.60 48.37
N GLY E 200 -15.52 -24.89 49.30
CA GLY E 200 -14.73 -25.49 50.35
C GLY E 200 -15.51 -25.84 51.61
N LEU E 201 -16.83 -25.60 51.60
CA LEU E 201 -17.68 -25.86 52.76
C LEU E 201 -18.52 -27.11 52.49
N SER E 202 -18.53 -28.02 53.46
CA SER E 202 -19.34 -29.22 53.34
C SER E 202 -20.83 -28.89 53.30
N SER E 203 -21.26 -27.95 54.14
CA SER E 203 -22.64 -27.52 54.20
C SER E 203 -22.69 -26.01 54.29
N PRO E 204 -23.77 -25.39 53.78
CA PRO E 204 -23.90 -23.93 53.92
C PRO E 204 -23.94 -23.52 55.38
N VAL E 205 -23.33 -22.38 55.68
CA VAL E 205 -23.24 -21.86 57.04
C VAL E 205 -24.04 -20.57 57.12
N THR E 206 -24.92 -20.50 58.12
CA THR E 206 -25.74 -19.32 58.35
C THR E 206 -25.45 -18.77 59.75
N LYS E 207 -25.10 -17.49 59.82
CA LYS E 207 -24.83 -16.81 61.08
C LYS E 207 -25.99 -15.88 61.38
N SER E 208 -26.62 -16.06 62.54
CA SER E 208 -27.82 -15.33 62.90
C SER E 208 -27.64 -14.66 64.25
N PHE E 209 -28.42 -13.61 64.46
CA PHE E 209 -28.37 -12.86 65.71
C PHE E 209 -29.75 -12.25 65.98
N ASN E 210 -29.97 -11.87 67.23
CA ASN E 210 -31.20 -11.21 67.64
C ASN E 210 -30.88 -9.80 68.16
N ARG E 211 -31.89 -8.94 68.15
CA ARG E 211 -31.70 -7.58 68.63
C ARG E 211 -31.44 -7.59 70.13
N GLY E 212 -30.40 -6.86 70.55
CA GLY E 212 -30.07 -6.79 71.96
C GLY E 212 -29.66 -8.11 72.58
N GLU E 213 -29.30 -9.09 71.76
CA GLU E 213 -28.93 -10.41 72.26
C GLU E 213 -27.58 -10.86 71.70
N GLN F 1 13.04 7.72 27.82
CA GLN F 1 13.01 9.17 27.96
C GLN F 1 11.67 9.74 27.51
N VAL F 2 10.87 8.90 26.87
CA VAL F 2 9.55 9.31 26.41
C VAL F 2 8.56 9.23 27.56
N GLN F 3 7.86 10.32 27.82
CA GLN F 3 6.87 10.35 28.89
C GLN F 3 5.73 11.28 28.48
N LEU F 4 4.54 10.98 29.01
CA LEU F 4 3.35 11.78 28.78
C LEU F 4 2.75 12.14 30.12
N VAL F 5 2.44 13.42 30.33
CA VAL F 5 1.92 13.92 31.59
C VAL F 5 0.53 14.49 31.35
N GLU F 6 -0.44 14.04 32.14
CA GLU F 6 -1.83 14.44 32.00
C GLU F 6 -2.21 15.43 33.08
N SER F 7 -3.21 16.26 32.77
CA SER F 7 -3.72 17.25 33.71
C SER F 7 -5.13 17.64 33.28
N GLY F 8 -5.84 18.30 34.18
CA GLY F 8 -7.19 18.75 33.92
C GLY F 8 -8.29 17.89 34.50
N GLY F 9 -7.95 16.80 35.19
CA GLY F 9 -8.94 15.94 35.79
C GLY F 9 -9.40 16.43 37.14
N GLY F 10 -10.22 15.62 37.79
CA GLY F 10 -10.77 15.92 39.09
C GLY F 10 -12.29 15.92 39.07
N LEU F 11 -12.87 16.43 40.16
CA LEU F 11 -14.31 16.51 40.27
C LEU F 11 -14.88 17.52 39.28
N VAL F 12 -16.12 17.27 38.85
CA VAL F 12 -16.81 18.15 37.91
C VAL F 12 -18.30 17.88 38.00
N GLN F 13 -19.09 18.94 37.98
CA GLN F 13 -20.52 18.81 38.05
C GLN F 13 -21.06 18.21 36.74
N PRO F 14 -22.14 17.42 36.81
CA PRO F 14 -22.70 16.86 35.59
C PRO F 14 -23.23 17.94 34.66
N GLY F 15 -23.13 17.67 33.36
CA GLY F 15 -23.57 18.59 32.34
C GLY F 15 -22.62 19.74 32.06
N GLY F 16 -21.46 19.77 32.68
CA GLY F 16 -20.49 20.82 32.50
C GLY F 16 -19.54 20.54 31.35
N SER F 17 -18.41 21.24 31.37
CA SER F 17 -17.37 21.08 30.36
C SER F 17 -16.03 20.95 31.05
N LEU F 18 -15.10 20.26 30.37
CA LEU F 18 -13.78 20.01 30.92
C LEU F 18 -12.73 20.10 29.82
N ARG F 19 -11.50 20.41 30.22
CA ARG F 19 -10.36 20.46 29.32
C ARG F 19 -9.27 19.55 29.87
N LEU F 20 -8.92 18.52 29.10
CA LEU F 20 -7.89 17.56 29.49
C LEU F 20 -6.63 17.84 28.67
N SER F 21 -5.48 17.85 29.33
CA SER F 21 -4.21 18.12 28.68
C SER F 21 -3.31 16.90 28.81
N CYS F 22 -2.44 16.72 27.81
CA CYS F 22 -1.43 15.65 27.81
C CYS F 22 -0.14 16.23 27.27
N ALA F 23 0.76 16.64 28.16
CA ALA F 23 2.05 17.18 27.76
C ALA F 23 2.98 16.04 27.36
N ALA F 24 3.62 16.17 26.20
CA ALA F 24 4.48 15.13 25.65
C ALA F 24 5.87 15.69 25.38
N SER F 25 6.88 14.86 25.62
CA SER F 25 8.27 15.24 25.38
C SER F 25 9.08 13.98 25.15
N GLY F 26 10.28 14.18 24.61
CA GLY F 26 11.18 13.09 24.31
C GLY F 26 11.02 12.46 22.94
N PHE F 27 10.03 12.89 22.17
CA PHE F 27 9.81 12.35 20.83
C PHE F 27 9.23 13.44 19.96
N THR F 28 9.29 13.23 18.64
CA THR F 28 8.74 14.18 17.68
C THR F 28 7.23 14.14 17.77
N PHE F 29 6.66 15.12 18.49
CA PHE F 29 5.21 15.14 18.69
C PHE F 29 4.46 15.41 17.39
N ARG F 30 5.06 16.14 16.47
CA ARG F 30 4.37 16.52 15.25
C ARG F 30 4.06 15.32 14.36
N GLY F 31 4.98 14.37 14.28
CA GLY F 31 4.86 13.28 13.35
C GLY F 31 4.16 12.03 13.85
N TYR F 32 3.62 12.05 15.05
CA TYR F 32 2.96 10.88 15.63
C TYR F 32 1.51 11.19 15.96
N ALA F 33 0.63 10.25 15.63
CA ALA F 33 -0.79 10.39 15.97
C ALA F 33 -0.99 10.17 17.47
N MET F 34 -1.98 10.88 18.02
CA MET F 34 -2.29 10.82 19.44
C MET F 34 -3.70 10.30 19.66
N ASN F 35 -3.89 9.57 20.75
CA ASN F 35 -5.15 8.90 21.05
C ASN F 35 -5.54 9.17 22.50
N TRP F 36 -6.84 9.02 22.78
CA TRP F 36 -7.37 9.13 24.12
C TRP F 36 -8.04 7.82 24.49
N VAL F 37 -7.66 7.26 25.63
CA VAL F 37 -8.20 6.00 26.11
C VAL F 37 -8.61 6.18 27.56
N ARG F 38 -9.81 5.72 27.91
CA ARG F 38 -10.31 5.81 29.27
C ARG F 38 -10.59 4.42 29.81
N GLN F 39 -10.56 4.31 31.14
CA GLN F 39 -10.87 3.07 31.82
C GLN F 39 -11.73 3.39 33.03
N ALA F 40 -13.02 3.07 32.96
CA ALA F 40 -13.90 3.30 34.08
C ALA F 40 -13.50 2.40 35.26
N PRO F 41 -13.76 2.85 36.49
CA PRO F 41 -13.36 2.06 37.66
C PRO F 41 -14.01 0.68 37.64
N GLY F 42 -13.17 -0.36 37.64
CA GLY F 42 -13.65 -1.73 37.63
C GLY F 42 -14.00 -2.27 36.27
N LYS F 43 -13.85 -1.48 35.20
CA LYS F 43 -14.17 -1.91 33.85
C LYS F 43 -12.89 -1.95 33.00
N GLY F 44 -13.05 -2.33 31.74
CA GLY F 44 -11.92 -2.42 30.83
C GLY F 44 -11.64 -1.10 30.13
N LEU F 45 -10.64 -1.14 29.26
CA LEU F 45 -10.25 0.04 28.49
C LEU F 45 -11.28 0.34 27.42
N GLU F 46 -11.37 1.61 27.04
CA GLU F 46 -12.32 2.05 26.01
C GLU F 46 -11.65 3.16 25.20
N TRP F 47 -11.34 2.87 23.94
CA TRP F 47 -10.77 3.87 23.06
C TRP F 47 -11.80 4.95 22.76
N VAL F 48 -11.35 6.21 22.80
CA VAL F 48 -12.24 7.37 22.73
C VAL F 48 -12.07 8.12 21.42
N ALA F 49 -10.88 8.66 21.16
CA ALA F 49 -10.69 9.51 20.00
C ALA F 49 -9.27 9.37 19.48
N SER F 50 -9.09 9.73 18.21
CA SER F 50 -7.80 9.70 17.55
C SER F 50 -7.61 10.99 16.76
N ILE F 51 -6.36 11.44 16.68
CA ILE F 51 -6.01 12.63 15.93
C ILE F 51 -4.71 12.36 15.18
N SER F 52 -4.62 12.84 13.95
CA SER F 52 -3.43 12.64 13.13
C SER F 52 -2.28 13.50 13.66
N GLY F 53 -1.13 13.38 12.99
CA GLY F 53 0.04 14.11 13.41
C GLY F 53 -0.12 15.62 13.24
N SER F 54 -0.75 16.05 12.15
CA SER F 54 -1.01 17.45 11.90
C SER F 54 -2.40 17.89 12.31
N GLY F 55 -3.20 16.99 12.90
CA GLY F 55 -4.55 17.32 13.28
C GLY F 55 -5.54 17.40 12.14
N SER F 56 -5.13 17.02 10.92
CA SER F 56 -6.03 17.10 9.78
C SER F 56 -7.19 16.11 9.91
N ILE F 57 -6.91 14.90 10.38
CA ILE F 57 -7.90 13.83 10.47
C ILE F 57 -8.12 13.50 11.94
N THR F 58 -9.37 13.55 12.37
CA THR F 58 -9.77 13.15 13.71
C THR F 58 -10.89 12.14 13.62
N GLN F 59 -10.84 11.12 14.46
CA GLN F 59 -11.88 10.12 14.52
C GLN F 59 -12.30 9.90 15.97
N TYR F 60 -13.56 9.52 16.16
CA TYR F 60 -14.14 9.35 17.48
C TYR F 60 -14.90 8.04 17.56
N ALA F 61 -15.02 7.53 18.79
CA ALA F 61 -15.87 6.37 19.02
C ALA F 61 -17.34 6.78 18.93
N ASP F 62 -18.22 5.77 18.87
CA ASP F 62 -19.65 6.04 18.72
C ASP F 62 -20.17 6.84 19.91
N SER F 63 -19.77 6.49 21.12
CA SER F 63 -20.21 7.21 22.31
C SER F 63 -19.46 8.53 22.48
N ALA F 64 -18.33 8.71 21.82
CA ALA F 64 -17.53 9.92 21.96
C ALA F 64 -17.87 10.97 20.90
N LYS F 65 -18.74 10.66 19.97
CA LYS F 65 -19.06 11.61 18.90
C LYS F 65 -19.88 12.77 19.44
N GLY F 66 -19.59 13.97 18.95
CA GLY F 66 -20.33 15.16 19.31
C GLY F 66 -19.92 15.77 20.63
N ARG F 67 -19.99 14.99 21.71
CA ARG F 67 -19.69 15.55 23.03
C ARG F 67 -18.21 15.79 23.24
N PHE F 68 -17.35 14.94 22.67
CA PHE F 68 -15.91 15.06 22.86
C PHE F 68 -15.27 15.62 21.60
N THR F 69 -14.35 16.56 21.79
CA THR F 69 -13.60 17.15 20.69
C THR F 69 -12.11 17.06 21.02
N ILE F 70 -11.34 16.44 20.14
CA ILE F 70 -9.90 16.25 20.35
C ILE F 70 -9.16 17.20 19.42
N THR F 71 -8.21 17.94 19.99
CA THR F 71 -7.37 18.84 19.23
C THR F 71 -5.97 18.82 19.83
N ARG F 72 -4.97 19.05 18.97
CA ARG F 72 -3.57 19.03 19.39
C ARG F 72 -2.91 20.32 18.97
N ASP F 73 -1.89 20.72 19.75
CA ASP F 73 -1.13 21.94 19.50
C ASP F 73 0.35 21.55 19.47
N ASN F 74 0.90 21.45 18.26
CA ASN F 74 2.28 21.00 18.11
C ASN F 74 3.30 22.05 18.49
N SER F 75 2.89 23.31 18.61
CA SER F 75 3.82 24.36 19.02
C SER F 75 4.31 24.13 20.45
N LYS F 76 3.41 23.76 21.36
CA LYS F 76 3.75 23.48 22.74
C LYS F 76 3.72 21.99 23.07
N SER F 77 3.52 21.13 22.07
CA SER F 77 3.55 19.68 22.24
C SER F 77 2.56 19.22 23.31
N THR F 78 1.33 19.74 23.23
CA THR F 78 0.27 19.41 24.17
C THR F 78 -0.95 18.94 23.41
N LEU F 79 -1.59 17.89 23.93
CA LEU F 79 -2.79 17.32 23.33
C LEU F 79 -3.98 17.63 24.23
N TYR F 80 -5.05 18.16 23.64
CA TYR F 80 -6.23 18.57 24.37
C TYR F 80 -7.43 17.73 23.96
N ALA F 81 -8.38 17.59 24.88
CA ALA F 81 -9.64 16.89 24.63
C ALA F 81 -10.75 17.64 25.32
N HIS F 82 -11.63 18.28 24.54
CA HIS F 82 -12.75 19.04 25.09
C HIS F 82 -13.86 18.07 25.44
N VAL F 83 -14.17 17.97 26.73
CA VAL F 83 -15.17 17.05 27.24
C VAL F 83 -16.38 17.89 27.63
N SER F 84 -17.42 17.86 26.80
CA SER F 84 -18.62 18.66 27.01
C SER F 84 -19.80 17.76 27.33
N SER F 85 -20.76 18.32 28.09
CA SER F 85 -21.97 17.60 28.50
C SER F 85 -21.61 16.33 29.26
N LEU F 86 -20.88 16.51 30.36
CA LEU F 86 -20.45 15.39 31.17
C LEU F 86 -21.64 14.75 31.90
N ARG F 87 -21.63 13.43 31.93
CA ARG F 87 -22.67 12.65 32.60
C ARG F 87 -22.05 11.77 33.67
N ALA F 88 -22.90 11.23 34.55
CA ALA F 88 -22.42 10.43 35.67
C ALA F 88 -21.69 9.18 35.20
N ASP F 89 -22.03 8.67 34.02
CA ASP F 89 -21.32 7.52 33.47
C ASP F 89 -19.93 7.91 32.99
N ASP F 90 -19.77 9.16 32.53
CA ASP F 90 -18.53 9.60 31.89
C ASP F 90 -17.32 9.61 32.82
N THR F 91 -17.51 9.29 34.10
CA THR F 91 -16.39 9.20 35.01
C THR F 91 -15.50 8.03 34.62
N ALA F 92 -14.19 8.27 34.58
CA ALA F 92 -13.22 7.25 34.20
C ALA F 92 -11.82 7.81 34.43
N VAL F 93 -10.82 6.97 34.19
CA VAL F 93 -9.42 7.36 34.21
C VAL F 93 -8.94 7.44 32.78
N TYR F 94 -8.54 8.63 32.34
CA TYR F 94 -8.22 8.89 30.94
C TYR F 94 -6.72 8.78 30.72
N TYR F 95 -6.34 8.08 29.64
CA TYR F 95 -4.96 7.93 29.24
C TYR F 95 -4.76 8.53 27.86
N CYS F 96 -3.65 9.22 27.65
CA CYS F 96 -3.22 9.64 26.33
C CYS F 96 -2.13 8.70 25.84
N ALA F 97 -2.31 8.14 24.64
CA ALA F 97 -1.39 7.17 24.10
C ALA F 97 -1.12 7.49 22.64
N LYS F 98 0.14 7.36 22.24
CA LYS F 98 0.53 7.59 20.86
C LYS F 98 0.46 6.29 20.06
N GLY F 99 0.45 6.42 18.75
CA GLY F 99 0.40 5.27 17.88
C GLY F 99 -0.76 5.29 16.90
N ASP F 100 -0.45 5.22 15.60
CA ASP F 100 -1.49 5.21 14.59
C ASP F 100 -2.41 4.00 14.73
N TYR F 101 -1.82 2.83 14.97
CA TYR F 101 -2.55 1.57 15.01
C TYR F 101 -2.47 0.88 16.35
N VAL F 102 -1.28 0.72 16.92
CA VAL F 102 -1.08 0.10 18.21
C VAL F 102 -0.44 1.10 19.15
N PHE F 103 -1.01 1.26 20.33
CA PHE F 103 -0.50 2.22 21.31
C PHE F 103 0.61 1.58 22.12
N ASP F 104 1.76 2.24 22.15
CA ASP F 104 2.93 1.71 22.85
C ASP F 104 3.36 2.54 24.05
N TYR F 105 3.09 3.84 24.06
CA TYR F 105 3.48 4.72 25.14
C TYR F 105 2.22 5.31 25.76
N TRP F 106 2.06 5.14 27.07
CA TRP F 106 0.88 5.58 27.79
C TRP F 106 1.26 6.55 28.90
N GLY F 107 0.33 7.43 29.24
CA GLY F 107 0.49 8.31 30.38
C GLY F 107 0.07 7.65 31.68
N GLN F 108 0.30 8.37 32.78
CA GLN F 108 -0.02 7.82 34.09
C GLN F 108 -1.51 7.71 34.32
N GLY F 109 -2.32 8.52 33.65
CA GLY F 109 -3.76 8.48 33.82
C GLY F 109 -4.29 9.61 34.67
N THR F 110 -5.37 10.24 34.24
CA THR F 110 -6.01 11.32 34.97
C THR F 110 -7.43 10.90 35.33
N LEU F 111 -7.78 10.99 36.60
CA LEU F 111 -9.08 10.56 37.08
C LEU F 111 -10.07 11.72 37.04
N VAL F 112 -11.20 11.50 36.36
CA VAL F 112 -12.27 12.49 36.26
C VAL F 112 -13.50 11.90 36.94
N THR F 113 -14.05 12.63 37.90
CA THR F 113 -15.21 12.19 38.65
C THR F 113 -16.36 13.16 38.39
N VAL F 114 -17.47 12.65 37.88
CA VAL F 114 -18.65 13.45 37.56
C VAL F 114 -19.71 13.10 38.59
N SER F 115 -19.88 13.95 39.60
CA SER F 115 -20.82 13.68 40.67
C SER F 115 -21.33 14.99 41.26
N SER F 116 -22.65 15.09 41.40
CA SER F 116 -23.24 16.31 41.97
C SER F 116 -22.99 16.41 43.47
N ALA F 117 -23.17 15.30 44.19
CA ALA F 117 -23.12 15.35 45.64
C ALA F 117 -21.71 15.64 46.13
N SER F 118 -21.62 16.39 47.24
CA SER F 118 -20.34 16.69 47.88
C SER F 118 -20.60 16.83 49.37
N THR F 119 -20.36 15.75 50.11
CA THR F 119 -20.62 15.69 51.54
C THR F 119 -19.35 15.32 52.29
N LYS F 120 -19.03 16.09 53.32
CA LYS F 120 -17.82 15.84 54.09
C LYS F 120 -17.97 14.56 54.91
N GLY F 121 -16.82 13.96 55.24
CA GLY F 121 -16.78 12.68 55.91
C GLY F 121 -17.42 12.69 57.28
N PRO F 122 -18.46 11.89 57.46
CA PRO F 122 -19.12 11.78 58.78
C PRO F 122 -18.43 10.82 59.71
N SER F 123 -19.03 10.57 60.87
CA SER F 123 -18.45 9.69 61.87
C SER F 123 -18.40 8.25 61.37
N VAL F 124 -17.81 7.38 62.18
CA VAL F 124 -17.58 6.00 61.81
C VAL F 124 -18.43 5.09 62.69
N PHE F 125 -18.74 3.91 62.17
CA PHE F 125 -19.56 2.93 62.87
C PHE F 125 -18.72 1.72 63.24
N PRO F 126 -18.47 1.47 64.52
CA PRO F 126 -17.72 0.27 64.89
C PRO F 126 -18.57 -0.98 64.79
N LEU F 127 -17.91 -2.12 64.56
CA LEU F 127 -18.55 -3.43 64.52
C LEU F 127 -18.04 -4.22 65.73
N ALA F 128 -18.82 -4.25 66.78
CA ALA F 128 -18.39 -4.89 68.02
C ALA F 128 -18.41 -6.40 67.89
N PRO F 129 -17.42 -7.10 68.44
CA PRO F 129 -17.47 -8.58 68.49
C PRO F 129 -18.42 -9.02 69.60
N SER F 130 -19.49 -9.71 69.20
CA SER F 130 -20.52 -10.10 70.15
C SER F 130 -20.02 -11.18 71.11
N SER F 131 -20.78 -11.40 72.18
CA SER F 131 -20.40 -12.39 73.18
C SER F 131 -20.34 -13.79 72.58
N LYS F 132 -21.33 -14.15 71.76
CA LYS F 132 -21.32 -15.43 71.09
C LYS F 132 -20.44 -15.45 69.85
N SER F 133 -20.01 -14.28 69.38
CA SER F 133 -19.10 -14.23 68.24
C SER F 133 -17.65 -14.45 68.68
N THR F 134 -17.27 -13.95 69.85
CA THR F 134 -15.92 -14.11 70.36
C THR F 134 -15.68 -15.47 70.99
N SER F 135 -16.73 -16.25 71.26
CA SER F 135 -16.56 -17.55 71.87
C SER F 135 -15.95 -18.57 70.92
N GLY F 136 -15.94 -18.28 69.60
CA GLY F 136 -15.38 -19.22 68.66
C GLY F 136 -13.89 -19.43 68.82
N GLY F 137 -13.15 -18.36 69.07
CA GLY F 137 -11.71 -18.42 69.22
C GLY F 137 -10.94 -17.55 68.25
N THR F 138 -11.57 -17.04 67.19
CA THR F 138 -10.96 -16.20 66.18
C THR F 138 -11.78 -14.94 65.96
N ALA F 139 -12.15 -14.29 67.05
CA ALA F 139 -13.05 -13.14 67.01
C ALA F 139 -12.51 -12.04 66.10
N ALA F 140 -13.42 -11.44 65.33
CA ALA F 140 -13.08 -10.36 64.41
C ALA F 140 -13.84 -9.10 64.80
N LEU F 141 -13.25 -7.95 64.50
CA LEU F 141 -13.86 -6.67 64.80
C LEU F 141 -13.39 -5.65 63.78
N GLY F 142 -14.15 -4.56 63.66
CA GLY F 142 -13.79 -3.51 62.73
C GLY F 142 -14.69 -2.31 62.90
N CYS F 143 -14.39 -1.28 62.12
CA CYS F 143 -15.17 -0.05 62.11
C CYS F 143 -15.52 0.31 60.67
N LEU F 144 -16.70 0.92 60.50
CA LEU F 144 -17.25 1.22 59.19
C LEU F 144 -17.31 2.73 59.00
N VAL F 145 -16.67 3.21 57.94
CA VAL F 145 -16.80 4.61 57.54
C VAL F 145 -17.89 4.71 56.49
N LYS F 146 -18.73 5.73 56.62
CA LYS F 146 -19.96 5.81 55.82
C LYS F 146 -20.17 7.22 55.31
N ASP F 147 -20.85 7.31 54.17
CA ASP F 147 -21.34 8.57 53.61
C ASP F 147 -20.25 9.62 53.45
N TYR F 148 -18.99 9.21 53.34
CA TYR F 148 -17.91 10.15 53.12
C TYR F 148 -17.76 10.45 51.63
N PHE F 149 -17.19 11.62 51.34
CA PHE F 149 -16.99 12.03 49.96
C PHE F 149 -15.99 13.17 49.93
N PRO F 150 -15.06 13.19 48.97
CA PRO F 150 -14.81 12.17 47.95
C PRO F 150 -13.72 11.19 48.37
N GLU F 151 -13.24 10.38 47.43
CA GLU F 151 -12.15 9.46 47.71
C GLU F 151 -10.85 10.23 47.91
N PRO F 152 -9.90 9.65 48.66
CA PRO F 152 -9.96 8.40 49.40
C PRO F 152 -9.93 8.60 50.92
N VAL F 153 -10.03 7.51 51.67
CA VAL F 153 -9.84 7.53 53.12
C VAL F 153 -8.87 6.41 53.49
N THR F 154 -7.99 6.70 54.44
CA THR F 154 -7.04 5.71 54.94
C THR F 154 -7.38 5.39 56.39
N VAL F 155 -7.48 4.10 56.70
CA VAL F 155 -7.83 3.64 58.04
C VAL F 155 -6.64 2.87 58.60
N SER F 156 -6.13 3.34 59.73
CA SER F 156 -5.02 2.71 60.42
C SER F 156 -5.43 2.37 61.84
N TRP F 157 -4.99 1.21 62.33
CA TRP F 157 -5.35 0.72 63.66
C TRP F 157 -4.21 1.03 64.63
N ASN F 158 -4.54 1.75 65.70
CA ASN F 158 -3.56 2.12 66.72
C ASN F 158 -2.36 2.85 66.11
N SER F 159 -2.66 3.75 65.17
CA SER F 159 -1.63 4.54 64.48
C SER F 159 -0.61 3.62 63.80
N GLY F 160 -1.09 2.55 63.18
CA GLY F 160 -0.25 1.62 62.47
C GLY F 160 0.36 0.52 63.31
N ALA F 161 0.07 0.48 64.61
CA ALA F 161 0.61 -0.58 65.46
C ALA F 161 0.08 -1.95 65.04
N LEU F 162 -1.20 -2.02 64.69
CA LEU F 162 -1.83 -3.26 64.26
C LEU F 162 -1.93 -3.25 62.74
N THR F 163 -1.18 -4.15 62.08
CA THR F 163 -1.17 -4.22 60.63
C THR F 163 -1.42 -5.64 60.16
N SER F 164 -1.00 -6.62 60.96
CA SER F 164 -1.19 -8.02 60.61
C SER F 164 -2.67 -8.39 60.72
N GLY F 165 -3.19 -9.02 59.67
CA GLY F 165 -4.58 -9.43 59.66
C GLY F 165 -5.57 -8.31 59.41
N VAL F 166 -5.12 -7.14 58.97
CA VAL F 166 -6.00 -6.01 58.72
C VAL F 166 -6.45 -6.05 57.27
N HIS F 167 -7.76 -6.08 57.06
CA HIS F 167 -8.34 -6.08 55.73
C HIS F 167 -9.18 -4.82 55.56
N THR F 168 -8.87 -4.02 54.55
CA THR F 168 -9.63 -2.82 54.21
C THR F 168 -10.17 -3.00 52.80
N PHE F 169 -11.48 -3.19 52.69
CA PHE F 169 -12.10 -3.44 51.40
C PHE F 169 -12.20 -2.16 50.59
N PRO F 170 -12.16 -2.26 49.26
CA PRO F 170 -12.39 -1.07 48.43
C PRO F 170 -13.78 -0.49 48.67
N ALA F 171 -13.88 0.82 48.56
CA ALA F 171 -15.13 1.50 48.83
C ALA F 171 -16.15 1.22 47.73
N VAL F 172 -17.43 1.31 48.09
CA VAL F 172 -18.54 1.13 47.17
C VAL F 172 -19.36 2.40 47.14
N LEU F 173 -19.67 2.87 45.93
CA LEU F 173 -20.46 4.08 45.75
C LEU F 173 -21.94 3.76 45.95
N GLN F 174 -22.54 4.33 46.99
CA GLN F 174 -23.94 4.05 47.28
C GLN F 174 -24.85 4.74 46.27
N SER F 175 -26.12 4.34 46.27
CA SER F 175 -27.09 4.92 45.36
C SER F 175 -27.36 6.38 45.65
N SER F 176 -26.99 6.87 46.84
CA SER F 176 -27.15 8.27 47.20
C SER F 176 -25.98 9.13 46.74
N GLY F 177 -24.98 8.54 46.08
CA GLY F 177 -23.82 9.28 45.63
C GLY F 177 -22.72 9.41 46.65
N LEU F 178 -22.73 8.61 47.71
CA LEU F 178 -21.75 8.69 48.77
C LEU F 178 -20.95 7.39 48.85
N TYR F 179 -19.68 7.51 49.21
CA TYR F 179 -18.80 6.35 49.35
C TYR F 179 -18.91 5.76 50.75
N SER F 180 -18.47 4.51 50.87
CA SER F 180 -18.47 3.82 52.14
C SER F 180 -17.58 2.59 52.06
N LEU F 181 -16.86 2.31 53.15
CA LEU F 181 -16.03 1.12 53.24
C LEU F 181 -15.83 0.79 54.72
N SER F 182 -15.34 -0.42 54.97
CA SER F 182 -15.06 -0.87 56.33
C SER F 182 -13.71 -1.58 56.36
N SER F 183 -13.07 -1.51 57.52
CA SER F 183 -11.79 -2.17 57.76
C SER F 183 -11.95 -3.14 58.93
N VAL F 184 -11.74 -4.43 58.67
CA VAL F 184 -11.95 -5.47 59.66
C VAL F 184 -10.64 -6.22 59.87
N VAL F 185 -10.27 -6.42 61.12
CA VAL F 185 -9.06 -7.16 61.50
C VAL F 185 -9.44 -8.21 62.52
N THR F 186 -9.01 -9.45 62.31
CA THR F 186 -9.27 -10.53 63.24
C THR F 186 -8.21 -10.57 64.32
N VAL F 187 -8.63 -10.97 65.52
CA VAL F 187 -7.73 -11.03 66.68
C VAL F 187 -8.01 -12.29 67.47
N PRO F 188 -7.00 -12.78 68.20
CA PRO F 188 -7.24 -13.91 69.12
C PRO F 188 -8.34 -13.59 70.12
N SER F 189 -9.17 -14.59 70.41
CA SER F 189 -10.27 -14.39 71.35
C SER F 189 -9.76 -14.09 72.75
N SER F 190 -8.68 -14.76 73.17
CA SER F 190 -8.13 -14.53 74.50
C SER F 190 -7.61 -13.11 74.67
N SER F 191 -7.30 -12.42 73.57
CA SER F 191 -6.82 -11.06 73.64
C SER F 191 -7.95 -10.04 73.78
N LEU F 192 -9.21 -10.47 73.72
CA LEU F 192 -10.32 -9.55 73.89
C LEU F 192 -10.37 -9.04 75.32
N GLY F 193 -10.69 -7.76 75.46
CA GLY F 193 -10.68 -7.09 76.75
C GLY F 193 -9.38 -6.40 77.08
N THR F 194 -8.29 -6.74 76.42
CA THR F 194 -7.01 -6.08 76.57
C THR F 194 -6.52 -5.64 75.19
N GLN F 195 -5.44 -4.85 75.18
CA GLN F 195 -4.85 -4.33 73.95
C GLN F 195 -5.91 -3.55 73.16
N THR F 196 -6.29 -2.42 73.75
CA THR F 196 -7.34 -1.55 73.22
C THR F 196 -7.20 -1.35 71.71
N TYR F 197 -8.28 -1.64 70.99
CA TYR F 197 -8.30 -1.56 69.53
C TYR F 197 -9.00 -0.26 69.13
N ILE F 198 -8.24 0.65 68.51
CA ILE F 198 -8.76 1.91 68.00
C ILE F 198 -8.37 2.03 66.54
N CYS F 199 -9.35 2.36 65.69
CA CYS F 199 -9.11 2.58 64.28
C CYS F 199 -9.10 4.08 63.99
N ASN F 200 -8.08 4.53 63.27
CA ASN F 200 -7.89 5.94 62.96
C ASN F 200 -8.27 6.18 61.51
N VAL F 201 -9.15 7.15 61.28
CA VAL F 201 -9.65 7.48 59.96
C VAL F 201 -9.18 8.88 59.58
N ASN F 202 -8.55 9.00 58.42
CA ASN F 202 -8.06 10.27 57.91
C ASN F 202 -8.69 10.52 56.54
N HIS F 203 -9.51 11.55 56.45
CA HIS F 203 -10.18 11.94 55.20
C HIS F 203 -9.57 13.29 54.80
N LYS F 204 -8.58 13.25 53.91
CA LYS F 204 -7.81 14.46 53.62
C LYS F 204 -8.62 15.61 53.03
N PRO F 205 -9.57 15.42 52.10
CA PRO F 205 -10.32 16.59 51.62
C PRO F 205 -11.14 17.27 52.71
N SER F 206 -11.63 16.51 53.70
CA SER F 206 -12.41 17.07 54.79
C SER F 206 -11.60 17.33 56.05
N ASN F 207 -10.36 16.85 56.11
CA ASN F 207 -9.49 17.00 57.28
C ASN F 207 -10.20 16.55 58.55
N THR F 208 -10.82 15.38 58.48
CA THR F 208 -11.54 14.80 59.61
C THR F 208 -10.74 13.62 60.16
N LYS F 209 -10.52 13.64 61.47
CA LYS F 209 -9.77 12.59 62.18
C LYS F 209 -10.65 12.06 63.30
N VAL F 210 -11.12 10.82 63.16
CA VAL F 210 -12.05 10.21 64.11
C VAL F 210 -11.41 8.93 64.64
N ASP F 211 -11.39 8.79 65.97
CA ASP F 211 -10.93 7.58 66.63
C ASP F 211 -12.10 6.97 67.39
N LYS F 212 -12.32 5.67 67.20
CA LYS F 212 -13.48 4.99 67.74
C LYS F 212 -13.05 3.82 68.61
N LYS F 213 -13.74 3.62 69.72
CA LYS F 213 -13.49 2.51 70.62
C LYS F 213 -14.31 1.30 70.19
N VAL F 214 -13.67 0.13 70.18
CA VAL F 214 -14.33 -1.13 69.83
C VAL F 214 -14.36 -1.99 71.08
N GLU F 215 -15.56 -2.22 71.61
CA GLU F 215 -15.77 -3.01 72.80
C GLU F 215 -17.01 -3.87 72.63
N PRO F 216 -17.04 -5.05 73.27
CA PRO F 216 -18.21 -5.93 73.13
C PRO F 216 -19.41 -5.44 73.92
#